data_1XTS
# 
_entry.id   1XTS 
# 
_audit_conform.dict_name       mmcif_pdbx.dic 
_audit_conform.dict_version    5.380 
_audit_conform.dict_location   http://mmcif.pdb.org/dictionaries/ascii/mmcif_pdbx.dic 
# 
loop_
_database_2.database_id 
_database_2.database_code 
_database_2.pdbx_database_accession 
_database_2.pdbx_DOI 
PDB   1XTS         pdb_00001xts 10.2210/pdb1xts/pdb 
RCSB  RCSB030760   ?            ?                   
WWPDB D_1000030760 ?            ?                   
# 
loop_
_pdbx_database_related.db_name 
_pdbx_database_related.db_id 
_pdbx_database_related.details 
_pdbx_database_related.content_type 
PDB 1XTQ 'the same protein in complex with GDP'    unspecified 
PDB 1XTR 'the same protein in complex with GppNHp' unspecified 
# 
_pdbx_database_status.status_code                     REL 
_pdbx_database_status.entry_id                        1XTS 
_pdbx_database_status.recvd_initial_deposition_date   2004-10-24 
_pdbx_database_status.deposit_site                    RCSB 
_pdbx_database_status.process_site                    PDBJ 
_pdbx_database_status.status_code_sf                  REL 
_pdbx_database_status.status_code_mr                  ? 
_pdbx_database_status.SG_entry                        ? 
_pdbx_database_status.pdb_format_compatible           Y 
_pdbx_database_status.status_code_cs                  ? 
_pdbx_database_status.methods_development_category    ? 
_pdbx_database_status.status_code_nmr_data            ? 
# 
loop_
_audit_author.name 
_audit_author.pdbx_ordinal 
'Yu, Y.'   1 
'Ding, J.' 2 
# 
_citation.id                        primary 
_citation.title                     'Structural Basis for the Unique Biological Function of Small GTPase RHEB' 
_citation.journal_abbrev            J.Biol.Chem. 
_citation.journal_volume            280 
_citation.page_first                17093 
_citation.page_last                 17100 
_citation.year                      2005 
_citation.journal_id_ASTM           JBCHA3 
_citation.country                   US 
_citation.journal_id_ISSN           0021-9258 
_citation.journal_id_CSD            0071 
_citation.book_publisher            ? 
_citation.pdbx_database_id_PubMed   15728574 
_citation.pdbx_database_id_DOI      10.1074/jbc.M501253200 
# 
loop_
_citation_author.citation_id 
_citation_author.name 
_citation_author.ordinal 
_citation_author.identifier_ORCID 
primary 'Yu, Y.'     1 ? 
primary 'Li, S.'     2 ? 
primary 'Xu, X.'     3 ? 
primary 'Li, Y.'     4 ? 
primary 'Guan, K.'   5 ? 
primary 'Arnold, E.' 6 ? 
primary 'Ding, J.'   7 ? 
# 
_cell.entry_id           1XTS 
_cell.length_a           102.410 
_cell.length_b           98.390 
_cell.length_c           47.850 
_cell.angle_alpha        90.00 
_cell.angle_beta         90.00 
_cell.angle_gamma        90.00 
_cell.Z_PDB              8 
_cell.pdbx_unique_axis   ? 
# 
_symmetry.entry_id                         1XTS 
_symmetry.space_group_name_H-M             'C 2 2 21' 
_symmetry.pdbx_full_space_group_name_H-M   ? 
_symmetry.cell_setting                     ? 
_symmetry.Int_Tables_number                20 
_symmetry.space_group_name_Hall            ? 
# 
loop_
_entity.id 
_entity.type 
_entity.src_method 
_entity.pdbx_description 
_entity.formula_weight 
_entity.pdbx_number_of_molecules 
_entity.pdbx_ec 
_entity.pdbx_mutation 
_entity.pdbx_fragment 
_entity.details 
1 polymer     man 'GTP-binding protein Rheb'  20148.965 1  ? ? 'GTPase domain' ? 
2 non-polymer syn 'MAGNESIUM ION'             24.305    1  ? ? ?               ? 
3 non-polymer syn "GUANOSINE-5'-TRIPHOSPHATE" 523.180   1  ? ? ?               ? 
4 water       nat water                       18.015    30 ? ? ?               ? 
# 
_entity_name_com.entity_id   1 
_entity_name_com.name        'Ras homolog enriched in brain' 
# 
_entity_poly.entity_id                      1 
_entity_poly.type                           'polypeptide(L)' 
_entity_poly.nstd_linkage                   no 
_entity_poly.nstd_monomer                   no 
_entity_poly.pdbx_seq_one_letter_code       
;MPQSKSRKIAILGYRSVGKSSLTIQFVEGQFVDSYDPTIENTFTKLITVNGQEYHLQLVDTAGQDEYSIFPQTYSIDING
YILVYSVTSIKSFEVIKVIHGKLLDMVGKVQIPIMLVGNKKDLHMERVISYEEGKALAESWNAAFLESSAKENQTAVDVF
RRIILEAEKLEHHHHHH
;
_entity_poly.pdbx_seq_one_letter_code_can   
;MPQSKSRKIAILGYRSVGKSSLTIQFVEGQFVDSYDPTIENTFTKLITVNGQEYHLQLVDTAGQDEYSIFPQTYSIDING
YILVYSVTSIKSFEVIKVIHGKLLDMVGKVQIPIMLVGNKKDLHMERVISYEEGKALAESWNAAFLESSAKENQTAVDVF
RRIILEAEKLEHHHHHH
;
_entity_poly.pdbx_strand_id                 A 
_entity_poly.pdbx_target_identifier         ? 
# 
loop_
_entity_poly_seq.entity_id 
_entity_poly_seq.num 
_entity_poly_seq.mon_id 
_entity_poly_seq.hetero 
1 1   MET n 
1 2   PRO n 
1 3   GLN n 
1 4   SER n 
1 5   LYS n 
1 6   SER n 
1 7   ARG n 
1 8   LYS n 
1 9   ILE n 
1 10  ALA n 
1 11  ILE n 
1 12  LEU n 
1 13  GLY n 
1 14  TYR n 
1 15  ARG n 
1 16  SER n 
1 17  VAL n 
1 18  GLY n 
1 19  LYS n 
1 20  SER n 
1 21  SER n 
1 22  LEU n 
1 23  THR n 
1 24  ILE n 
1 25  GLN n 
1 26  PHE n 
1 27  VAL n 
1 28  GLU n 
1 29  GLY n 
1 30  GLN n 
1 31  PHE n 
1 32  VAL n 
1 33  ASP n 
1 34  SER n 
1 35  TYR n 
1 36  ASP n 
1 37  PRO n 
1 38  THR n 
1 39  ILE n 
1 40  GLU n 
1 41  ASN n 
1 42  THR n 
1 43  PHE n 
1 44  THR n 
1 45  LYS n 
1 46  LEU n 
1 47  ILE n 
1 48  THR n 
1 49  VAL n 
1 50  ASN n 
1 51  GLY n 
1 52  GLN n 
1 53  GLU n 
1 54  TYR n 
1 55  HIS n 
1 56  LEU n 
1 57  GLN n 
1 58  LEU n 
1 59  VAL n 
1 60  ASP n 
1 61  THR n 
1 62  ALA n 
1 63  GLY n 
1 64  GLN n 
1 65  ASP n 
1 66  GLU n 
1 67  TYR n 
1 68  SER n 
1 69  ILE n 
1 70  PHE n 
1 71  PRO n 
1 72  GLN n 
1 73  THR n 
1 74  TYR n 
1 75  SER n 
1 76  ILE n 
1 77  ASP n 
1 78  ILE n 
1 79  ASN n 
1 80  GLY n 
1 81  TYR n 
1 82  ILE n 
1 83  LEU n 
1 84  VAL n 
1 85  TYR n 
1 86  SER n 
1 87  VAL n 
1 88  THR n 
1 89  SER n 
1 90  ILE n 
1 91  LYS n 
1 92  SER n 
1 93  PHE n 
1 94  GLU n 
1 95  VAL n 
1 96  ILE n 
1 97  LYS n 
1 98  VAL n 
1 99  ILE n 
1 100 HIS n 
1 101 GLY n 
1 102 LYS n 
1 103 LEU n 
1 104 LEU n 
1 105 ASP n 
1 106 MET n 
1 107 VAL n 
1 108 GLY n 
1 109 LYS n 
1 110 VAL n 
1 111 GLN n 
1 112 ILE n 
1 113 PRO n 
1 114 ILE n 
1 115 MET n 
1 116 LEU n 
1 117 VAL n 
1 118 GLY n 
1 119 ASN n 
1 120 LYS n 
1 121 LYS n 
1 122 ASP n 
1 123 LEU n 
1 124 HIS n 
1 125 MET n 
1 126 GLU n 
1 127 ARG n 
1 128 VAL n 
1 129 ILE n 
1 130 SER n 
1 131 TYR n 
1 132 GLU n 
1 133 GLU n 
1 134 GLY n 
1 135 LYS n 
1 136 ALA n 
1 137 LEU n 
1 138 ALA n 
1 139 GLU n 
1 140 SER n 
1 141 TRP n 
1 142 ASN n 
1 143 ALA n 
1 144 ALA n 
1 145 PHE n 
1 146 LEU n 
1 147 GLU n 
1 148 SER n 
1 149 SER n 
1 150 ALA n 
1 151 LYS n 
1 152 GLU n 
1 153 ASN n 
1 154 GLN n 
1 155 THR n 
1 156 ALA n 
1 157 VAL n 
1 158 ASP n 
1 159 VAL n 
1 160 PHE n 
1 161 ARG n 
1 162 ARG n 
1 163 ILE n 
1 164 ILE n 
1 165 LEU n 
1 166 GLU n 
1 167 ALA n 
1 168 GLU n 
1 169 LYS n 
1 170 LEU n 
1 171 GLU n 
1 172 HIS n 
1 173 HIS n 
1 174 HIS n 
1 175 HIS n 
1 176 HIS n 
1 177 HIS n 
# 
_entity_src_gen.entity_id                          1 
_entity_src_gen.pdbx_src_id                        1 
_entity_src_gen.pdbx_alt_source_flag               sample 
_entity_src_gen.pdbx_seq_type                      ? 
_entity_src_gen.pdbx_beg_seq_num                   ? 
_entity_src_gen.pdbx_end_seq_num                   ? 
_entity_src_gen.gene_src_common_name               human 
_entity_src_gen.gene_src_genus                     Homo 
_entity_src_gen.pdbx_gene_src_gene                 Rheb 
_entity_src_gen.gene_src_species                   ? 
_entity_src_gen.gene_src_strain                    ? 
_entity_src_gen.gene_src_tissue                    ? 
_entity_src_gen.gene_src_tissue_fraction           ? 
_entity_src_gen.gene_src_details                   ? 
_entity_src_gen.pdbx_gene_src_fragment             ? 
_entity_src_gen.pdbx_gene_src_scientific_name      'Homo sapiens' 
_entity_src_gen.pdbx_gene_src_ncbi_taxonomy_id     9606 
_entity_src_gen.pdbx_gene_src_variant              ? 
_entity_src_gen.pdbx_gene_src_cell_line            ? 
_entity_src_gen.pdbx_gene_src_atcc                 ? 
_entity_src_gen.pdbx_gene_src_organ                ? 
_entity_src_gen.pdbx_gene_src_organelle            ? 
_entity_src_gen.pdbx_gene_src_cell                 ? 
_entity_src_gen.pdbx_gene_src_cellular_location    ? 
_entity_src_gen.host_org_common_name               ? 
_entity_src_gen.pdbx_host_org_scientific_name      'Escherichia coli BL21(DE3)' 
_entity_src_gen.pdbx_host_org_ncbi_taxonomy_id     469008 
_entity_src_gen.host_org_genus                     Escherichia 
_entity_src_gen.pdbx_host_org_gene                 ? 
_entity_src_gen.pdbx_host_org_organ                ? 
_entity_src_gen.host_org_species                   'Escherichia coli' 
_entity_src_gen.pdbx_host_org_tissue               ? 
_entity_src_gen.pdbx_host_org_tissue_fraction      ? 
_entity_src_gen.pdbx_host_org_strain               'BL21(DE3)' 
_entity_src_gen.pdbx_host_org_variant              ? 
_entity_src_gen.pdbx_host_org_cell_line            ? 
_entity_src_gen.pdbx_host_org_atcc                 ? 
_entity_src_gen.pdbx_host_org_culture_collection   ? 
_entity_src_gen.pdbx_host_org_cell                 ? 
_entity_src_gen.pdbx_host_org_organelle            ? 
_entity_src_gen.pdbx_host_org_cellular_location    ? 
_entity_src_gen.pdbx_host_org_vector_type          plasmid 
_entity_src_gen.pdbx_host_org_vector               ? 
_entity_src_gen.host_org_details                   ? 
_entity_src_gen.expression_system_id               ? 
_entity_src_gen.plasmid_name                       'pET22b(+)' 
_entity_src_gen.plasmid_details                    ? 
_entity_src_gen.pdbx_description                   ? 
# 
_struct_ref.id                         1 
_struct_ref.db_name                    UNP 
_struct_ref.db_code                    RHEB_HUMAN 
_struct_ref.pdbx_db_accession          Q15382 
_struct_ref.entity_id                  1 
_struct_ref.pdbx_seq_one_letter_code   
;MPQSKSRKIAILGYRSVGKSSLTIQFVEGQFVDSYDPTIENTFTKLITVNGQEYHLQLVDTAGQDEYSIFPQTYSIDING
YILVYSVTSIKSFEVIKVIHGKLLDMVGKVQIPIMLVGNKKDLHMERVISYEEGKALAESWNAAFLESSAKENQTAVDVF
RRIILEAEK
;
_struct_ref.pdbx_align_begin           1 
_struct_ref.pdbx_db_isoform            ? 
# 
_struct_ref_seq.align_id                      1 
_struct_ref_seq.ref_id                        1 
_struct_ref_seq.pdbx_PDB_id_code              1XTS 
_struct_ref_seq.pdbx_strand_id                A 
_struct_ref_seq.seq_align_beg                 1 
_struct_ref_seq.pdbx_seq_align_beg_ins_code   ? 
_struct_ref_seq.seq_align_end                 169 
_struct_ref_seq.pdbx_seq_align_end_ins_code   ? 
_struct_ref_seq.pdbx_db_accession             Q15382 
_struct_ref_seq.db_align_beg                  1 
_struct_ref_seq.pdbx_db_align_beg_ins_code    ? 
_struct_ref_seq.db_align_end                  169 
_struct_ref_seq.pdbx_db_align_end_ins_code    ? 
_struct_ref_seq.pdbx_auth_seq_align_beg       1 
_struct_ref_seq.pdbx_auth_seq_align_end       169 
# 
loop_
_struct_ref_seq_dif.align_id 
_struct_ref_seq_dif.pdbx_pdb_id_code 
_struct_ref_seq_dif.mon_id 
_struct_ref_seq_dif.pdbx_pdb_strand_id 
_struct_ref_seq_dif.seq_num 
_struct_ref_seq_dif.pdbx_pdb_ins_code 
_struct_ref_seq_dif.pdbx_seq_db_name 
_struct_ref_seq_dif.pdbx_seq_db_accession_code 
_struct_ref_seq_dif.db_mon_id 
_struct_ref_seq_dif.pdbx_seq_db_seq_num 
_struct_ref_seq_dif.details 
_struct_ref_seq_dif.pdbx_auth_seq_num 
_struct_ref_seq_dif.pdbx_ordinal 
1 1XTS LEU A 170 ? UNP Q15382 ? ? 'expression tag' 170 1 
1 1XTS GLU A 171 ? UNP Q15382 ? ? 'expression tag' 171 2 
1 1XTS HIS A 172 ? UNP Q15382 ? ? 'expression tag' 172 3 
1 1XTS HIS A 173 ? UNP Q15382 ? ? 'expression tag' 173 4 
1 1XTS HIS A 174 ? UNP Q15382 ? ? 'expression tag' 174 5 
1 1XTS HIS A 175 ? UNP Q15382 ? ? 'expression tag' 175 6 
1 1XTS HIS A 176 ? UNP Q15382 ? ? 'expression tag' 176 7 
1 1XTS HIS A 177 ? UNP Q15382 ? ? 'expression tag' 177 8 
# 
loop_
_chem_comp.id 
_chem_comp.type 
_chem_comp.mon_nstd_flag 
_chem_comp.name 
_chem_comp.pdbx_synonyms 
_chem_comp.formula 
_chem_comp.formula_weight 
ALA 'L-peptide linking' y ALANINE                     ? 'C3 H7 N O2'        89.093  
ARG 'L-peptide linking' y ARGININE                    ? 'C6 H15 N4 O2 1'    175.209 
ASN 'L-peptide linking' y ASPARAGINE                  ? 'C4 H8 N2 O3'       132.118 
ASP 'L-peptide linking' y 'ASPARTIC ACID'             ? 'C4 H7 N O4'        133.103 
GLN 'L-peptide linking' y GLUTAMINE                   ? 'C5 H10 N2 O3'      146.144 
GLU 'L-peptide linking' y 'GLUTAMIC ACID'             ? 'C5 H9 N O4'        147.129 
GLY 'peptide linking'   y GLYCINE                     ? 'C2 H5 N O2'        75.067  
GTP non-polymer         n "GUANOSINE-5'-TRIPHOSPHATE" ? 'C10 H16 N5 O14 P3' 523.180 
HIS 'L-peptide linking' y HISTIDINE                   ? 'C6 H10 N3 O2 1'    156.162 
HOH non-polymer         . WATER                       ? 'H2 O'              18.015  
ILE 'L-peptide linking' y ISOLEUCINE                  ? 'C6 H13 N O2'       131.173 
LEU 'L-peptide linking' y LEUCINE                     ? 'C6 H13 N O2'       131.173 
LYS 'L-peptide linking' y LYSINE                      ? 'C6 H15 N2 O2 1'    147.195 
MET 'L-peptide linking' y METHIONINE                  ? 'C5 H11 N O2 S'     149.211 
MG  non-polymer         . 'MAGNESIUM ION'             ? 'Mg 2'              24.305  
PHE 'L-peptide linking' y PHENYLALANINE               ? 'C9 H11 N O2'       165.189 
PRO 'L-peptide linking' y PROLINE                     ? 'C5 H9 N O2'        115.130 
SER 'L-peptide linking' y SERINE                      ? 'C3 H7 N O3'        105.093 
THR 'L-peptide linking' y THREONINE                   ? 'C4 H9 N O3'        119.119 
TRP 'L-peptide linking' y TRYPTOPHAN                  ? 'C11 H12 N2 O2'     204.225 
TYR 'L-peptide linking' y TYROSINE                    ? 'C9 H11 N O3'       181.189 
VAL 'L-peptide linking' y VALINE                      ? 'C5 H11 N O2'       117.146 
# 
_exptl.entry_id          1XTS 
_exptl.method            'X-RAY DIFFRACTION' 
_exptl.crystals_number   1 
# 
_exptl_crystal.id                    1 
_exptl_crystal.density_meas          ? 
_exptl_crystal.density_Matthews      3.0 
_exptl_crystal.density_percent_sol   59.2 
_exptl_crystal.description           ? 
_exptl_crystal.F_000                 ? 
_exptl_crystal.preparation           ? 
# 
_exptl_crystal_grow.crystal_id      1 
_exptl_crystal_grow.method          'VAPOR DIFFUSION, HANGING DROP' 
_exptl_crystal_grow.temp            277 
_exptl_crystal_grow.temp_details    ? 
_exptl_crystal_grow.pH              4.8 
_exptl_crystal_grow.pdbx_details    'ammonium dihydrogenphosphate, pH 4.8, VAPOR DIFFUSION, HANGING DROP, temperature 277K' 
_exptl_crystal_grow.pdbx_pH_range   . 
# 
_diffrn.id                     1 
_diffrn.ambient_temp           100 
_diffrn.ambient_temp_details   ? 
_diffrn.crystal_id             1 
# 
_diffrn_detector.diffrn_id              1 
_diffrn_detector.detector               'IMAGE PLATE' 
_diffrn_detector.type                   'RIGAKU RAXIS IV' 
_diffrn_detector.pdbx_collection_date   2004-05-26 
_diffrn_detector.details                'osmic mirrors' 
# 
_diffrn_radiation.diffrn_id                        1 
_diffrn_radiation.wavelength_id                    1 
_diffrn_radiation.pdbx_monochromatic_or_laue_m_l   M 
_diffrn_radiation.monochromator                    'Ni filter' 
_diffrn_radiation.pdbx_diffrn_protocol             'SINGLE WAVELENGTH' 
_diffrn_radiation.pdbx_scattering_type             x-ray 
# 
_diffrn_radiation_wavelength.id           1 
_diffrn_radiation_wavelength.wavelength   1.5418 
_diffrn_radiation_wavelength.wt           1.0 
# 
_diffrn_source.diffrn_id                   1 
_diffrn_source.source                      'ROTATING ANODE' 
_diffrn_source.type                        RIGAKU 
_diffrn_source.pdbx_synchrotron_site       ? 
_diffrn_source.pdbx_synchrotron_beamline   ? 
_diffrn_source.pdbx_wavelength             ? 
_diffrn_source.pdbx_wavelength_list        1.5418 
# 
_reflns.entry_id                     1XTS 
_reflns.observed_criterion_sigma_I   0.0 
_reflns.observed_criterion_sigma_F   0.0 
_reflns.d_resolution_low             19.8 
_reflns.d_resolution_high            2.8 
_reflns.number_obs                   6145 
_reflns.number_all                   6145 
_reflns.percent_possible_obs         98.8 
_reflns.pdbx_Rmerge_I_obs            0.156 
_reflns.pdbx_Rsym_value              ? 
_reflns.pdbx_netI_over_sigmaI        3.9 
_reflns.B_iso_Wilson_estimate        70.4 
_reflns.pdbx_redundancy              3.5 
_reflns.R_free_details               ? 
_reflns.limit_h_max                  ? 
_reflns.limit_h_min                  ? 
_reflns.limit_k_max                  ? 
_reflns.limit_k_min                  ? 
_reflns.limit_l_max                  ? 
_reflns.limit_l_min                  ? 
_reflns.observed_criterion_F_max     ? 
_reflns.observed_criterion_F_min     ? 
_reflns.pdbx_chi_squared             ? 
_reflns.pdbx_scaling_rejects         ? 
_reflns.pdbx_diffrn_id               1 
_reflns.pdbx_ordinal                 1 
# 
_reflns_shell.d_res_high             2.80 
_reflns_shell.d_res_low              2.90 
_reflns_shell.percent_possible_all   98.5 
_reflns_shell.Rmerge_I_obs           0.333 
_reflns_shell.pdbx_Rsym_value        ? 
_reflns_shell.meanI_over_sigI_obs    1.6 
_reflns_shell.pdbx_redundancy        3.1 
_reflns_shell.percent_possible_obs   ? 
_reflns_shell.number_unique_all      601 
_reflns_shell.number_measured_all    ? 
_reflns_shell.number_measured_obs    ? 
_reflns_shell.number_unique_obs      ? 
_reflns_shell.pdbx_chi_squared       ? 
_reflns_shell.pdbx_diffrn_id         ? 
_reflns_shell.pdbx_ordinal           1 
# 
_refine.entry_id                                 1XTS 
_refine.ls_number_reflns_obs                     6137 
_refine.ls_number_reflns_all                     6137 
_refine.pdbx_ls_sigma_I                          0.0 
_refine.pdbx_ls_sigma_F                          0.0 
_refine.pdbx_data_cutoff_high_absF               953345.46 
_refine.pdbx_data_cutoff_low_absF                0.000000 
_refine.pdbx_data_cutoff_high_rms_absF           ? 
_refine.ls_d_res_low                             19.8 
_refine.ls_d_res_high                            2.80 
_refine.ls_percent_reflns_obs                    98.7 
_refine.ls_R_factor_obs                          ? 
_refine.ls_R_factor_all                          ? 
_refine.ls_R_factor_R_work                       0.231 
_refine.ls_R_factor_R_free                       0.277 
_refine.ls_R_factor_R_free_error                 0.016 
_refine.ls_R_factor_R_free_error_details         ? 
_refine.ls_percent_reflns_R_free                 5.1 
_refine.ls_number_reflns_R_free                  315 
_refine.ls_number_parameters                     ? 
_refine.ls_number_restraints                     ? 
_refine.occupancy_min                            ? 
_refine.occupancy_max                            ? 
_refine.correlation_coeff_Fo_to_Fc               ? 
_refine.correlation_coeff_Fo_to_Fc_free          ? 
_refine.B_iso_mean                               38.3 
_refine.aniso_B[1][1]                            ? 
_refine.aniso_B[2][2]                            ? 
_refine.aniso_B[3][3]                            ? 
_refine.aniso_B[1][2]                            ? 
_refine.aniso_B[1][3]                            ? 
_refine.aniso_B[2][3]                            ? 
_refine.solvent_model_details                    'FLAT MODEL' 
_refine.solvent_model_param_ksol                 0.413509 
_refine.solvent_model_param_bsol                 52.0406 
_refine.pdbx_solvent_vdw_probe_radii             ? 
_refine.pdbx_solvent_ion_probe_radii             ? 
_refine.pdbx_solvent_shrinkage_radii             ? 
_refine.pdbx_ls_cross_valid_method               THROUGHOUT 
_refine.details                                  ? 
_refine.pdbx_starting_model                      'PDB entries 1KAO, 1GUA' 
_refine.pdbx_method_to_determine_struct          'MOLECULAR REPLACEMENT' 
_refine.pdbx_isotropic_thermal_model             isotropic 
_refine.pdbx_stereochemistry_target_values       ? 
_refine.pdbx_stereochem_target_val_spec_case     ? 
_refine.pdbx_R_Free_selection_details            RANDOM 
_refine.pdbx_overall_ESU_R                       ? 
_refine.pdbx_overall_ESU_R_Free                  ? 
_refine.overall_SU_ML                            ? 
_refine.overall_SU_B                             ? 
_refine.ls_redundancy_reflns_obs                 ? 
_refine.B_iso_min                                ? 
_refine.B_iso_max                                ? 
_refine.overall_SU_R_Cruickshank_DPI             ? 
_refine.overall_SU_R_free                        ? 
_refine.ls_wR_factor_R_free                      ? 
_refine.ls_wR_factor_R_work                      ? 
_refine.overall_FOM_free_R_set                   ? 
_refine.overall_FOM_work_R_set                   ? 
_refine.pdbx_refine_id                           'X-RAY DIFFRACTION' 
_refine.pdbx_diffrn_id                           1 
_refine.pdbx_TLS_residual_ADP_flag               ? 
_refine.pdbx_overall_phase_error                 ? 
_refine.pdbx_overall_SU_R_free_Cruickshank_DPI   ? 
_refine.pdbx_overall_SU_R_Blow_DPI               ? 
_refine.pdbx_overall_SU_R_free_Blow_DPI          ? 
# 
_refine_analyze.entry_id                        1XTS 
_refine_analyze.Luzzati_coordinate_error_obs    0.37 
_refine_analyze.Luzzati_sigma_a_obs             0.51 
_refine_analyze.Luzzati_d_res_low_obs           6.00 
_refine_analyze.Luzzati_coordinate_error_free   0.46 
_refine_analyze.Luzzati_sigma_a_free            0.52 
_refine_analyze.Luzzati_d_res_low_free          ? 
_refine_analyze.number_disordered_residues      ? 
_refine_analyze.occupancy_sum_hydrogen          ? 
_refine_analyze.occupancy_sum_non_hydrogen      ? 
_refine_analyze.pdbx_Luzzati_d_res_high_obs     ? 
_refine_analyze.pdbx_refine_id                  'X-RAY DIFFRACTION' 
# 
_refine_hist.pdbx_refine_id                   'X-RAY DIFFRACTION' 
_refine_hist.cycle_id                         LAST 
_refine_hist.pdbx_number_atoms_protein        1361 
_refine_hist.pdbx_number_atoms_nucleic_acid   0 
_refine_hist.pdbx_number_atoms_ligand         33 
_refine_hist.number_atoms_solvent             30 
_refine_hist.number_atoms_total               1424 
_refine_hist.d_res_high                       2.80 
_refine_hist.d_res_low                        19.8 
# 
loop_
_refine_ls_restr.type 
_refine_ls_restr.dev_ideal 
_refine_ls_restr.dev_ideal_target 
_refine_ls_restr.weight 
_refine_ls_restr.number 
_refine_ls_restr.pdbx_refine_id 
_refine_ls_restr.pdbx_restraint_function 
c_bond_d           0.009 ? ? ? 'X-RAY DIFFRACTION' ? 
c_angle_deg        1.4   ? ? ? 'X-RAY DIFFRACTION' ? 
c_dihedral_angle_d 23.7  ? ? ? 'X-RAY DIFFRACTION' ? 
c_improper_angle_d 0.73  ? ? ? 'X-RAY DIFFRACTION' ? 
# 
loop_
_refine_ls_shell.pdbx_total_number_of_bins_used 
_refine_ls_shell.d_res_high 
_refine_ls_shell.d_res_low 
_refine_ls_shell.number_reflns_R_work 
_refine_ls_shell.R_factor_R_work 
_refine_ls_shell.percent_reflns_obs 
_refine_ls_shell.R_factor_R_free 
_refine_ls_shell.R_factor_R_free_error 
_refine_ls_shell.percent_reflns_R_free 
_refine_ls_shell.number_reflns_R_free 
_refine_ls_shell.number_reflns_obs 
_refine_ls_shell.redundancy_reflns_obs 
_refine_ls_shell.number_reflns_all 
_refine_ls_shell.pdbx_refine_id 
_refine_ls_shell.R_factor_all 
6 2.80 2.97  .   0.3437 .    0.4008 . .   44 1010 . . 'X-RAY DIFFRACTION' . 
6 2.97 3.20  .   0.3078 .    0.3799 . .   53 1018 . . 'X-RAY DIFFRACTION' . 
6 3.20 3.52  .   0.2618 .    0.3126 . .   58 1012 . . 'X-RAY DIFFRACTION' . 
6 3.52 4.03  .   0.2192 .    0.2573 . .   48 1023 . . 'X-RAY DIFFRACTION' . 
6 4.03 5.06  .   0.1622 .    0.2453 . .   60 1043 . . 'X-RAY DIFFRACTION' . 
6 5.06 19.80 569 0.2206 98.0 0.2171 . 3.7 52 1031 . . 'X-RAY DIFFRACTION' . 
# 
loop_
_pdbx_xplor_file.serial_no 
_pdbx_xplor_file.param_file 
_pdbx_xplor_file.topol_file 
_pdbx_xplor_file.pdbx_refine_id 
1 PROTEIN_REP.PARAM PROTEIN.TOP 'X-RAY DIFFRACTION' 
2 WATER_REP.PARAM   WATER.TOP   'X-RAY DIFFRACTION' 
3 ION.PARAM         ION.TOP     'X-RAY DIFFRACTION' 
4 GTP.PARAM         GTP.TOP     'X-RAY DIFFRACTION' 
# 
_struct.entry_id                  1XTS 
_struct.title                     'Structure of small GTPase human Rheb in complex with GTP' 
_struct.pdbx_model_details        ? 
_struct.pdbx_CASP_flag            ? 
_struct.pdbx_model_type_details   ? 
# 
_struct_keywords.entry_id        1XTS 
_struct_keywords.pdbx_keywords   'SIGNALING PROTEIN' 
_struct_keywords.text            'beta saddle, P-loop, SIGNALING PROTEIN' 
# 
loop_
_struct_asym.id 
_struct_asym.pdbx_blank_PDB_chainid_flag 
_struct_asym.pdbx_modified 
_struct_asym.entity_id 
_struct_asym.details 
A N N 1 ? 
B N N 2 ? 
C N N 3 ? 
D N N 4 ? 
# 
_struct_biol.id                    1 
_struct_biol.pdbx_parent_biol_id   ? 
_struct_biol.details               ? 
# 
loop_
_struct_conf.conf_type_id 
_struct_conf.id 
_struct_conf.pdbx_PDB_helix_id 
_struct_conf.beg_label_comp_id 
_struct_conf.beg_label_asym_id 
_struct_conf.beg_label_seq_id 
_struct_conf.pdbx_beg_PDB_ins_code 
_struct_conf.end_label_comp_id 
_struct_conf.end_label_asym_id 
_struct_conf.end_label_seq_id 
_struct_conf.pdbx_end_PDB_ins_code 
_struct_conf.beg_auth_comp_id 
_struct_conf.beg_auth_asym_id 
_struct_conf.beg_auth_seq_id 
_struct_conf.end_auth_comp_id 
_struct_conf.end_auth_asym_id 
_struct_conf.end_auth_seq_id 
_struct_conf.pdbx_PDB_helix_class 
_struct_conf.details 
_struct_conf.pdbx_PDB_helix_length 
HELX_P HELX_P1 1 GLY A 18  ? GLU A 28  ? GLY A 18  GLU A 28  1 ? 11 
HELX_P HELX_P2 2 PRO A 71  ? SER A 75  ? PRO A 71  SER A 75  5 ? 5  
HELX_P HELX_P3 3 SER A 89  ? VAL A 107 ? SER A 89  VAL A 107 1 ? 19 
HELX_P HELX_P4 4 LEU A 123 ? ARG A 127 ? LEU A 123 ARG A 127 5 ? 5  
HELX_P HELX_P5 5 SER A 130 ? TRP A 141 ? SER A 130 TRP A 141 1 ? 12 
HELX_P HELX_P6 6 GLU A 152 ? HIS A 172 ? GLU A 152 HIS A 172 1 ? 21 
# 
_struct_conf_type.id          HELX_P 
_struct_conf_type.criteria    ? 
_struct_conf_type.reference   ? 
# 
loop_
_struct_conn.id 
_struct_conn.conn_type_id 
_struct_conn.pdbx_leaving_atom_flag 
_struct_conn.pdbx_PDB_id 
_struct_conn.ptnr1_label_asym_id 
_struct_conn.ptnr1_label_comp_id 
_struct_conn.ptnr1_label_seq_id 
_struct_conn.ptnr1_label_atom_id 
_struct_conn.pdbx_ptnr1_label_alt_id 
_struct_conn.pdbx_ptnr1_PDB_ins_code 
_struct_conn.pdbx_ptnr1_standard_comp_id 
_struct_conn.ptnr1_symmetry 
_struct_conn.ptnr2_label_asym_id 
_struct_conn.ptnr2_label_comp_id 
_struct_conn.ptnr2_label_seq_id 
_struct_conn.ptnr2_label_atom_id 
_struct_conn.pdbx_ptnr2_label_alt_id 
_struct_conn.pdbx_ptnr2_PDB_ins_code 
_struct_conn.ptnr1_auth_asym_id 
_struct_conn.ptnr1_auth_comp_id 
_struct_conn.ptnr1_auth_seq_id 
_struct_conn.ptnr2_auth_asym_id 
_struct_conn.ptnr2_auth_comp_id 
_struct_conn.ptnr2_auth_seq_id 
_struct_conn.ptnr2_symmetry 
_struct_conn.pdbx_ptnr3_label_atom_id 
_struct_conn.pdbx_ptnr3_label_seq_id 
_struct_conn.pdbx_ptnr3_label_comp_id 
_struct_conn.pdbx_ptnr3_label_asym_id 
_struct_conn.pdbx_ptnr3_label_alt_id 
_struct_conn.pdbx_ptnr3_PDB_ins_code 
_struct_conn.details 
_struct_conn.pdbx_dist_value 
_struct_conn.pdbx_value_order 
_struct_conn.pdbx_role 
metalc1 metalc ? ? A SER 20 OG  ? ? ? 1_555 B MG  . MG  ? ? A SER 20  A MG  178 1_555 ? ? ? ? ? ? ? 2.451 ? ? 
metalc2 metalc ? ? A THR 38 OG1 ? ? ? 1_555 B MG  . MG  ? ? A THR 38  A MG  178 1_555 ? ? ? ? ? ? ? 2.618 ? ? 
metalc3 metalc ? ? B MG  .  MG  ? ? ? 1_555 C GTP . O3G ? ? A MG  178 A GTP 179 1_555 ? ? ? ? ? ? ? 2.301 ? ? 
metalc4 metalc ? ? B MG  .  MG  ? ? ? 1_555 C GTP . O1B ? ? A MG  178 A GTP 179 1_555 ? ? ? ? ? ? ? 2.580 ? ? 
metalc5 metalc ? ? B MG  .  MG  ? ? ? 1_555 C GTP . O3B ? ? A MG  178 A GTP 179 1_555 ? ? ? ? ? ? ? 3.088 ? ? 
metalc6 metalc ? ? B MG  .  MG  ? ? ? 1_555 D HOH . O   ? ? A MG  178 A HOH 180 1_555 ? ? ? ? ? ? ? 2.577 ? ? 
# 
_struct_conn_type.id          metalc 
_struct_conn_type.criteria    ? 
_struct_conn_type.reference   ? 
# 
_struct_sheet.id               A 
_struct_sheet.type             ? 
_struct_sheet.number_strands   6 
_struct_sheet.details          ? 
# 
loop_
_struct_sheet_order.sheet_id 
_struct_sheet_order.range_id_1 
_struct_sheet_order.range_id_2 
_struct_sheet_order.offset 
_struct_sheet_order.sense 
A 1 2 ? anti-parallel 
A 2 3 ? parallel      
A 3 4 ? parallel      
A 4 5 ? parallel      
A 5 6 ? parallel      
# 
loop_
_struct_sheet_range.sheet_id 
_struct_sheet_range.id 
_struct_sheet_range.beg_label_comp_id 
_struct_sheet_range.beg_label_asym_id 
_struct_sheet_range.beg_label_seq_id 
_struct_sheet_range.pdbx_beg_PDB_ins_code 
_struct_sheet_range.end_label_comp_id 
_struct_sheet_range.end_label_asym_id 
_struct_sheet_range.end_label_seq_id 
_struct_sheet_range.pdbx_end_PDB_ins_code 
_struct_sheet_range.beg_auth_comp_id 
_struct_sheet_range.beg_auth_asym_id 
_struct_sheet_range.beg_auth_seq_id 
_struct_sheet_range.end_auth_comp_id 
_struct_sheet_range.end_auth_asym_id 
_struct_sheet_range.end_auth_seq_id 
A 1 GLU A 40  ? VAL A 49  ? GLU A 40  VAL A 49  
A 2 GLN A 52  ? THR A 61  ? GLN A 52  THR A 61  
A 3 SER A 4   ? LEU A 12  ? SER A 4   LEU A 12  
A 4 GLY A 80  ? SER A 86  ? GLY A 80  SER A 86  
A 5 ILE A 114 ? ASN A 119 ? ILE A 114 ASN A 119 
A 6 ALA A 144 ? GLU A 147 ? ALA A 144 GLU A 147 
# 
loop_
_pdbx_struct_sheet_hbond.sheet_id 
_pdbx_struct_sheet_hbond.range_id_1 
_pdbx_struct_sheet_hbond.range_id_2 
_pdbx_struct_sheet_hbond.range_1_label_atom_id 
_pdbx_struct_sheet_hbond.range_1_label_comp_id 
_pdbx_struct_sheet_hbond.range_1_label_asym_id 
_pdbx_struct_sheet_hbond.range_1_label_seq_id 
_pdbx_struct_sheet_hbond.range_1_PDB_ins_code 
_pdbx_struct_sheet_hbond.range_1_auth_atom_id 
_pdbx_struct_sheet_hbond.range_1_auth_comp_id 
_pdbx_struct_sheet_hbond.range_1_auth_asym_id 
_pdbx_struct_sheet_hbond.range_1_auth_seq_id 
_pdbx_struct_sheet_hbond.range_2_label_atom_id 
_pdbx_struct_sheet_hbond.range_2_label_comp_id 
_pdbx_struct_sheet_hbond.range_2_label_asym_id 
_pdbx_struct_sheet_hbond.range_2_label_seq_id 
_pdbx_struct_sheet_hbond.range_2_PDB_ins_code 
_pdbx_struct_sheet_hbond.range_2_auth_atom_id 
_pdbx_struct_sheet_hbond.range_2_auth_comp_id 
_pdbx_struct_sheet_hbond.range_2_auth_asym_id 
_pdbx_struct_sheet_hbond.range_2_auth_seq_id 
A 1 2 N VAL A 49  ? N VAL A 49  O GLN A 52  ? O GLN A 52  
A 2 3 O VAL A 59  ? O VAL A 59  N ILE A 9   ? N ILE A 9   
A 3 4 N ALA A 10  ? N ALA A 10  O GLY A 80  ? O GLY A 80  
A 4 5 N TYR A 85  ? N TYR A 85  O ASN A 119 ? O ASN A 119 
A 5 6 N GLY A 118 ? N GLY A 118 O LEU A 146 ? O LEU A 146 
# 
loop_
_struct_site.id 
_struct_site.pdbx_evidence_code 
_struct_site.pdbx_auth_asym_id 
_struct_site.pdbx_auth_comp_id 
_struct_site.pdbx_auth_seq_id 
_struct_site.pdbx_auth_ins_code 
_struct_site.pdbx_num_residues 
_struct_site.details 
AC1 Software A MG  178 ? 5  'BINDING SITE FOR RESIDUE MG A 178'  
AC2 Software A GTP 179 ? 23 'BINDING SITE FOR RESIDUE GTP A 179' 
# 
loop_
_struct_site_gen.id 
_struct_site_gen.site_id 
_struct_site_gen.pdbx_num_res 
_struct_site_gen.label_comp_id 
_struct_site_gen.label_asym_id 
_struct_site_gen.label_seq_id 
_struct_site_gen.pdbx_auth_ins_code 
_struct_site_gen.auth_comp_id 
_struct_site_gen.auth_asym_id 
_struct_site_gen.auth_seq_id 
_struct_site_gen.label_atom_id 
_struct_site_gen.label_alt_id 
_struct_site_gen.symmetry 
_struct_site_gen.details 
1  AC1 5  SER A 20  ? SER A 20  . ? 1_555 ? 
2  AC1 5  ASP A 36  ? ASP A 36  . ? 1_555 ? 
3  AC1 5  THR A 38  ? THR A 38  . ? 1_555 ? 
4  AC1 5  GTP C .   ? GTP A 179 . ? 1_555 ? 
5  AC1 5  HOH D .   ? HOH A 180 . ? 1_555 ? 
6  AC2 23 ARG A 15  ? ARG A 15  . ? 1_555 ? 
7  AC2 23 SER A 16  ? SER A 16  . ? 1_555 ? 
8  AC2 23 VAL A 17  ? VAL A 17  . ? 1_555 ? 
9  AC2 23 GLY A 18  ? GLY A 18  . ? 1_555 ? 
10 AC2 23 LYS A 19  ? LYS A 19  . ? 1_555 ? 
11 AC2 23 SER A 20  ? SER A 20  . ? 1_555 ? 
12 AC2 23 SER A 21  ? SER A 21  . ? 1_555 ? 
13 AC2 23 PHE A 31  ? PHE A 31  . ? 1_555 ? 
14 AC2 23 VAL A 32  ? VAL A 32  . ? 1_555 ? 
15 AC2 23 ASP A 33  ? ASP A 33  . ? 1_555 ? 
16 AC2 23 SER A 34  ? SER A 34  . ? 1_555 ? 
17 AC2 23 TYR A 35  ? TYR A 35  . ? 1_555 ? 
18 AC2 23 THR A 38  ? THR A 38  . ? 1_555 ? 
19 AC2 23 GLY A 63  ? GLY A 63  . ? 1_555 ? 
20 AC2 23 ASN A 119 ? ASN A 119 . ? 1_555 ? 
21 AC2 23 LYS A 120 ? LYS A 120 . ? 1_555 ? 
22 AC2 23 ASP A 122 ? ASP A 122 . ? 1_555 ? 
23 AC2 23 LEU A 123 ? LEU A 123 . ? 1_555 ? 
24 AC2 23 SER A 149 ? SER A 149 . ? 1_555 ? 
25 AC2 23 ALA A 150 ? ALA A 150 . ? 1_555 ? 
26 AC2 23 MG  B .   ? MG  A 178 . ? 1_555 ? 
27 AC2 23 HOH D .   ? HOH A 180 . ? 1_555 ? 
28 AC2 23 HOH D .   ? HOH A 181 . ? 1_555 ? 
# 
_atom_sites.entry_id                    1XTS 
_atom_sites.fract_transf_matrix[1][1]   0.00724244 
_atom_sites.fract_transf_matrix[1][2]   -0.00573973 
_atom_sites.fract_transf_matrix[1][3]   0.00315558 
_atom_sites.fract_transf_matrix[2][1]   0.00628068 
_atom_sites.fract_transf_matrix[2][2]   0.00799036 
_atom_sites.fract_transf_matrix[2][3]   0.00011886 
_atom_sites.fract_transf_matrix[3][1]   -0.00545292 
_atom_sites.fract_transf_matrix[3][2]   0.00399199 
_atom_sites.fract_transf_matrix[3][3]   0.01977619 
_atom_sites.fract_transf_vector[1]      -0.325571 
_atom_sites.fract_transf_vector[2]      0.846194 
_atom_sites.fract_transf_vector[3]      -1.424379 
# 
loop_
_atom_type.symbol 
C  
MG 
N  
O  
P  
S  
# 
loop_
_atom_site.group_PDB 
_atom_site.id 
_atom_site.type_symbol 
_atom_site.label_atom_id 
_atom_site.label_alt_id 
_atom_site.label_comp_id 
_atom_site.label_asym_id 
_atom_site.label_entity_id 
_atom_site.label_seq_id 
_atom_site.pdbx_PDB_ins_code 
_atom_site.Cartn_x 
_atom_site.Cartn_y 
_atom_site.Cartn_z 
_atom_site.occupancy 
_atom_site.B_iso_or_equiv 
_atom_site.pdbx_formal_charge 
_atom_site.auth_seq_id 
_atom_site.auth_comp_id 
_atom_site.auth_asym_id 
_atom_site.auth_atom_id 
_atom_site.pdbx_PDB_model_num 
ATOM   1    N  N     . PRO A 1 2   ? -0.787  1.821   -26.076 1.00 53.25 ? 2   PRO A N     1 
ATOM   2    C  CA    . PRO A 1 2   ? 0.044   2.983   -25.701 1.00 52.92 ? 2   PRO A CA    1 
ATOM   3    C  C     . PRO A 1 2   ? 1.295   2.507   -24.984 1.00 53.12 ? 2   PRO A C     1 
ATOM   4    O  O     . PRO A 1 2   ? 1.229   1.947   -23.888 1.00 53.42 ? 2   PRO A O     1 
ATOM   5    C  CB    . PRO A 1 2   ? -0.798  3.862   -24.791 1.00 52.90 ? 2   PRO A CB    1 
ATOM   6    C  CG    . PRO A 1 2   ? -2.197  3.492   -25.240 1.00 53.14 ? 2   PRO A CG    1 
ATOM   7    C  CD    . PRO A 1 2   ? -2.135  1.979   -25.507 1.00 53.40 ? 2   PRO A CD    1 
ATOM   8    N  N     . GLN A 1 3   ? 2.435   2.736   -25.620 1.00 52.72 ? 3   GLN A N     1 
ATOM   9    C  CA    . GLN A 1 3   ? 3.723   2.334   -25.085 1.00 52.00 ? 3   GLN A CA    1 
ATOM   10   C  C     . GLN A 1 3   ? 3.777   2.522   -23.573 1.00 51.55 ? 3   GLN A C     1 
ATOM   11   O  O     . GLN A 1 3   ? 4.227   1.628   -22.851 1.00 51.34 ? 3   GLN A O     1 
ATOM   12   C  CB    . GLN A 1 3   ? 4.826   3.143   -25.778 1.00 53.08 ? 3   GLN A CB    1 
ATOM   13   C  CG    . GLN A 1 3   ? 6.242   2.596   -25.653 1.00 54.19 ? 3   GLN A CG    1 
ATOM   14   C  CD    . GLN A 1 3   ? 6.890   2.961   -24.337 1.00 56.37 ? 3   GLN A CD    1 
ATOM   15   O  OE1   . GLN A 1 3   ? 6.907   4.130   -23.943 1.00 56.47 ? 3   GLN A OE1   1 
ATOM   16   N  NE2   . GLN A 1 3   ? 7.439   1.961   -23.648 1.00 57.99 ? 3   GLN A NE2   1 
ATOM   17   N  N     . SER A 1 4   ? 3.290   3.666   -23.095 1.00 50.75 ? 4   SER A N     1 
ATOM   18   C  CA    . SER A 1 4   ? 3.313   3.961   -21.664 1.00 49.99 ? 4   SER A CA    1 
ATOM   19   C  C     . SER A 1 4   ? 2.032   4.560   -21.072 1.00 49.85 ? 4   SER A C     1 
ATOM   20   O  O     . SER A 1 4   ? 1.488   5.536   -21.585 1.00 51.05 ? 4   SER A O     1 
ATOM   21   C  CB    . SER A 1 4   ? 4.490   4.891   -21.351 1.00 48.92 ? 4   SER A CB    1 
ATOM   22   O  OG    . SER A 1 4   ? 4.447   5.344   -20.012 1.00 46.80 ? 4   SER A OG    1 
ATOM   23   N  N     . LYS A 1 5   ? 1.568   3.962   -19.980 1.00 48.71 ? 5   LYS A N     1 
ATOM   24   C  CA    . LYS A 1 5   ? 0.375   4.417   -19.272 1.00 47.87 ? 5   LYS A CA    1 
ATOM   25   C  C     . LYS A 1 5   ? 0.814   5.059   -17.954 1.00 47.47 ? 5   LYS A C     1 
ATOM   26   O  O     . LYS A 1 5   ? 1.845   4.687   -17.397 1.00 47.74 ? 5   LYS A O     1 
ATOM   27   C  CB    . LYS A 1 5   ? -0.550  3.242   -18.938 1.00 47.56 ? 5   LYS A CB    1 
ATOM   28   C  CG    . LYS A 1 5   ? -1.149  2.500   -20.115 1.00 45.55 ? 5   LYS A CG    1 
ATOM   29   C  CD    . LYS A 1 5   ? -2.144  1.473   -19.592 1.00 44.49 ? 5   LYS A CD    1 
ATOM   30   C  CE    . LYS A 1 5   ? -2.796  0.680   -20.708 1.00 43.65 ? 5   LYS A CE    1 
ATOM   31   N  NZ    . LYS A 1 5   ? -3.704  -0.362  -20.165 1.00 41.10 ? 5   LYS A NZ    1 
ATOM   32   N  N     . SER A 1 6   ? 0.031   6.009   -17.453 1.00 46.17 ? 6   SER A N     1 
ATOM   33   C  CA    . SER A 1 6   ? 0.353   6.672   -16.197 1.00 44.43 ? 6   SER A CA    1 
ATOM   34   C  C     . SER A 1 6   ? -0.715  6.372   -15.161 1.00 43.71 ? 6   SER A C     1 
ATOM   35   O  O     . SER A 1 6   ? -1.898  6.634   -15.372 1.00 43.00 ? 6   SER A O     1 
ATOM   36   C  CB    . SER A 1 6   ? 0.464   8.174   -16.409 1.00 44.51 ? 6   SER A CB    1 
ATOM   37   O  OG    . SER A 1 6   ? 1.498   8.463   -17.328 1.00 47.43 ? 6   SER A OG    1 
ATOM   38   N  N     . ARG A 1 7   ? -0.288  5.809   -14.042 1.00 41.98 ? 7   ARG A N     1 
ATOM   39   C  CA    . ARG A 1 7   ? -1.195  5.456   -12.964 1.00 39.75 ? 7   ARG A CA    1 
ATOM   40   C  C     . ARG A 1 7   ? -0.656  6.031   -11.669 1.00 38.29 ? 7   ARG A C     1 
ATOM   41   O  O     . ARG A 1 7   ? 0.541   5.957   -11.405 1.00 38.76 ? 7   ARG A O     1 
ATOM   42   C  CB    . ARG A 1 7   ? -1.297  3.934   -12.853 1.00 41.18 ? 7   ARG A CB    1 
ATOM   43   C  CG    . ARG A 1 7   ? -2.539  3.319   -13.463 1.00 42.95 ? 7   ARG A CG    1 
ATOM   44   C  CD    . ARG A 1 7   ? -2.838  3.906   -14.815 1.00 45.26 ? 7   ARG A CD    1 
ATOM   45   N  NE    . ARG A 1 7   ? -3.889  3.169   -15.511 1.00 48.02 ? 7   ARG A NE    1 
ATOM   46   C  CZ    . ARG A 1 7   ? -4.350  3.493   -16.716 1.00 49.11 ? 7   ARG A CZ    1 
ATOM   47   N  NH1   . ARG A 1 7   ? -3.861  4.548   -17.362 1.00 49.50 ? 7   ARG A NH1   1 
ATOM   48   N  NH2   . ARG A 1 7   ? -5.285  2.750   -17.286 1.00 48.76 ? 7   ARG A NH2   1 
ATOM   49   N  N     . LYS A 1 8   ? -1.534  6.624   -10.866 1.00 36.91 ? 8   LYS A N     1 
ATOM   50   C  CA    . LYS A 1 8   ? -1.112  7.190   -9.594  1.00 34.00 ? 8   LYS A CA    1 
ATOM   51   C  C     . LYS A 1 8   ? -1.550  6.251   -8.483  1.00 31.37 ? 8   LYS A C     1 
ATOM   52   O  O     . LYS A 1 8   ? -2.684  5.776   -8.467  1.00 28.76 ? 8   LYS A O     1 
ATOM   53   C  CB    . LYS A 1 8   ? -1.718  8.577   -9.367  1.00 33.91 ? 8   LYS A CB    1 
ATOM   54   C  CG    . LYS A 1 8   ? -0.973  9.349   -8.295  1.00 35.45 ? 8   LYS A CG    1 
ATOM   55   C  CD    . LYS A 1 8   ? -1.859  10.316  -7.531  1.00 36.36 ? 8   LYS A CD    1 
ATOM   56   C  CE    . LYS A 1 8   ? -1.978  11.665  -8.206  1.00 37.66 ? 8   LYS A CE    1 
ATOM   57   N  NZ    . LYS A 1 8   ? -2.673  12.630  -7.292  1.00 39.97 ? 8   LYS A NZ    1 
ATOM   58   N  N     . ILE A 1 9   ? -0.631  5.984   -7.565  1.00 30.51 ? 9   ILE A N     1 
ATOM   59   C  CA    . ILE A 1 9   ? -0.874  5.094   -6.441  1.00 30.56 ? 9   ILE A CA    1 
ATOM   60   C  C     . ILE A 1 9   ? -0.707  5.827   -5.118  1.00 30.35 ? 9   ILE A C     1 
ATOM   61   O  O     . ILE A 1 9   ? 0.220   6.617   -4.952  1.00 31.69 ? 9   ILE A O     1 
ATOM   62   C  CB    . ILE A 1 9   ? 0.115   3.897   -6.481  1.00 31.30 ? 9   ILE A CB    1 
ATOM   63   C  CG1   . ILE A 1 9   ? -0.484  2.747   -7.289  1.00 31.83 ? 9   ILE A CG1   1 
ATOM   64   C  CG2   . ILE A 1 9   ? 0.474   3.453   -5.077  1.00 30.65 ? 9   ILE A CG2   1 
ATOM   65   C  CD1   . ILE A 1 9   ? -0.913  3.133   -8.682  1.00 30.78 ? 9   ILE A CD1   1 
ATOM   66   N  N     . ALA A 1 10  ? -1.613  5.573   -4.179  1.00 29.45 ? 10  ALA A N     1 
ATOM   67   C  CA    . ALA A 1 10  ? -1.534  6.193   -2.861  1.00 26.81 ? 10  ALA A CA    1 
ATOM   68   C  C     . ALA A 1 10  ? -1.189  5.074   -1.907  1.00 26.14 ? 10  ALA A C     1 
ATOM   69   O  O     . ALA A 1 10  ? -1.733  3.984   -2.025  1.00 25.04 ? 10  ALA A O     1 
ATOM   70   C  CB    . ALA A 1 10  ? -2.864  6.797   -2.483  1.00 26.06 ? 10  ALA A CB    1 
ATOM   71   N  N     . ILE A 1 11  ? -0.269  5.327   -0.985  1.00 27.09 ? 11  ILE A N     1 
ATOM   72   C  CA    . ILE A 1 11  ? 0.113   4.313   -0.003  1.00 28.96 ? 11  ILE A CA    1 
ATOM   73   C  C     . ILE A 1 11  ? -0.308  4.810   1.364   1.00 29.77 ? 11  ILE A C     1 
ATOM   74   O  O     . ILE A 1 11  ? 0.272   5.751   1.889   1.00 31.25 ? 11  ILE A O     1 
ATOM   75   C  CB    . ILE A 1 11  ? 1.617   4.075   -0.002  1.00 29.89 ? 11  ILE A CB    1 
ATOM   76   C  CG1   . ILE A 1 11  ? 2.094   3.848   -1.440  1.00 31.01 ? 11  ILE A CG1   1 
ATOM   77   C  CG2   . ILE A 1 11  ? 1.949   2.885   0.901   1.00 26.44 ? 11  ILE A CG2   1 
ATOM   78   C  CD1   . ILE A 1 11  ? 3.550   3.497   -1.555  1.00 34.03 ? 11  ILE A CD1   1 
ATOM   79   N  N     . LEU A 1 12  ? -1.311  4.173   1.948   1.00 31.43 ? 12  LEU A N     1 
ATOM   80   C  CA    . LEU A 1 12  ? -1.832  4.611   3.238   1.00 32.15 ? 12  LEU A CA    1 
ATOM   81   C  C     . LEU A 1 12  ? -1.625  3.613   4.380   1.00 33.78 ? 12  LEU A C     1 
ATOM   82   O  O     . LEU A 1 12  ? -1.305  2.447   4.148   1.00 33.95 ? 12  LEU A O     1 
ATOM   83   C  CB    . LEU A 1 12  ? -3.317  4.906   3.066   1.00 30.31 ? 12  LEU A CB    1 
ATOM   84   C  CG    . LEU A 1 12  ? -3.625  5.724   1.812   1.00 29.82 ? 12  LEU A CG    1 
ATOM   85   C  CD1   . LEU A 1 12  ? -4.963  5.309   1.239   1.00 30.04 ? 12  LEU A CD1   1 
ATOM   86   C  CD2   . LEU A 1 12  ? -3.605  7.198   2.149   1.00 31.00 ? 12  LEU A CD2   1 
ATOM   87   N  N     . GLY A 1 13  ? -1.806  4.075   5.614   1.00 34.77 ? 13  GLY A N     1 
ATOM   88   C  CA    . GLY A 1 13  ? -1.656  3.180   6.743   1.00 36.26 ? 13  GLY A CA    1 
ATOM   89   C  C     . GLY A 1 13  ? -1.132  3.819   8.009   1.00 38.41 ? 13  GLY A C     1 
ATOM   90   O  O     . GLY A 1 13  ? -0.668  4.962   8.005   1.00 36.61 ? 13  GLY A O     1 
ATOM   91   N  N     . TYR A 1 14  ? -1.205  3.056   9.097   1.00 40.29 ? 14  TYR A N     1 
ATOM   92   C  CA    . TYR A 1 14  ? -0.738  3.508   10.400  1.00 42.40 ? 14  TYR A CA    1 
ATOM   93   C  C     . TYR A 1 14  ? 0.763   3.817   10.395  1.00 42.72 ? 14  TYR A C     1 
ATOM   94   O  O     . TYR A 1 14  ? 1.532   3.174   9.685   1.00 42.67 ? 14  TYR A O     1 
ATOM   95   C  CB    . TYR A 1 14  ? -1.037  2.439   11.451  1.00 43.10 ? 14  TYR A CB    1 
ATOM   96   C  CG    . TYR A 1 14  ? -0.835  2.914   12.865  1.00 43.90 ? 14  TYR A CG    1 
ATOM   97   C  CD1   . TYR A 1 14  ? -1.497  4.043   13.334  1.00 45.58 ? 14  TYR A CD1   1 
ATOM   98   C  CD2   . TYR A 1 14  ? 0.006   2.233   13.737  1.00 44.20 ? 14  TYR A CD2   1 
ATOM   99   C  CE1   . TYR A 1 14  ? -1.329  4.488   14.636  1.00 47.48 ? 14  TYR A CE1   1 
ATOM   100  C  CE2   . TYR A 1 14  ? 0.180   2.667   15.048  1.00 46.32 ? 14  TYR A CE2   1 
ATOM   101  C  CZ    . TYR A 1 14  ? -0.492  3.797   15.492  1.00 47.60 ? 14  TYR A CZ    1 
ATOM   102  O  OH    . TYR A 1 14  ? -0.343  4.237   16.790  1.00 49.47 ? 14  TYR A OH    1 
ATOM   103  N  N     . ARG A 1 15  ? 1.180   4.789   11.201  1.00 43.66 ? 15  ARG A N     1 
ATOM   104  C  CA    . ARG A 1 15  ? 2.586   5.180   11.256  1.00 44.04 ? 15  ARG A CA    1 
ATOM   105  C  C     . ARG A 1 15  ? 3.566   4.084   11.632  1.00 42.46 ? 15  ARG A C     1 
ATOM   106  O  O     . ARG A 1 15  ? 3.257   3.184   12.412  1.00 43.37 ? 15  ARG A O     1 
ATOM   107  C  CB    . ARG A 1 15  ? 2.782   6.378   12.195  1.00 45.23 ? 15  ARG A CB    1 
ATOM   108  C  CG    . ARG A 1 15  ? 1.961   6.318   13.449  1.00 49.44 ? 15  ARG A CG    1 
ATOM   109  C  CD    . ARG A 1 15  ? 2.199   7.530   14.345  1.00 53.41 ? 15  ARG A CD    1 
ATOM   110  N  NE    . ARG A 1 15  ? 1.111   7.672   15.309  1.00 57.45 ? 15  ARG A NE    1 
ATOM   111  C  CZ    . ARG A 1 15  ? -0.047  8.277   15.048  1.00 58.89 ? 15  ARG A CZ    1 
ATOM   112  N  NH1   . ARG A 1 15  ? -0.266  8.814   13.853  1.00 59.65 ? 15  ARG A NH1   1 
ATOM   113  N  NH2   . ARG A 1 15  ? -1.000  8.317   15.972  1.00 58.62 ? 15  ARG A NH2   1 
ATOM   114  N  N     . SER A 1 16  ? 4.748   4.172   11.030  1.00 40.30 ? 16  SER A N     1 
ATOM   115  C  CA    . SER A 1 16  ? 5.848   3.248   11.260  1.00 39.11 ? 16  SER A CA    1 
ATOM   116  C  C     . SER A 1 16  ? 5.694   1.834   10.702  1.00 37.03 ? 16  SER A C     1 
ATOM   117  O  O     . SER A 1 16  ? 6.537   0.980   10.963  1.00 37.19 ? 16  SER A O     1 
ATOM   118  C  CB    . SER A 1 16  ? 6.153   3.177   12.760  1.00 40.85 ? 16  SER A CB    1 
ATOM   119  O  OG    . SER A 1 16  ? 7.414   2.572   12.999  1.00 43.24 ? 16  SER A OG    1 
ATOM   120  N  N     . VAL A 1 17  ? 4.642   1.576   9.930   1.00 35.28 ? 17  VAL A N     1 
ATOM   121  C  CA    . VAL A 1 17  ? 4.456   0.239   9.364   1.00 32.29 ? 17  VAL A CA    1 
ATOM   122  C  C     . VAL A 1 17  ? 5.463   -0.034  8.260   1.00 30.34 ? 17  VAL A C     1 
ATOM   123  O  O     . VAL A 1 17  ? 5.718   -1.185  7.916   1.00 29.92 ? 17  VAL A O     1 
ATOM   124  C  CB    . VAL A 1 17  ? 3.043   0.038   8.782   1.00 31.33 ? 17  VAL A CB    1 
ATOM   125  C  CG1   . VAL A 1 17  ? 2.024   0.028   9.890   1.00 31.23 ? 17  VAL A CG1   1 
ATOM   126  C  CG2   . VAL A 1 17  ? 2.734   1.133   7.784   1.00 32.54 ? 17  VAL A CG2   1 
ATOM   127  N  N     . GLY A 1 18  ? 6.029   1.027   7.697   1.00 28.61 ? 18  GLY A N     1 
ATOM   128  C  CA    . GLY A 1 18  ? 7.006   0.843   6.640   1.00 29.28 ? 18  GLY A CA    1 
ATOM   129  C  C     . GLY A 1 18  ? 6.551   1.235   5.245   1.00 29.15 ? 18  GLY A C     1 
ATOM   130  O  O     . GLY A 1 18  ? 7.057   0.715   4.242   1.00 27.57 ? 18  GLY A O     1 
ATOM   131  N  N     . LYS A 1 19  ? 5.589   2.146   5.168   1.00 28.46 ? 19  LYS A N     1 
ATOM   132  C  CA    . LYS A 1 19  ? 5.109   2.597   3.877   1.00 28.12 ? 19  LYS A CA    1 
ATOM   133  C  C     . LYS A 1 19  ? 6.294   3.173   3.107   1.00 28.23 ? 19  LYS A C     1 
ATOM   134  O  O     . LYS A 1 19  ? 6.525   2.815   1.958   1.00 27.91 ? 19  LYS A O     1 
ATOM   135  C  CB    . LYS A 1 19  ? 4.019   3.656   4.051   1.00 26.69 ? 19  LYS A CB    1 
ATOM   136  C  CG    . LYS A 1 19  ? 2.742   3.115   4.671   1.00 27.37 ? 19  LYS A CG    1 
ATOM   137  C  CD    . LYS A 1 19  ? 1.680   4.201   4.836   1.00 28.14 ? 19  LYS A CD    1 
ATOM   138  C  CE    . LYS A 1 19  ? 2.059   5.204   5.914   1.00 28.08 ? 19  LYS A CE    1 
ATOM   139  N  NZ    . LYS A 1 19  ? 2.197   4.546   7.241   1.00 25.83 ? 19  LYS A NZ    1 
ATOM   140  N  N     . SER A 1 20  ? 7.059   4.045   3.752   1.00 27.96 ? 20  SER A N     1 
ATOM   141  C  CA    . SER A 1 20  ? 8.218   4.664   3.116   1.00 28.24 ? 20  SER A CA    1 
ATOM   142  C  C     . SER A 1 20  ? 9.273   3.649   2.684   1.00 28.17 ? 20  SER A C     1 
ATOM   143  O  O     . SER A 1 20  ? 9.682   3.626   1.522   1.00 27.48 ? 20  SER A O     1 
ATOM   144  C  CB    . SER A 1 20  ? 8.845   5.679   4.064   1.00 27.42 ? 20  SER A CB    1 
ATOM   145  O  OG    . SER A 1 20  ? 7.896   6.663   4.417   1.00 23.89 ? 20  SER A OG    1 
ATOM   146  N  N     . SER A 1 21  ? 9.707   2.827   3.640   1.00 28.93 ? 21  SER A N     1 
ATOM   147  C  CA    . SER A 1 21  ? 10.711  1.783   3.424   1.00 29.79 ? 21  SER A CA    1 
ATOM   148  C  C     . SER A 1 21  ? 10.304  0.887   2.263   1.00 30.81 ? 21  SER A C     1 
ATOM   149  O  O     . SER A 1 21  ? 11.097  0.609   1.367   1.00 30.94 ? 21  SER A O     1 
ATOM   150  C  CB    . SER A 1 21  ? 10.847  0.915   4.680   1.00 29.45 ? 21  SER A CB    1 
ATOM   151  O  OG    . SER A 1 21  ? 11.049  1.696   5.847   1.00 30.47 ? 21  SER A OG    1 
ATOM   152  N  N     . LEU A 1 22  ? 9.054   0.438   2.301   1.00 32.05 ? 22  LEU A N     1 
ATOM   153  C  CA    . LEU A 1 22  ? 8.500   -0.430  1.273   1.00 33.24 ? 22  LEU A CA    1 
ATOM   154  C  C     . LEU A 1 22  ? 8.596   0.246   -0.098  1.00 34.10 ? 22  LEU A C     1 
ATOM   155  O  O     . LEU A 1 22  ? 8.949   -0.387  -1.093  1.00 32.89 ? 22  LEU A O     1 
ATOM   156  C  CB    . LEU A 1 22  ? 7.041   -0.736  1.616   1.00 33.48 ? 22  LEU A CB    1 
ATOM   157  C  CG    . LEU A 1 22  ? 6.369   -1.995  1.076   1.00 33.08 ? 22  LEU A CG    1 
ATOM   158  C  CD1   . LEU A 1 22  ? 7.137   -3.220  1.549   1.00 34.00 ? 22  LEU A CD1   1 
ATOM   159  C  CD2   . LEU A 1 22  ? 4.934   -2.046  1.569   1.00 31.41 ? 22  LEU A CD2   1 
ATOM   160  N  N     . THR A 1 23  ? 8.281   1.540   -0.127  1.00 35.54 ? 23  THR A N     1 
ATOM   161  C  CA    . THR A 1 23  ? 8.322   2.347   -1.342  1.00 36.20 ? 23  THR A CA    1 
ATOM   162  C  C     . THR A 1 23  ? 9.757   2.574   -1.765  1.00 36.56 ? 23  THR A C     1 
ATOM   163  O  O     . THR A 1 23  ? 10.098  2.398   -2.930  1.00 37.61 ? 23  THR A O     1 
ATOM   164  C  CB    . THR A 1 23  ? 7.694   3.726   -1.119  1.00 36.98 ? 23  THR A CB    1 
ATOM   165  O  OG1   . THR A 1 23  ? 6.379   3.570   -0.581  1.00 40.81 ? 23  THR A OG1   1 
ATOM   166  C  CG2   . THR A 1 23  ? 7.596   4.477   -2.426  1.00 37.21 ? 23  THR A CG2   1 
ATOM   167  N  N     . ILE A 1 24  ? 10.592  2.987   -0.813  1.00 36.82 ? 24  ILE A N     1 
ATOM   168  C  CA    . ILE A 1 24  ? 12.003  3.234   -1.091  1.00 38.24 ? 24  ILE A CA    1 
ATOM   169  C  C     . ILE A 1 24  ? 12.623  1.980   -1.699  1.00 39.68 ? 24  ILE A C     1 
ATOM   170  O  O     . ILE A 1 24  ? 13.327  2.054   -2.706  1.00 40.58 ? 24  ILE A O     1 
ATOM   171  C  CB    . ILE A 1 24  ? 12.794  3.604   0.198   1.00 38.36 ? 24  ILE A CB    1 
ATOM   172  C  CG1   . ILE A 1 24  ? 12.305  4.936   0.763   1.00 37.21 ? 24  ILE A CG1   1 
ATOM   173  C  CG2   . ILE A 1 24  ? 14.281  3.709   -0.106  1.00 38.36 ? 24  ILE A CG2   1 
ATOM   174  C  CD1   . ILE A 1 24  ? 12.569  6.110   -0.129  1.00 38.13 ? 24  ILE A CD1   1 
ATOM   175  N  N     . GLN A 1 25  ? 12.352  0.830   -1.088  1.00 40.06 ? 25  GLN A N     1 
ATOM   176  C  CA    . GLN A 1 25  ? 12.884  -0.443  -1.567  1.00 40.43 ? 25  GLN A CA    1 
ATOM   177  C  C     . GLN A 1 25  ? 12.595  -0.652  -3.055  1.00 41.72 ? 25  GLN A C     1 
ATOM   178  O  O     . GLN A 1 25  ? 13.480  -1.042  -3.818  1.00 42.60 ? 25  GLN A O     1 
ATOM   179  C  CB    . GLN A 1 25  ? 12.283  -1.596  -0.750  1.00 39.19 ? 25  GLN A CB    1 
ATOM   180  C  CG    . GLN A 1 25  ? 12.735  -2.981  -1.181  1.00 37.32 ? 25  GLN A CG    1 
ATOM   181  C  CD    . GLN A 1 25  ? 14.233  -3.174  -1.046  1.00 38.44 ? 25  GLN A CD    1 
ATOM   182  O  OE1   . GLN A 1 25  ? 14.764  -3.231  0.068   1.00 36.89 ? 25  GLN A OE1   1 
ATOM   183  N  NE2   . GLN A 1 25  ? 14.928  -3.270  -2.183  1.00 37.02 ? 25  GLN A NE2   1 
ATOM   184  N  N     . PHE A 1 26  ? 11.352  -0.385  -3.451  1.00 42.29 ? 26  PHE A N     1 
ATOM   185  C  CA    . PHE A 1 26  ? 10.895  -0.534  -4.832  1.00 42.37 ? 26  PHE A CA    1 
ATOM   186  C  C     . PHE A 1 26  ? 11.528  0.467   -5.777  1.00 42.81 ? 26  PHE A C     1 
ATOM   187  O  O     . PHE A 1 26  ? 11.979  0.095   -6.855  1.00 42.68 ? 26  PHE A O     1 
ATOM   188  C  CB    . PHE A 1 26  ? 9.375   -0.368  -4.883  1.00 43.64 ? 26  PHE A CB    1 
ATOM   189  C  CG    . PHE A 1 26  ? 8.804   -0.289  -6.280  1.00 44.03 ? 26  PHE A CG    1 
ATOM   190  C  CD1   . PHE A 1 26  ? 8.850   -1.382  -7.134  1.00 44.12 ? 26  PHE A CD1   1 
ATOM   191  C  CD2   . PHE A 1 26  ? 8.167   0.867   -6.717  1.00 43.84 ? 26  PHE A CD2   1 
ATOM   192  C  CE1   . PHE A 1 26  ? 8.263   -1.320  -8.399  1.00 43.91 ? 26  PHE A CE1   1 
ATOM   193  C  CE2   . PHE A 1 26  ? 7.579   0.933   -7.981  1.00 43.59 ? 26  PHE A CE2   1 
ATOM   194  C  CZ    . PHE A 1 26  ? 7.627   -0.159  -8.819  1.00 42.83 ? 26  PHE A CZ    1 
ATOM   195  N  N     . VAL A 1 27  ? 11.553  1.733   -5.373  1.00 43.48 ? 27  VAL A N     1 
ATOM   196  C  CA    . VAL A 1 27  ? 12.106  2.810   -6.197  1.00 45.21 ? 27  VAL A CA    1 
ATOM   197  C  C     . VAL A 1 27  ? 13.628  2.858   -6.279  1.00 46.20 ? 27  VAL A C     1 
ATOM   198  O  O     . VAL A 1 27  ? 14.208  2.727   -7.359  1.00 45.81 ? 27  VAL A O     1 
ATOM   199  C  CB    . VAL A 1 27  ? 11.629  4.199   -5.705  1.00 45.33 ? 27  VAL A CB    1 
ATOM   200  C  CG1   . VAL A 1 27  ? 12.353  5.296   -6.479  1.00 45.19 ? 27  VAL A CG1   1 
ATOM   201  C  CG2   . VAL A 1 27  ? 10.123  4.330   -5.873  1.00 43.84 ? 27  VAL A CG2   1 
ATOM   202  N  N     . GLU A 1 28  ? 14.265  3.069   -5.132  1.00 47.89 ? 28  GLU A N     1 
ATOM   203  C  CA    . GLU A 1 28  ? 15.715  3.161   -5.048  1.00 49.24 ? 28  GLU A CA    1 
ATOM   204  C  C     . GLU A 1 28  ? 16.416  1.794   -5.016  1.00 50.56 ? 28  GLU A C     1 
ATOM   205  O  O     . GLU A 1 28  ? 17.501  1.644   -5.568  1.00 51.21 ? 28  GLU A O     1 
ATOM   206  C  CB    . GLU A 1 28  ? 16.074  4.008   -3.830  1.00 48.11 ? 28  GLU A CB    1 
ATOM   207  C  CG    . GLU A 1 28  ? 15.415  5.382   -3.888  1.00 50.91 ? 28  GLU A CG    1 
ATOM   208  C  CD    . GLU A 1 28  ? 15.477  6.136   -2.571  1.00 53.54 ? 28  GLU A CD    1 
ATOM   209  O  OE1   . GLU A 1 28  ? 16.574  6.218   -1.978  1.00 55.61 ? 28  GLU A OE1   1 
ATOM   210  O  OE2   . GLU A 1 28  ? 14.431  6.659   -2.134  1.00 51.96 ? 28  GLU A OE2   1 
ATOM   211  N  N     . GLY A 1 29  ? 15.801  0.803   -4.376  1.00 51.73 ? 29  GLY A N     1 
ATOM   212  C  CA    . GLY A 1 29  ? 16.397  -0.519  -4.334  1.00 52.58 ? 29  GLY A CA    1 
ATOM   213  C  C     . GLY A 1 29  ? 17.047  -0.933  -3.027  1.00 54.87 ? 29  GLY A C     1 
ATOM   214  O  O     . GLY A 1 29  ? 17.458  -2.082  -2.872  1.00 55.39 ? 29  GLY A O     1 
ATOM   215  N  N     . GLN A 1 30  ? 17.147  -0.020  -2.074  1.00 55.96 ? 30  GLN A N     1 
ATOM   216  C  CA    . GLN A 1 30  ? 17.770  -0.361  -0.805  1.00 57.42 ? 30  GLN A CA    1 
ATOM   217  C  C     . GLN A 1 30  ? 16.833  -0.154  0.369   1.00 57.42 ? 30  GLN A C     1 
ATOM   218  O  O     . GLN A 1 30  ? 15.825  0.544   0.255   1.00 58.51 ? 30  GLN A O     1 
ATOM   219  C  CB    . GLN A 1 30  ? 19.033  0.467   -0.617  1.00 60.03 ? 30  GLN A CB    1 
ATOM   220  C  CG    . GLN A 1 30  ? 18.917  1.856   -1.197  1.00 64.60 ? 30  GLN A CG    1 
ATOM   221  C  CD    . GLN A 1 30  ? 20.123  2.713   -0.894  1.00 67.14 ? 30  GLN A CD    1 
ATOM   222  O  OE1   . GLN A 1 30  ? 20.298  3.193   0.230   1.00 67.80 ? 30  GLN A OE1   1 
ATOM   223  N  NE2   . GLN A 1 30  ? 20.973  2.903   -1.897  1.00 67.98 ? 30  GLN A NE2   1 
ATOM   224  N  N     . PHE A 1 31  ? 17.176  -0.767  1.497   1.00 56.03 ? 31  PHE A N     1 
ATOM   225  C  CA    . PHE A 1 31  ? 16.381  -0.673  2.712   1.00 54.72 ? 31  PHE A CA    1 
ATOM   226  C  C     . PHE A 1 31  ? 16.937  0.394   3.638   1.00 55.44 ? 31  PHE A C     1 
ATOM   227  O  O     . PHE A 1 31  ? 18.024  0.238   4.189   1.00 54.07 ? 31  PHE A O     1 
ATOM   228  C  CB    . PHE A 1 31  ? 16.374  -2.019  3.437   1.00 53.62 ? 31  PHE A CB    1 
ATOM   229  C  CG    . PHE A 1 31  ? 15.705  -1.986  4.785   1.00 51.58 ? 31  PHE A CG    1 
ATOM   230  C  CD1   . PHE A 1 31  ? 14.349  -1.712  4.899   1.00 50.18 ? 31  PHE A CD1   1 
ATOM   231  C  CD2   . PHE A 1 31  ? 16.434  -2.225  5.945   1.00 50.73 ? 31  PHE A CD2   1 
ATOM   232  C  CE1   . PHE A 1 31  ? 13.733  -1.678  6.146   1.00 49.31 ? 31  PHE A CE1   1 
ATOM   233  C  CE2   . PHE A 1 31  ? 15.823  -2.192  7.197   1.00 49.78 ? 31  PHE A CE2   1 
ATOM   234  C  CZ    . PHE A 1 31  ? 14.472  -1.918  7.295   1.00 49.23 ? 31  PHE A CZ    1 
ATOM   235  N  N     . VAL A 1 32  ? 16.188  1.481   3.797   1.00 57.87 ? 32  VAL A N     1 
ATOM   236  C  CA    . VAL A 1 32  ? 16.600  2.571   4.677   1.00 60.54 ? 32  VAL A CA    1 
ATOM   237  C  C     . VAL A 1 32  ? 16.312  2.092   6.111   1.00 61.16 ? 32  VAL A C     1 
ATOM   238  O  O     . VAL A 1 32  ? 15.170  1.755   6.448   1.00 61.70 ? 32  VAL A O     1 
ATOM   239  C  CB    . VAL A 1 32  ? 15.822  3.889   4.326   1.00 61.12 ? 32  VAL A CB    1 
ATOM   240  C  CG1   . VAL A 1 32  ? 14.399  3.839   4.878   1.00 61.02 ? 32  VAL A CG1   1 
ATOM   241  C  CG2   . VAL A 1 32  ? 16.592  5.113   4.839   1.00 60.57 ? 32  VAL A CG2   1 
ATOM   242  N  N     . ASP A 1 33  ? 17.346  2.050   6.949   1.00 60.34 ? 33  ASP A N     1 
ATOM   243  C  CA    . ASP A 1 33  ? 17.186  1.549   8.309   1.00 60.40 ? 33  ASP A CA    1 
ATOM   244  C  C     . ASP A 1 33  ? 16.745  2.534   9.393   1.00 58.82 ? 33  ASP A C     1 
ATOM   245  O  O     . ASP A 1 33  ? 16.276  2.119   10.455  1.00 57.64 ? 33  ASP A O     1 
ATOM   246  C  CB    . ASP A 1 33  ? 18.471  0.859   8.754   1.00 62.99 ? 33  ASP A CB    1 
ATOM   247  C  CG    . ASP A 1 33  ? 18.234  -0.109  9.889   1.00 65.93 ? 33  ASP A CG    1 
ATOM   248  O  OD1   . ASP A 1 33  ? 17.446  -1.059  9.698   1.00 68.08 ? 33  ASP A OD1   1 
ATOM   249  O  OD2   . ASP A 1 33  ? 18.821  0.073   10.977  1.00 67.83 ? 33  ASP A OD2   1 
ATOM   250  N  N     . SER A 1 34  ? 16.898  3.826   9.134   1.00 56.79 ? 34  SER A N     1 
ATOM   251  C  CA    . SER A 1 34  ? 16.498  4.844   10.099  1.00 54.31 ? 34  SER A CA    1 
ATOM   252  C  C     . SER A 1 34  ? 14.989  5.022   10.057  1.00 53.19 ? 34  SER A C     1 
ATOM   253  O  O     . SER A 1 34  ? 14.294  4.299   9.345   1.00 53.26 ? 34  SER A O     1 
ATOM   254  C  CB    . SER A 1 34  ? 17.175  6.178   9.771   1.00 54.08 ? 34  SER A CB    1 
ATOM   255  O  OG    . SER A 1 34  ? 16.935  6.556   8.424   1.00 52.20 ? 34  SER A OG    1 
ATOM   256  N  N     . TYR A 1 35  ? 14.479  5.975   10.824  1.00 51.75 ? 35  TYR A N     1 
ATOM   257  C  CA    . TYR A 1 35  ? 13.049  6.242   10.825  1.00 51.02 ? 35  TYR A CA    1 
ATOM   258  C  C     . TYR A 1 35  ? 12.747  7.722   10.901  1.00 50.60 ? 35  TYR A C     1 
ATOM   259  O  O     . TYR A 1 35  ? 12.848  8.334   11.959  1.00 50.47 ? 35  TYR A O     1 
ATOM   260  C  CB    . TYR A 1 35  ? 12.341  5.560   11.992  1.00 50.52 ? 35  TYR A CB    1 
ATOM   261  C  CG    . TYR A 1 35  ? 10.881  5.967   12.096  1.00 49.55 ? 35  TYR A CG    1 
ATOM   262  C  CD1   . TYR A 1 35  ? 10.256  6.080   13.334  1.00 49.42 ? 35  TYR A CD1   1 
ATOM   263  C  CD2   . TYR A 1 35  ? 10.127  6.248   10.957  1.00 49.33 ? 35  TYR A CD2   1 
ATOM   264  C  CE1   . TYR A 1 35  ? 8.920   6.462   13.432  1.00 48.13 ? 35  TYR A CE1   1 
ATOM   265  C  CE2   . TYR A 1 35  ? 8.791   6.630   11.048  1.00 48.12 ? 35  TYR A CE2   1 
ATOM   266  C  CZ    . TYR A 1 35  ? 8.198   6.733   12.291  1.00 46.53 ? 35  TYR A CZ    1 
ATOM   267  O  OH    . TYR A 1 35  ? 6.884   7.098   12.395  1.00 44.32 ? 35  TYR A OH    1 
ATOM   268  N  N     . ASP A 1 36  ? 12.361  8.292   9.768   1.00 50.44 ? 36  ASP A N     1 
ATOM   269  C  CA    . ASP A 1 36  ? 12.014  9.699   9.707   1.00 49.00 ? 36  ASP A CA    1 
ATOM   270  C  C     . ASP A 1 36  ? 10.536  9.694   9.346   1.00 46.82 ? 36  ASP A C     1 
ATOM   271  O  O     . ASP A 1 36  ? 10.164  9.248   8.263   1.00 45.92 ? 36  ASP A O     1 
ATOM   272  C  CB    . ASP A 1 36  ? 12.830  10.397  8.610   1.00 51.75 ? 36  ASP A CB    1 
ATOM   273  C  CG    . ASP A 1 36  ? 12.831  11.915  8.747   1.00 53.58 ? 36  ASP A CG    1 
ATOM   274  O  OD1   . ASP A 1 36  ? 11.808  12.483  9.197   1.00 53.57 ? 36  ASP A OD1   1 
ATOM   275  O  OD2   . ASP A 1 36  ? 13.855  12.540  8.390   1.00 54.24 ? 36  ASP A OD2   1 
ATOM   276  N  N     . PRO A 1 37  ? 9.669   10.142  10.262  1.00 45.32 ? 37  PRO A N     1 
ATOM   277  C  CA    . PRO A 1 37  ? 8.242   10.151  9.930   1.00 45.26 ? 37  PRO A CA    1 
ATOM   278  C  C     . PRO A 1 37  ? 8.050   10.915  8.622   1.00 46.29 ? 37  PRO A C     1 
ATOM   279  O  O     . PRO A 1 37  ? 8.787   11.865  8.345   1.00 47.38 ? 37  PRO A O     1 
ATOM   280  C  CB    . PRO A 1 37  ? 7.622   10.858  11.128  1.00 42.88 ? 37  PRO A CB    1 
ATOM   281  C  CG    . PRO A 1 37  ? 8.505   10.428  12.241  1.00 42.87 ? 37  PRO A CG    1 
ATOM   282  C  CD    . PRO A 1 37  ? 9.886   10.573  11.652  1.00 44.48 ? 37  PRO A CD    1 
ATOM   283  N  N     . THR A 1 38  ? 7.072   10.504  7.814   1.00 46.05 ? 38  THR A N     1 
ATOM   284  C  CA    . THR A 1 38  ? 6.832   11.156  6.527   1.00 44.46 ? 38  THR A CA    1 
ATOM   285  C  C     . THR A 1 38  ? 5.725   12.194  6.521   1.00 43.38 ? 38  THR A C     1 
ATOM   286  O  O     . THR A 1 38  ? 4.684   12.010  7.148   1.00 43.97 ? 38  THR A O     1 
ATOM   287  C  CB    . THR A 1 38  ? 6.521   10.115  5.428   1.00 43.50 ? 38  THR A CB    1 
ATOM   288  O  OG1   . THR A 1 38  ? 7.735   9.462   5.046   1.00 44.01 ? 38  THR A OG1   1 
ATOM   289  C  CG2   . THR A 1 38  ? 5.910   10.771  4.206   1.00 42.52 ? 38  THR A CG2   1 
ATOM   290  N  N     . ILE A 1 39  ? 5.971   13.297  5.817   1.00 42.18 ? 39  ILE A N     1 
ATOM   291  C  CA    . ILE A 1 39  ? 4.974   14.346  5.678   1.00 41.23 ? 39  ILE A CA    1 
ATOM   292  C  C     . ILE A 1 39  ? 4.259   13.960  4.386   1.00 41.25 ? 39  ILE A C     1 
ATOM   293  O  O     . ILE A 1 39  ? 3.032   13.881  4.345   1.00 41.81 ? 39  ILE A O     1 
ATOM   294  C  CB    . ILE A 1 39  ? 5.622   15.747  5.539   1.00 40.57 ? 39  ILE A CB    1 
ATOM   295  C  CG1   . ILE A 1 39  ? 6.480   16.043  6.776   1.00 39.58 ? 39  ILE A CG1   1 
ATOM   296  C  CG2   . ILE A 1 39  ? 4.539   16.810  5.393   1.00 38.91 ? 39  ILE A CG2   1 
ATOM   297  C  CD1   . ILE A 1 39  ? 7.159   17.390  6.763   1.00 37.76 ? 39  ILE A CD1   1 
ATOM   298  N  N     . GLU A 1 40  ? 5.048   13.697  3.346   1.00 40.05 ? 40  GLU A N     1 
ATOM   299  C  CA    . GLU A 1 40  ? 4.537   13.269  2.048   1.00 37.03 ? 40  GLU A CA    1 
ATOM   300  C  C     . GLU A 1 40  ? 5.611   13.340  0.972   1.00 36.67 ? 40  GLU A C     1 
ATOM   301  O  O     . GLU A 1 40  ? 6.072   14.423  0.608   1.00 36.64 ? 40  GLU A O     1 
ATOM   302  C  CB    . GLU A 1 40  ? 3.350   14.113  1.601   1.00 35.67 ? 40  GLU A CB    1 
ATOM   303  C  CG    . GLU A 1 40  ? 2.458   13.374  0.621   1.00 36.07 ? 40  GLU A CG    1 
ATOM   304  C  CD    . GLU A 1 40  ? 1.823   14.280  -0.403  1.00 35.52 ? 40  GLU A CD    1 
ATOM   305  O  OE1   . GLU A 1 40  ? 2.570   14.972  -1.119  1.00 37.07 ? 40  GLU A OE1   1 
ATOM   306  O  OE2   . GLU A 1 40  ? 0.581   14.301  -0.506  1.00 36.32 ? 40  GLU A OE2   1 
ATOM   307  N  N     . ASN A 1 41  ? 6.003   12.172  0.471   1.00 35.55 ? 41  ASN A N     1 
ATOM   308  C  CA    . ASN A 1 41  ? 7.001   12.064  -0.582  1.00 33.81 ? 41  ASN A CA    1 
ATOM   309  C  C     . ASN A 1 41  ? 6.326   11.514  -1.824  1.00 32.57 ? 41  ASN A C     1 
ATOM   310  O  O     . ASN A 1 41  ? 5.336   10.795  -1.736  1.00 31.29 ? 41  ASN A O     1 
ATOM   311  C  CB    . ASN A 1 41  ? 8.121   11.139  -0.146  1.00 36.03 ? 41  ASN A CB    1 
ATOM   312  C  CG    . ASN A 1 41  ? 8.868   11.672  1.051   1.00 39.27 ? 41  ASN A CG    1 
ATOM   313  O  OD1   . ASN A 1 41  ? 9.474   12.741  0.990   1.00 40.67 ? 41  ASN A OD1   1 
ATOM   314  N  ND2   . ASN A 1 41  ? 8.826   10.930  2.155   1.00 41.01 ? 41  ASN A ND2   1 
ATOM   315  N  N     . THR A 1 42  ? 6.864   11.853  -2.985  1.00 31.86 ? 42  THR A N     1 
ATOM   316  C  CA    . THR A 1 42  ? 6.289   11.414  -4.248  1.00 32.48 ? 42  THR A CA    1 
ATOM   317  C  C     . THR A 1 42  ? 7.352   10.930  -5.217  1.00 32.56 ? 42  THR A C     1 
ATOM   318  O  O     . THR A 1 42  ? 8.229   11.697  -5.607  1.00 34.08 ? 42  THR A O     1 
ATOM   319  C  CB    . THR A 1 42  ? 5.503   12.567  -4.917  1.00 31.64 ? 42  THR A CB    1 
ATOM   320  O  OG1   . THR A 1 42  ? 4.174   12.602  -4.393  1.00 31.31 ? 42  THR A OG1   1 
ATOM   321  C  CG2   . THR A 1 42  ? 5.450   12.390  -6.424  1.00 33.51 ? 42  THR A CG2   1 
ATOM   322  N  N     . PHE A 1 43  ? 7.276   9.660   -5.601  1.00 32.17 ? 43  PHE A N     1 
ATOM   323  C  CA    . PHE A 1 43  ? 8.238   9.108   -6.544  1.00 32.87 ? 43  PHE A CA    1 
ATOM   324  C  C     . PHE A 1 43  ? 7.523   8.740   -7.833  1.00 33.99 ? 43  PHE A C     1 
ATOM   325  O  O     . PHE A 1 43  ? 6.363   8.349   -7.816  1.00 36.37 ? 43  PHE A O     1 
ATOM   326  C  CB    . PHE A 1 43  ? 8.917   7.857   -5.973  1.00 31.81 ? 43  PHE A CB    1 
ATOM   327  C  CG    . PHE A 1 43  ? 9.518   8.055   -4.613  1.00 31.73 ? 43  PHE A CG    1 
ATOM   328  C  CD1   . PHE A 1 43  ? 8.732   7.936   -3.467  1.00 30.37 ? 43  PHE A CD1   1 
ATOM   329  C  CD2   . PHE A 1 43  ? 10.865  8.395   -4.470  1.00 32.74 ? 43  PHE A CD2   1 
ATOM   330  C  CE1   . PHE A 1 43  ? 9.279   8.150   -2.196  1.00 30.48 ? 43  PHE A CE1   1 
ATOM   331  C  CE2   . PHE A 1 43  ? 11.424  8.614   -3.193  1.00 31.67 ? 43  PHE A CE2   1 
ATOM   332  C  CZ    . PHE A 1 43  ? 10.628  8.490   -2.061  1.00 29.53 ? 43  PHE A CZ    1 
ATOM   333  N  N     . THR A 1 44  ? 8.213   8.889   -8.955  1.00 34.77 ? 44  THR A N     1 
ATOM   334  C  CA    . THR A 1 44  ? 7.662   8.535   -10.256 1.00 34.54 ? 44  THR A CA    1 
ATOM   335  C  C     . THR A 1 44  ? 8.642   7.537   -10.829 1.00 35.40 ? 44  THR A C     1 
ATOM   336  O  O     . THR A 1 44  ? 9.765   7.900   -11.192 1.00 36.59 ? 44  THR A O     1 
ATOM   337  C  CB    . THR A 1 44  ? 7.593   9.737   -11.181 1.00 35.12 ? 44  THR A CB    1 
ATOM   338  O  OG1   . THR A 1 44  ? 6.667   10.686  -10.646 1.00 37.88 ? 44  THR A OG1   1 
ATOM   339  C  CG2   . THR A 1 44  ? 7.155   9.313   -12.572 1.00 34.36 ? 44  THR A CG2   1 
ATOM   340  N  N     . LYS A 1 45  ? 8.226   6.278   -10.887 1.00 35.11 ? 45  LYS A N     1 
ATOM   341  C  CA    . LYS A 1 45  ? 9.084   5.215   -11.397 1.00 34.80 ? 45  LYS A CA    1 
ATOM   342  C  C     . LYS A 1 45  ? 8.411   4.427   -12.513 1.00 33.52 ? 45  LYS A C     1 
ATOM   343  O  O     . LYS A 1 45  ? 7.184   4.364   -12.587 1.00 33.47 ? 45  LYS A O     1 
ATOM   344  C  CB    . LYS A 1 45  ? 9.476   4.273   -10.250 1.00 35.30 ? 45  LYS A CB    1 
ATOM   345  C  CG    . LYS A 1 45  ? 9.731   2.835   -10.670 1.00 36.22 ? 45  LYS A CG    1 
ATOM   346  C  CD    . LYS A 1 45  ? 10.458  2.060   -9.596  1.00 36.88 ? 45  LYS A CD    1 
ATOM   347  C  CE    . LYS A 1 45  ? 11.918  2.469   -9.507  1.00 37.45 ? 45  LYS A CE    1 
ATOM   348  N  NZ    . LYS A 1 45  ? 12.720  1.968   -10.654 1.00 39.41 ? 45  LYS A NZ    1 
ATOM   349  N  N     . LEU A 1 46  ? 9.229   3.845   -13.387 1.00 31.59 ? 46  LEU A N     1 
ATOM   350  C  CA    . LEU A 1 46  ? 8.722   3.041   -14.485 1.00 30.99 ? 46  LEU A CA    1 
ATOM   351  C  C     . LEU A 1 46  ? 8.654   1.589   -14.027 1.00 30.97 ? 46  LEU A C     1 
ATOM   352  O  O     . LEU A 1 46  ? 9.439   1.154   -13.184 1.00 31.77 ? 46  LEU A O     1 
ATOM   353  C  CB    . LEU A 1 46  ? 9.642   3.150   -15.701 1.00 31.86 ? 46  LEU A CB    1 
ATOM   354  C  CG    . LEU A 1 46  ? 9.787   4.534   -16.343 1.00 34.03 ? 46  LEU A CG    1 
ATOM   355  C  CD1   . LEU A 1 46  ? 10.682  4.438   -17.578 1.00 33.61 ? 46  LEU A CD1   1 
ATOM   356  C  CD2   . LEU A 1 46  ? 8.414   5.072   -16.721 1.00 33.45 ? 46  LEU A CD2   1 
ATOM   357  N  N     . ILE A 1 47  ? 7.700   0.842   -14.563 1.00 29.05 ? 47  ILE A N     1 
ATOM   358  C  CA    . ILE A 1 47  ? 7.562   -0.555  -14.205 1.00 26.93 ? 47  ILE A CA    1 
ATOM   359  C  C     . ILE A 1 47  ? 6.685   -1.225  -15.234 1.00 27.79 ? 47  ILE A C     1 
ATOM   360  O  O     . ILE A 1 47  ? 5.641   -0.696  -15.606 1.00 28.63 ? 47  ILE A O     1 
ATOM   361  C  CB    . ILE A 1 47  ? 6.916   -0.738  -12.832 1.00 25.60 ? 47  ILE A CB    1 
ATOM   362  C  CG1   . ILE A 1 47  ? 6.904   -2.222  -12.477 1.00 26.51 ? 47  ILE A CG1   1 
ATOM   363  C  CG2   . ILE A 1 47  ? 5.484   -0.243  -12.850 1.00 25.76 ? 47  ILE A CG2   1 
ATOM   364  C  CD1   . ILE A 1 47  ? 6.340   -2.522  -11.133 1.00 29.14 ? 47  ILE A CD1   1 
ATOM   365  N  N     . THR A 1 48  ? 7.112   -2.387  -15.705 1.00 27.23 ? 48  THR A N     1 
ATOM   366  C  CA    . THR A 1 48  ? 6.324   -3.098  -16.687 1.00 27.81 ? 48  THR A CA    1 
ATOM   367  C  C     . THR A 1 48  ? 5.548   -4.216  -16.021 1.00 27.37 ? 48  THR A C     1 
ATOM   368  O  O     . THR A 1 48  ? 6.084   -4.952  -15.195 1.00 28.43 ? 48  THR A O     1 
ATOM   369  C  CB    . THR A 1 48  ? 7.211   -3.699  -17.788 1.00 27.95 ? 48  THR A CB    1 
ATOM   370  O  OG1   . THR A 1 48  ? 8.017   -2.664  -18.358 1.00 30.73 ? 48  THR A OG1   1 
ATOM   371  C  CG2   . THR A 1 48  ? 6.361   -4.305  -18.884 1.00 26.04 ? 48  THR A CG2   1 
ATOM   372  N  N     . VAL A 1 49  ? 4.272   -4.314  -16.364 1.00 26.55 ? 49  VAL A N     1 
ATOM   373  C  CA    . VAL A 1 49  ? 3.417   -5.363  -15.849 1.00 27.27 ? 49  VAL A CA    1 
ATOM   374  C  C     . VAL A 1 49  ? 2.779   -5.974  -17.090 1.00 28.03 ? 49  VAL A C     1 
ATOM   375  O  O     . VAL A 1 49  ? 2.030   -5.303  -17.808 1.00 27.19 ? 49  VAL A O     1 
ATOM   376  C  CB    . VAL A 1 49  ? 2.330   -4.813  -14.906 1.00 27.67 ? 49  VAL A CB    1 
ATOM   377  C  CG1   . VAL A 1 49  ? 1.410   -5.932  -14.464 1.00 27.95 ? 49  VAL A CG1   1 
ATOM   378  C  CG2   . VAL A 1 49  ? 2.976   -4.181  -13.690 1.00 29.05 ? 49  VAL A CG2   1 
ATOM   379  N  N     . ASN A 1 50  ? 3.116   -7.240  -17.341 1.00 28.99 ? 50  ASN A N     1 
ATOM   380  C  CA    . ASN A 1 50  ? 2.629   -8.008  -18.490 1.00 28.99 ? 50  ASN A CA    1 
ATOM   381  C  C     . ASN A 1 50  ? 2.924   -7.332  -19.835 1.00 29.02 ? 50  ASN A C     1 
ATOM   382  O  O     . ASN A 1 50  ? 2.054   -7.249  -20.704 1.00 28.66 ? 50  ASN A O     1 
ATOM   383  C  CB    . ASN A 1 50  ? 1.124   -8.257  -18.376 1.00 29.18 ? 50  ASN A CB    1 
ATOM   384  C  CG    . ASN A 1 50  ? 0.727   -8.830  -17.043 1.00 30.50 ? 50  ASN A CG    1 
ATOM   385  O  OD1   . ASN A 1 50  ? 1.216   -9.881  -16.628 1.00 29.76 ? 50  ASN A OD1   1 
ATOM   386  N  ND2   . ASN A 1 50  ? -0.171  -8.136  -16.354 1.00 32.10 ? 50  ASN A ND2   1 
ATOM   387  N  N     . GLY A 1 51  ? 4.145   -6.847  -20.009 1.00 28.66 ? 51  GLY A N     1 
ATOM   388  C  CA    . GLY A 1 51  ? 4.476   -6.203  -21.265 1.00 31.57 ? 51  GLY A CA    1 
ATOM   389  C  C     . GLY A 1 51  ? 4.082   -4.740  -21.372 1.00 33.48 ? 51  GLY A C     1 
ATOM   390  O  O     . GLY A 1 51  ? 4.575   -4.034  -22.237 1.00 33.78 ? 51  GLY A O     1 
ATOM   391  N  N     . GLN A 1 52  ? 3.191   -4.274  -20.508 1.00 37.13 ? 52  GLN A N     1 
ATOM   392  C  CA    . GLN A 1 52  ? 2.785   -2.873  -20.542 1.00 38.66 ? 52  GLN A CA    1 
ATOM   393  C  C     . GLN A 1 52  ? 3.687   -2.066  -19.618 1.00 38.77 ? 52  GLN A C     1 
ATOM   394  O  O     . GLN A 1 52  ? 3.788   -2.363  -18.433 1.00 39.10 ? 52  GLN A O     1 
ATOM   395  C  CB    . GLN A 1 52  ? 1.340   -2.731  -20.075 1.00 40.05 ? 52  GLN A CB    1 
ATOM   396  C  CG    . GLN A 1 52  ? 0.811   -1.301  -20.135 1.00 44.01 ? 52  GLN A CG    1 
ATOM   397  C  CD    . GLN A 1 52  ? 0.678   -0.781  -21.557 1.00 45.68 ? 52  GLN A CD    1 
ATOM   398  O  OE1   . GLN A 1 52  ? 0.049   -1.416  -22.405 1.00 46.40 ? 52  GLN A OE1   1 
ATOM   399  N  NE2   . GLN A 1 52  ? 1.261   0.386   -21.819 1.00 46.80 ? 52  GLN A NE2   1 
ATOM   400  N  N     . GLU A 1 53  ? 4.364   -1.057  -20.151 1.00 39.29 ? 53  GLU A N     1 
ATOM   401  C  CA    . GLU A 1 53  ? 5.212   -0.243  -19.297 1.00 39.83 ? 53  GLU A CA    1 
ATOM   402  C  C     . GLU A 1 53  ? 4.316   0.792   -18.656 1.00 38.87 ? 53  GLU A C     1 
ATOM   403  O  O     . GLU A 1 53  ? 3.319   1.194   -19.242 1.00 36.70 ? 53  GLU A O     1 
ATOM   404  C  CB    . GLU A 1 53  ? 6.307   0.472   -20.085 1.00 41.93 ? 53  GLU A CB    1 
ATOM   405  C  CG    . GLU A 1 53  ? 7.049   1.465   -19.207 1.00 47.12 ? 53  GLU A CG    1 
ATOM   406  C  CD    . GLU A 1 53  ? 8.096   2.253   -19.950 1.00 50.24 ? 53  GLU A CD    1 
ATOM   407  O  OE1   . GLU A 1 53  ? 7.776   2.784   -21.034 1.00 53.04 ? 53  GLU A OE1   1 
ATOM   408  O  OE2   . GLU A 1 53  ? 9.235   2.351   -19.443 1.00 51.37 ? 53  GLU A OE2   1 
ATOM   409  N  N     . TYR A 1 54  ? 4.669   1.215   -17.447 1.00 39.60 ? 54  TYR A N     1 
ATOM   410  C  CA    . TYR A 1 54  ? 3.882   2.210   -16.731 1.00 39.99 ? 54  TYR A CA    1 
ATOM   411  C  C     . TYR A 1 54  ? 4.734   3.343   -16.200 1.00 42.40 ? 54  TYR A C     1 
ATOM   412  O  O     . TYR A 1 54  ? 5.938   3.189   -15.983 1.00 44.52 ? 54  TYR A O     1 
ATOM   413  C  CB    . TYR A 1 54  ? 3.148   1.589   -15.533 1.00 35.32 ? 54  TYR A CB    1 
ATOM   414  C  CG    . TYR A 1 54  ? 1.974   0.714   -15.883 1.00 33.40 ? 54  TYR A CG    1 
ATOM   415  C  CD1   . TYR A 1 54  ? 2.124   -0.663  -16.037 1.00 32.68 ? 54  TYR A CD1   1 
ATOM   416  C  CD2   . TYR A 1 54  ? 0.705   1.263   -16.069 1.00 32.56 ? 54  TYR A CD2   1 
ATOM   417  C  CE1   . TYR A 1 54  ? 1.035   -1.475  -16.365 1.00 30.93 ? 54  TYR A CE1   1 
ATOM   418  C  CE2   . TYR A 1 54  ? -0.388  0.461   -16.401 1.00 29.95 ? 54  TYR A CE2   1 
ATOM   419  C  CZ    . TYR A 1 54  ? -0.215  -0.903  -16.545 1.00 29.99 ? 54  TYR A CZ    1 
ATOM   420  O  OH    . TYR A 1 54  ? -1.290  -1.699  -16.865 1.00 29.61 ? 54  TYR A OH    1 
ATOM   421  N  N     . HIS A 1 55  ? 4.086   4.487   -16.020 1.00 43.86 ? 55  HIS A N     1 
ATOM   422  C  CA    . HIS A 1 55  ? 4.697   5.670   -15.440 1.00 44.35 ? 55  HIS A CA    1 
ATOM   423  C  C     . HIS A 1 55  ? 3.926   5.770   -14.120 1.00 43.32 ? 55  HIS A C     1 
ATOM   424  O  O     . HIS A 1 55  ? 2.915   6.478   -13.995 1.00 41.51 ? 55  HIS A O     1 
ATOM   425  C  CB    . HIS A 1 55  ? 4.462   6.904   -16.306 1.00 47.96 ? 55  HIS A CB    1 
ATOM   426  C  CG    . HIS A 1 55  ? 5.607   7.229   -17.211 1.00 53.52 ? 55  HIS A CG    1 
ATOM   427  N  ND1   . HIS A 1 55  ? 5.975   6.426   -18.271 1.00 56.89 ? 55  HIS A ND1   1 
ATOM   428  C  CD2   . HIS A 1 55  ? 6.469   8.276   -17.217 1.00 55.33 ? 55  HIS A CD2   1 
ATOM   429  C  CE1   . HIS A 1 55  ? 7.011   6.963   -18.891 1.00 56.87 ? 55  HIS A CE1   1 
ATOM   430  N  NE2   . HIS A 1 55  ? 7.331   8.086   -18.272 1.00 57.10 ? 55  HIS A NE2   1 
ATOM   431  N  N     . LEU A 1 56  ? 4.404   4.997   -13.155 1.00 41.23 ? 56  LEU A N     1 
ATOM   432  C  CA    . LEU A 1 56  ? 3.797   4.922   -11.848 1.00 39.59 ? 56  LEU A CA    1 
ATOM   433  C  C     . LEU A 1 56  ? 4.167   6.117   -11.004 1.00 39.52 ? 56  LEU A C     1 
ATOM   434  O  O     . LEU A 1 56  ? 5.348   6.426   -10.849 1.00 39.52 ? 56  LEU A O     1 
ATOM   435  C  CB    . LEU A 1 56  ? 4.267   3.654   -11.151 1.00 39.15 ? 56  LEU A CB    1 
ATOM   436  C  CG    . LEU A 1 56  ? 3.216   2.846   -10.407 1.00 39.61 ? 56  LEU A CG    1 
ATOM   437  C  CD1   . LEU A 1 56  ? 2.229   2.260   -11.400 1.00 38.72 ? 56  LEU A CD1   1 
ATOM   438  C  CD2   . LEU A 1 56  ? 3.902   1.742   -9.640  1.00 40.69 ? 56  LEU A CD2   1 
ATOM   439  N  N     . GLN A 1 57  ? 3.154   6.801   -10.480 1.00 39.86 ? 57  GLN A N     1 
ATOM   440  C  CA    . GLN A 1 57  ? 3.388   7.935   -9.597  1.00 40.37 ? 57  GLN A CA    1 
ATOM   441  C  C     . GLN A 1 57  ? 2.887   7.552   -8.204  1.00 38.89 ? 57  GLN A C     1 
ATOM   442  O  O     . GLN A 1 57  ? 1.685   7.551   -7.940  1.00 39.09 ? 57  GLN A O     1 
ATOM   443  C  CB    . GLN A 1 57  ? 2.662   9.187   -10.081 1.00 41.85 ? 57  GLN A CB    1 
ATOM   444  C  CG    . GLN A 1 57  ? 2.877   10.354  -9.127  1.00 47.34 ? 57  GLN A CG    1 
ATOM   445  C  CD    . GLN A 1 57  ? 2.510   11.695  -9.725  1.00 51.16 ? 57  GLN A CD    1 
ATOM   446  O  OE1   . GLN A 1 57  ? 1.347   11.950  -10.050 1.00 54.20 ? 57  GLN A OE1   1 
ATOM   447  N  NE2   . GLN A 1 57  ? 3.508   12.566  -9.876  1.00 51.64 ? 57  GLN A NE2   1 
ATOM   448  N  N     . LEU A 1 58  ? 3.817   7.225   -7.314  1.00 36.13 ? 58  LEU A N     1 
ATOM   449  C  CA    . LEU A 1 58  ? 3.468   6.809   -5.965  1.00 35.67 ? 58  LEU A CA    1 
ATOM   450  C  C     . LEU A 1 58  ? 3.459   7.936   -4.943  1.00 33.59 ? 58  LEU A C     1 
ATOM   451  O  O     . LEU A 1 58  ? 4.405   8.712   -4.853  1.00 32.89 ? 58  LEU A O     1 
ATOM   452  C  CB    . LEU A 1 58  ? 4.439   5.725   -5.492  1.00 37.54 ? 58  LEU A CB    1 
ATOM   453  C  CG    . LEU A 1 58  ? 4.854   4.685   -6.538  1.00 39.85 ? 58  LEU A CG    1 
ATOM   454  C  CD1   . LEU A 1 58  ? 5.825   3.692   -5.900  1.00 38.06 ? 58  LEU A CD1   1 
ATOM   455  C  CD2   . LEU A 1 58  ? 3.616   3.976   -7.099  1.00 41.89 ? 58  LEU A CD2   1 
ATOM   456  N  N     . VAL A 1 59  ? 2.383   8.011   -4.166  1.00 32.02 ? 59  VAL A N     1 
ATOM   457  C  CA    . VAL A 1 59  ? 2.258   9.016   -3.119  1.00 30.84 ? 59  VAL A CA    1 
ATOM   458  C  C     . VAL A 1 59  ? 2.427   8.318   -1.773  1.00 29.68 ? 59  VAL A C     1 
ATOM   459  O  O     . VAL A 1 59  ? 1.511   7.653   -1.295  1.00 30.24 ? 59  VAL A O     1 
ATOM   460  C  CB    . VAL A 1 59  ? 0.881   9.692   -3.138  1.00 31.24 ? 59  VAL A CB    1 
ATOM   461  C  CG1   . VAL A 1 59  ? 0.876   10.872  -2.166  1.00 31.82 ? 59  VAL A CG1   1 
ATOM   462  C  CG2   . VAL A 1 59  ? 0.546   10.150  -4.541  1.00 30.54 ? 59  VAL A CG2   1 
ATOM   463  N  N     . ASP A 1 60  ? 3.611   8.458   -1.185  1.00 27.89 ? 60  ASP A N     1 
ATOM   464  C  CA    . ASP A 1 60  ? 3.932   7.853   0.106   1.00 27.12 ? 60  ASP A CA    1 
ATOM   465  C  C     . ASP A 1 60  ? 3.456   8.804   1.206   1.00 26.58 ? 60  ASP A C     1 
ATOM   466  O  O     . ASP A 1 60  ? 4.175   9.721   1.598   1.00 28.38 ? 60  ASP A O     1 
ATOM   467  C  CB    . ASP A 1 60  ? 5.445   7.612   0.177   1.00 26.80 ? 60  ASP A CB    1 
ATOM   468  C  CG    . ASP A 1 60  ? 5.932   7.290   1.573   1.00 28.93 ? 60  ASP A CG    1 
ATOM   469  O  OD1   . ASP A 1 60  ? 5.222   6.585   2.321   1.00 28.61 ? 60  ASP A OD1   1 
ATOM   470  O  OD2   . ASP A 1 60  ? 7.047   7.738   1.915   1.00 29.59 ? 60  ASP A OD2   1 
ATOM   471  N  N     . THR A 1 61  ? 2.243   8.562   1.702   1.00 24.46 ? 61  THR A N     1 
ATOM   472  C  CA    . THR A 1 61  ? 1.611   9.411   2.713   1.00 23.38 ? 61  THR A CA    1 
ATOM   473  C  C     . THR A 1 61  ? 2.037   9.338   4.186   1.00 23.55 ? 61  THR A C     1 
ATOM   474  O  O     . THR A 1 61  ? 2.686   8.392   4.645   1.00 23.18 ? 61  THR A O     1 
ATOM   475  C  CB    . THR A 1 61  ? 0.089   9.244   2.660   1.00 22.25 ? 61  THR A CB    1 
ATOM   476  O  OG1   . THR A 1 61  ? -0.279  7.967   3.190   1.00 23.37 ? 61  THR A OG1   1 
ATOM   477  C  CG2   . THR A 1 61  ? -0.382  9.326   1.224   1.00 22.00 ? 61  THR A CG2   1 
ATOM   478  N  N     . ALA A 1 62  ? 1.641   10.376  4.915   1.00 23.51 ? 62  ALA A N     1 
ATOM   479  C  CA    . ALA A 1 62  ? 1.946   10.510  6.326   1.00 24.56 ? 62  ALA A CA    1 
ATOM   480  C  C     . ALA A 1 62  ? 1.073   9.566   7.135   1.00 26.70 ? 62  ALA A C     1 
ATOM   481  O  O     . ALA A 1 62  ? -0.138  9.463   6.899   1.00 28.35 ? 62  ALA A O     1 
ATOM   482  C  CB    . ALA A 1 62  ? 1.711   11.954  6.769   1.00 21.37 ? 62  ALA A CB    1 
ATOM   483  N  N     . GLY A 1 63  ? 1.695   8.876   8.089   1.00 28.33 ? 63  GLY A N     1 
ATOM   484  C  CA    . GLY A 1 63  ? 0.965   7.948   8.931   1.00 29.24 ? 63  GLY A CA    1 
ATOM   485  C  C     . GLY A 1 63  ? -0.318  8.545   9.479   1.00 30.30 ? 63  GLY A C     1 
ATOM   486  O  O     . GLY A 1 63  ? -0.392  9.737   9.783   1.00 30.53 ? 63  GLY A O     1 
ATOM   487  N  N     . GLN A 1 64  ? -1.337  7.705   9.594   1.00 30.28 ? 64  GLN A N     1 
ATOM   488  C  CA    . GLN A 1 64  ? -2.629  8.116   10.115  1.00 29.66 ? 64  GLN A CA    1 
ATOM   489  C  C     . GLN A 1 64  ? -3.013  7.194   11.261  1.00 30.53 ? 64  GLN A C     1 
ATOM   490  O  O     . GLN A 1 64  ? -2.488  6.088   11.372  1.00 30.09 ? 64  GLN A O     1 
ATOM   491  C  CB    . GLN A 1 64  ? -3.688  8.016   9.014   1.00 27.02 ? 64  GLN A CB    1 
ATOM   492  C  CG    . GLN A 1 64  ? -3.647  9.129   8.008   1.00 27.49 ? 64  GLN A CG    1 
ATOM   493  C  CD    . GLN A 1 64  ? -4.586  8.896   6.843   1.00 28.58 ? 64  GLN A CD    1 
ATOM   494  O  OE1   . GLN A 1 64  ? -5.748  8.523   7.022   1.00 28.96 ? 64  GLN A OE1   1 
ATOM   495  N  NE2   . GLN A 1 64  ? -4.085  9.126   5.638   1.00 29.19 ? 64  GLN A NE2   1 
ATOM   496  N  N     . ASP A 1 65  ? -3.912  7.657   12.128  1.00 31.35 ? 65  ASP A N     1 
ATOM   497  C  CA    . ASP A 1 65  ? -4.391  6.814   13.211  1.00 34.38 ? 65  ASP A CA    1 
ATOM   498  C  C     . ASP A 1 65  ? -5.916  6.854   13.227  1.00 36.02 ? 65  ASP A C     1 
ATOM   499  O  O     . ASP A 1 65  ? -6.535  7.633   12.496  1.00 37.06 ? 65  ASP A O     1 
ATOM   500  C  CB    . ASP A 1 65  ? -3.806  7.224   14.573  1.00 34.64 ? 65  ASP A CB    1 
ATOM   501  C  CG    . ASP A 1 65  ? -4.365  8.520   15.096  1.00 34.00 ? 65  ASP A CG    1 
ATOM   502  O  OD1   . ASP A 1 65  ? -5.580  8.762   14.953  1.00 33.19 ? 65  ASP A OD1   1 
ATOM   503  O  OD2   . ASP A 1 65  ? -3.579  9.291   15.676  1.00 34.61 ? 65  ASP A OD2   1 
ATOM   504  N  N     . GLU A 1 66  ? -6.519  6.013   14.059  1.00 37.26 ? 66  GLU A N     1 
ATOM   505  C  CA    . GLU A 1 66  ? -7.973  5.919   14.141  1.00 38.14 ? 66  GLU A CA    1 
ATOM   506  C  C     . GLU A 1 66  ? -8.744  7.236   14.266  1.00 37.61 ? 66  GLU A C     1 
ATOM   507  O  O     . GLU A 1 66  ? -9.932  7.291   13.955  1.00 38.53 ? 66  GLU A O     1 
ATOM   508  C  CB    . GLU A 1 66  ? -8.384  4.970   15.283  1.00 38.73 ? 66  GLU A CB    1 
ATOM   509  C  CG    . GLU A 1 66  ? -8.099  5.465   16.702  1.00 38.53 ? 66  GLU A CG    1 
ATOM   510  C  CD    . GLU A 1 66  ? -6.684  5.165   17.171  1.00 39.78 ? 66  GLU A CD    1 
ATOM   511  O  OE1   . GLU A 1 66  ? -5.725  5.815   16.692  1.00 39.31 ? 66  GLU A OE1   1 
ATOM   512  O  OE2   . GLU A 1 66  ? -6.536  4.268   18.026  1.00 38.49 ? 66  GLU A OE2   1 
ATOM   513  N  N     . TYR A 1 67  ? -8.090  8.299   14.702  1.00 37.01 ? 67  TYR A N     1 
ATOM   514  C  CA    . TYR A 1 67  ? -8.811  9.547   14.857  1.00 38.46 ? 67  TYR A CA    1 
ATOM   515  C  C     . TYR A 1 67  ? -8.587  10.508  13.715  1.00 39.39 ? 67  TYR A C     1 
ATOM   516  O  O     . TYR A 1 67  ? -9.473  11.296  13.397  1.00 41.09 ? 67  TYR A O     1 
ATOM   517  C  CB    . TYR A 1 67  ? -8.428  10.244  16.164  1.00 40.24 ? 67  TYR A CB    1 
ATOM   518  C  CG    . TYR A 1 67  ? -8.546  9.391   17.407  1.00 41.45 ? 67  TYR A CG    1 
ATOM   519  C  CD1   . TYR A 1 67  ? -7.405  8.916   18.057  1.00 42.38 ? 67  TYR A CD1   1 
ATOM   520  C  CD2   . TYR A 1 67  ? -9.794  9.086   17.951  1.00 42.14 ? 67  TYR A CD2   1 
ATOM   521  C  CE1   . TYR A 1 67  ? -7.500  8.165   19.228  1.00 44.33 ? 67  TYR A CE1   1 
ATOM   522  C  CE2   . TYR A 1 67  ? -9.901  8.333   19.124  1.00 43.71 ? 67  TYR A CE2   1 
ATOM   523  C  CZ    . TYR A 1 67  ? -8.749  7.881   19.755  1.00 44.35 ? 67  TYR A CZ    1 
ATOM   524  O  OH    . TYR A 1 67  ? -8.842  7.175   20.927  1.00 45.67 ? 67  TYR A OH    1 
ATOM   525  N  N     . SER A 1 68  ? -7.410  10.461  13.101  1.00 39.76 ? 68  SER A N     1 
ATOM   526  C  CA    . SER A 1 68  ? -7.117  11.377  11.999  1.00 38.16 ? 68  SER A CA    1 
ATOM   527  C  C     . SER A 1 68  ? -8.136  11.297  10.882  1.00 37.00 ? 68  SER A C     1 
ATOM   528  O  O     . SER A 1 68  ? -8.661  10.234  10.562  1.00 36.47 ? 68  SER A O     1 
ATOM   529  C  CB    . SER A 1 68  ? -5.708  11.145  11.436  1.00 37.26 ? 68  SER A CB    1 
ATOM   530  O  OG    . SER A 1 68  ? -5.477  9.781   11.159  1.00 37.36 ? 68  SER A OG    1 
ATOM   531  N  N     . ILE A 1 69  ? -8.412  12.454  10.308  1.00 38.54 ? 69  ILE A N     1 
ATOM   532  C  CA    . ILE A 1 69  ? -9.366  12.589  9.223   1.00 41.02 ? 69  ILE A CA    1 
ATOM   533  C  C     . ILE A 1 69  ? -8.675  12.240  7.910   1.00 41.75 ? 69  ILE A C     1 
ATOM   534  O  O     . ILE A 1 69  ? -7.555  12.695  7.650   1.00 42.18 ? 69  ILE A O     1 
ATOM   535  C  CB    . ILE A 1 69  ? -9.904  14.047  9.178   1.00 42.64 ? 69  ILE A CB    1 
ATOM   536  C  CG1   . ILE A 1 69  ? -10.724 14.285  7.912   1.00 43.15 ? 69  ILE A CG1   1 
ATOM   537  C  CG2   . ILE A 1 69  ? -8.733  15.032  9.255   1.00 41.71 ? 69  ILE A CG2   1 
ATOM   538  C  CD1   . ILE A 1 69  ? -9.886  14.712  6.725   1.00 45.28 ? 69  ILE A CD1   1 
ATOM   539  N  N     . PHE A 1 70  ? -9.346  11.433  7.089   1.00 41.93 ? 70  PHE A N     1 
ATOM   540  C  CA    . PHE A 1 70  ? -8.807  11.014  5.794   1.00 41.72 ? 70  PHE A CA    1 
ATOM   541  C  C     . PHE A 1 70  ? -8.820  12.177  4.798   1.00 41.60 ? 70  PHE A C     1 
ATOM   542  O  O     . PHE A 1 70  ? -9.879  12.670  4.416   1.00 41.17 ? 70  PHE A O     1 
ATOM   543  C  CB    . PHE A 1 70  ? -9.634  9.846   5.246   1.00 41.19 ? 70  PHE A CB    1 
ATOM   544  C  CG    . PHE A 1 70  ? -9.053  9.207   4.019   1.00 39.34 ? 70  PHE A CG    1 
ATOM   545  C  CD1   . PHE A 1 70  ? -8.761  7.851   4.006   1.00 38.89 ? 70  PHE A CD1   1 
ATOM   546  C  CD2   . PHE A 1 70  ? -8.807  9.953   2.875   1.00 37.89 ? 70  PHE A CD2   1 
ATOM   547  C  CE1   . PHE A 1 70  ? -8.236  7.249   2.877   1.00 37.57 ? 70  PHE A CE1   1 
ATOM   548  C  CE2   . PHE A 1 70  ? -8.283  9.361   1.744   1.00 37.59 ? 70  PHE A CE2   1 
ATOM   549  C  CZ    . PHE A 1 70  ? -7.996  8.006   1.745   1.00 38.18 ? 70  PHE A CZ    1 
ATOM   550  N  N     . PRO A 1 71  ? -7.632  12.616  4.357   1.00 42.11 ? 71  PRO A N     1 
ATOM   551  C  CA    . PRO A 1 71  ? -7.390  13.716  3.408   1.00 43.72 ? 71  PRO A CA    1 
ATOM   552  C  C     . PRO A 1 71  ? -8.074  13.614  2.037   1.00 44.91 ? 71  PRO A C     1 
ATOM   553  O  O     . PRO A 1 71  ? -7.953  12.606  1.346   1.00 45.57 ? 71  PRO A O     1 
ATOM   554  C  CB    . PRO A 1 71  ? -5.866  13.740  3.300   1.00 43.75 ? 71  PRO A CB    1 
ATOM   555  C  CG    . PRO A 1 71  ? -5.474  12.337  3.621   1.00 43.43 ? 71  PRO A CG    1 
ATOM   556  C  CD    . PRO A 1 71  ? -6.365  11.989  4.764   1.00 42.18 ? 71  PRO A CD    1 
ATOM   557  N  N     . GLN A 1 72  ? -8.769  14.678  1.637   1.00 45.80 ? 72  GLN A N     1 
ATOM   558  C  CA    . GLN A 1 72  ? -9.487  14.691  0.365   1.00 47.02 ? 72  GLN A CA    1 
ATOM   559  C  C     . GLN A 1 72  ? -8.714  14.570  -0.937  1.00 48.28 ? 72  GLN A C     1 
ATOM   560  O  O     . GLN A 1 72  ? -9.270  14.094  -1.921  1.00 50.24 ? 72  GLN A O     1 
ATOM   561  C  CB    . GLN A 1 72  ? -10.376 15.922  0.257   1.00 46.22 ? 72  GLN A CB    1 
ATOM   562  C  CG    . GLN A 1 72  ? -11.792 15.643  0.674   1.00 47.50 ? 72  GLN A CG    1 
ATOM   563  C  CD    . GLN A 1 72  ? -12.808 16.445  -0.108  1.00 46.15 ? 72  GLN A CD    1 
ATOM   564  O  OE1   . GLN A 1 72  ? -12.871 17.669  0.001   1.00 46.51 ? 72  GLN A OE1   1 
ATOM   565  N  NE2   . GLN A 1 72  ? -13.613 15.753  -0.905  1.00 44.36 ? 72  GLN A NE2   1 
ATOM   566  N  N     . THR A 1 73  ? -7.460  15.012  -0.977  1.00 48.50 ? 73  THR A N     1 
ATOM   567  C  CA    . THR A 1 73  ? -6.701  14.906  -2.222  1.00 48.07 ? 73  THR A CA    1 
ATOM   568  C  C     . THR A 1 73  ? -6.253  13.475  -2.489  1.00 47.62 ? 73  THR A C     1 
ATOM   569  O  O     . THR A 1 73  ? -5.728  13.175  -3.564  1.00 48.65 ? 73  THR A O     1 
ATOM   570  C  CB    . THR A 1 73  ? -5.472  15.804  -2.212  1.00 48.05 ? 73  THR A CB    1 
ATOM   571  O  OG1   . THR A 1 73  ? -4.608  15.408  -1.145  1.00 49.89 ? 73  THR A OG1   1 
ATOM   572  C  CG2   . THR A 1 73  ? -5.882  17.253  -2.033  1.00 49.02 ? 73  THR A CG2   1 
ATOM   573  N  N     . TYR A 1 74  ? -6.447  12.604  -1.499  1.00 46.21 ? 74  TYR A N     1 
ATOM   574  C  CA    . TYR A 1 74  ? -6.108  11.189  -1.628  1.00 44.69 ? 74  TYR A CA    1 
ATOM   575  C  C     . TYR A 1 74  ? -7.421  10.512  -1.927  1.00 44.94 ? 74  TYR A C     1 
ATOM   576  O  O     . TYR A 1 74  ? -7.477  9.307   -2.152  1.00 44.79 ? 74  TYR A O     1 
ATOM   577  C  CB    . TYR A 1 74  ? -5.526  10.635  -0.327  1.00 42.28 ? 74  TYR A CB    1 
ATOM   578  C  CG    . TYR A 1 74  ? -4.162  11.195  0.008   1.00 40.99 ? 74  TYR A CG    1 
ATOM   579  C  CD1   . TYR A 1 74  ? -3.706  11.224  1.325   1.00 39.88 ? 74  TYR A CD1   1 
ATOM   580  C  CD2   . TYR A 1 74  ? -3.342  11.733  -0.985  1.00 36.76 ? 74  TYR A CD2   1 
ATOM   581  C  CE1   . TYR A 1 74  ? -2.477  11.782  1.644   1.00 37.14 ? 74  TYR A CE1   1 
ATOM   582  C  CE2   . TYR A 1 74  ? -2.113  12.286  -0.674  1.00 35.05 ? 74  TYR A CE2   1 
ATOM   583  C  CZ    . TYR A 1 74  ? -1.690  12.309  0.636   1.00 35.45 ? 74  TYR A CZ    1 
ATOM   584  O  OH    . TYR A 1 74  ? -0.474  12.854  0.946   1.00 35.71 ? 74  TYR A OH    1 
ATOM   585  N  N     . SER A 1 75  ? -8.473  11.328  -1.935  1.00 45.60 ? 75  SER A N     1 
ATOM   586  C  CA    . SER A 1 75  ? -9.836  10.882  -2.203  1.00 46.43 ? 75  SER A CA    1 
ATOM   587  C  C     . SER A 1 75  ? -10.186 10.960  -3.693  1.00 45.85 ? 75  SER A C     1 
ATOM   588  O  O     . SER A 1 75  ? -11.091 10.268  -4.159  1.00 45.88 ? 75  SER A O     1 
ATOM   589  C  CB    . SER A 1 75  ? -10.825 11.730  -1.387  1.00 47.30 ? 75  SER A CB    1 
ATOM   590  O  OG    . SER A 1 75  ? -12.172 11.353  -1.617  1.00 48.11 ? 75  SER A OG    1 
ATOM   591  N  N     . ILE A 1 76  ? -9.471  11.794  -4.445  1.00 45.43 ? 76  ILE A N     1 
ATOM   592  C  CA    . ILE A 1 76  ? -9.756  11.923  -5.871  1.00 45.72 ? 76  ILE A CA    1 
ATOM   593  C  C     . ILE A 1 76  ? -8.515  11.851  -6.748  1.00 45.48 ? 76  ILE A C     1 
ATOM   594  O  O     . ILE A 1 76  ? -7.420  12.281  -6.358  1.00 43.89 ? 76  ILE A O     1 
ATOM   595  C  CB    . ILE A 1 76  ? -10.480 13.260  -6.203  1.00 46.92 ? 76  ILE A CB    1 
ATOM   596  C  CG1   . ILE A 1 76  ? -9.458  14.388  -6.375  1.00 46.19 ? 76  ILE A CG1   1 
ATOM   597  C  CG2   . ILE A 1 76  ? -11.467 13.624  -5.087  1.00 47.48 ? 76  ILE A CG2   1 
ATOM   598  C  CD1   . ILE A 1 76  ? -8.694  14.729  -5.117  1.00 48.16 ? 76  ILE A CD1   1 
ATOM   599  N  N     . ASP A 1 77  ? -8.703  11.295  -7.943  1.00 45.28 ? 77  ASP A N     1 
ATOM   600  C  CA    . ASP A 1 77  ? -7.633  11.176  -8.925  1.00 44.79 ? 77  ASP A CA    1 
ATOM   601  C  C     . ASP A 1 77  ? -6.473  10.253  -8.569  1.00 41.47 ? 77  ASP A C     1 
ATOM   602  O  O     . ASP A 1 77  ? -5.326  10.549  -8.885  1.00 42.48 ? 77  ASP A O     1 
ATOM   603  C  CB    . ASP A 1 77  ? -7.096  12.576  -9.272  1.00 48.90 ? 77  ASP A CB    1 
ATOM   604  C  CG    . ASP A 1 77  ? -8.047  13.364  -10.184 1.00 52.28 ? 77  ASP A CG    1 
ATOM   605  O  OD1   . ASP A 1 77  ? -9.254  13.475  -9.870  1.00 54.25 ? 77  ASP A OD1   1 
ATOM   606  O  OD2   . ASP A 1 77  ? -7.579  13.878  -11.221 1.00 52.63 ? 77  ASP A OD2   1 
ATOM   607  N  N     . ILE A 1 78  ? -6.776  9.135   -7.916  1.00 37.98 ? 78  ILE A N     1 
ATOM   608  C  CA    . ILE A 1 78  ? -5.769  8.144   -7.546  1.00 34.95 ? 78  ILE A CA    1 
ATOM   609  C  C     . ILE A 1 78  ? -6.278  6.825   -8.104  1.00 33.54 ? 78  ILE A C     1 
ATOM   610  O  O     . ILE A 1 78  ? -7.390  6.411   -7.803  1.00 34.29 ? 78  ILE A O     1 
ATOM   611  C  CB    . ILE A 1 78  ? -5.596  8.068   -6.014  1.00 34.87 ? 78  ILE A CB    1 
ATOM   612  C  CG1   . ILE A 1 78  ? -4.693  9.211   -5.566  1.00 34.40 ? 78  ILE A CG1   1 
ATOM   613  C  CG2   . ILE A 1 78  ? -5.001  6.732   -5.594  1.00 33.49 ? 78  ILE A CG2   1 
ATOM   614  C  CD1   . ILE A 1 78  ? -4.510  9.287   -4.090  1.00 35.56 ? 78  ILE A CD1   1 
ATOM   615  N  N     . ASN A 1 79  ? -5.466  6.164   -8.915  1.00 31.61 ? 79  ASN A N     1 
ATOM   616  C  CA    . ASN A 1 79  ? -5.892  4.931   -9.552  1.00 31.22 ? 79  ASN A CA    1 
ATOM   617  C  C     . ASN A 1 79  ? -5.847  3.689   -8.698  1.00 30.84 ? 79  ASN A C     1 
ATOM   618  O  O     . ASN A 1 79  ? -6.512  2.705   -9.015  1.00 31.24 ? 79  ASN A O     1 
ATOM   619  C  CB    . ASN A 1 79  ? -5.076  4.698   -10.821 1.00 33.19 ? 79  ASN A CB    1 
ATOM   620  C  CG    . ASN A 1 79  ? -4.959  5.944   -11.662 1.00 33.02 ? 79  ASN A CG    1 
ATOM   621  O  OD1   . ASN A 1 79  ? -5.961  6.545   -12.040 1.00 34.55 ? 79  ASN A OD1   1 
ATOM   622  N  ND2   . ASN A 1 79  ? -3.735  6.342   -11.958 1.00 32.27 ? 79  ASN A ND2   1 
ATOM   623  N  N     . GLY A 1 80  ? -5.072  3.712   -7.621  1.00 30.63 ? 80  GLY A N     1 
ATOM   624  C  CA    . GLY A 1 80  ? -4.992  2.531   -6.778  1.00 29.53 ? 80  GLY A CA    1 
ATOM   625  C  C     . GLY A 1 80  ? -4.455  2.790   -5.392  1.00 28.21 ? 80  GLY A C     1 
ATOM   626  O  O     . GLY A 1 80  ? -3.581  3.635   -5.193  1.00 29.47 ? 80  GLY A O     1 
ATOM   627  N  N     . TYR A 1 81  ? -4.961  2.042   -4.423  1.00 27.00 ? 81  TYR A N     1 
ATOM   628  C  CA    . TYR A 1 81  ? -4.537  2.229   -3.049  1.00 25.80 ? 81  TYR A CA    1 
ATOM   629  C  C     . TYR A 1 81  ? -3.852  1.025   -2.475  1.00 25.22 ? 81  TYR A C     1 
ATOM   630  O  O     . TYR A 1 81  ? -4.277  -0.105  -2.688  1.00 26.72 ? 81  TYR A O     1 
ATOM   631  C  CB    . TYR A 1 81  ? -5.727  2.550   -2.148  1.00 25.46 ? 81  TYR A CB    1 
ATOM   632  C  CG    . TYR A 1 81  ? -6.471  3.799   -2.513  1.00 29.23 ? 81  TYR A CG    1 
ATOM   633  C  CD1   . TYR A 1 81  ? -7.452  3.790   -3.506  1.00 33.31 ? 81  TYR A CD1   1 
ATOM   634  C  CD2   . TYR A 1 81  ? -6.207  4.993   -1.863  1.00 32.09 ? 81  TYR A CD2   1 
ATOM   635  C  CE1   . TYR A 1 81  ? -8.150  4.946   -3.837  1.00 35.94 ? 81  TYR A CE1   1 
ATOM   636  C  CE2   . TYR A 1 81  ? -6.896  6.155   -2.184  1.00 36.42 ? 81  TYR A CE2   1 
ATOM   637  C  CZ    . TYR A 1 81  ? -7.866  6.127   -3.173  1.00 38.03 ? 81  TYR A CZ    1 
ATOM   638  O  OH    . TYR A 1 81  ? -8.533  7.287   -3.498  1.00 39.89 ? 81  TYR A OH    1 
ATOM   639  N  N     . ILE A 1 82  ? -2.780  1.277   -1.742  1.00 24.58 ? 82  ILE A N     1 
ATOM   640  C  CA    . ILE A 1 82  ? -2.067  0.218   -1.065  1.00 24.80 ? 82  ILE A CA    1 
ATOM   641  C  C     . ILE A 1 82  ? -2.256  0.523   0.417   1.00 26.16 ? 82  ILE A C     1 
ATOM   642  O  O     . ILE A 1 82  ? -1.725  1.515   0.916   1.00 26.60 ? 82  ILE A O     1 
ATOM   643  C  CB    . ILE A 1 82  ? -0.574  0.238   -1.385  1.00 23.93 ? 82  ILE A CB    1 
ATOM   644  C  CG1   . ILE A 1 82  ? -0.355  -0.079  -2.861  1.00 23.81 ? 82  ILE A CG1   1 
ATOM   645  C  CG2   . ILE A 1 82  ? 0.149   -0.772  -0.507  1.00 23.11 ? 82  ILE A CG2   1 
ATOM   646  C  CD1   . ILE A 1 82  ? 1.092   -0.007  -3.288  1.00 23.21 ? 82  ILE A CD1   1 
ATOM   647  N  N     . LEU A 1 83  ? -3.049  -0.293  1.107   1.00 26.97 ? 83  LEU A N     1 
ATOM   648  C  CA    . LEU A 1 83  ? -3.270  -0.107  2.544   1.00 27.84 ? 83  LEU A CA    1 
ATOM   649  C  C     . LEU A 1 83  ? -2.357  -1.091  3.264   1.00 27.88 ? 83  LEU A C     1 
ATOM   650  O  O     . LEU A 1 83  ? -2.614  -2.294  3.259   1.00 27.75 ? 83  LEU A O     1 
ATOM   651  C  CB    . LEU A 1 83  ? -4.729  -0.394  2.922   1.00 28.76 ? 83  LEU A CB    1 
ATOM   652  C  CG    . LEU A 1 83  ? -5.837  0.442   2.274   1.00 29.83 ? 83  LEU A CG    1 
ATOM   653  C  CD1   . LEU A 1 83  ? -7.151  0.251   3.035   1.00 25.28 ? 83  LEU A CD1   1 
ATOM   654  C  CD2   . LEU A 1 83  ? -5.424  1.907   2.284   1.00 31.60 ? 83  LEU A CD2   1 
ATOM   655  N  N     . VAL A 1 84  ? -1.291  -0.587  3.882   1.00 27.34 ? 84  VAL A N     1 
ATOM   656  C  CA    . VAL A 1 84  ? -0.342  -1.456  4.566   1.00 26.88 ? 84  VAL A CA    1 
ATOM   657  C  C     . VAL A 1 84  ? -0.338  -1.341  6.086   1.00 27.40 ? 84  VAL A C     1 
ATOM   658  O  O     . VAL A 1 84  ? -0.611  -0.277  6.635   1.00 29.62 ? 84  VAL A O     1 
ATOM   659  C  CB    . VAL A 1 84  ? 1.109   -1.239  3.999   1.00 25.49 ? 84  VAL A CB    1 
ATOM   660  C  CG1   . VAL A 1 84  ? 1.263   0.153   3.455   1.00 24.15 ? 84  VAL A CG1   1 
ATOM   661  C  CG2   . VAL A 1 84  ? 2.140   -1.476  5.074   1.00 24.73 ? 84  VAL A CG2   1 
ATOM   662  N  N     . TYR A 1 85  ? -0.041  -2.457  6.752   1.00 27.88 ? 85  TYR A N     1 
ATOM   663  C  CA    . TYR A 1 85  ? 0.030   -2.523  8.214   1.00 29.06 ? 85  TYR A CA    1 
ATOM   664  C  C     . TYR A 1 85  ? 1.230   -3.386  8.606   1.00 29.63 ? 85  TYR A C     1 
ATOM   665  O  O     . TYR A 1 85  ? 1.824   -4.046  7.752   1.00 29.85 ? 85  TYR A O     1 
ATOM   666  C  CB    . TYR A 1 85  ? -1.259  -3.128  8.787   1.00 29.83 ? 85  TYR A CB    1 
ATOM   667  C  CG    . TYR A 1 85  ? -1.471  -4.600  8.473   1.00 30.18 ? 85  TYR A CG    1 
ATOM   668  C  CD1   . TYR A 1 85  ? -1.074  -5.584  9.373   1.00 30.07 ? 85  TYR A CD1   1 
ATOM   669  C  CD2   . TYR A 1 85  ? -2.076  -5.006  7.282   1.00 29.67 ? 85  TYR A CD2   1 
ATOM   670  C  CE1   . TYR A 1 85  ? -1.273  -6.941  9.099   1.00 30.89 ? 85  TYR A CE1   1 
ATOM   671  C  CE2   . TYR A 1 85  ? -2.280  -6.361  6.996   1.00 29.43 ? 85  TYR A CE2   1 
ATOM   672  C  CZ    . TYR A 1 85  ? -1.875  -7.326  7.910   1.00 30.46 ? 85  TYR A CZ    1 
ATOM   673  O  OH    . TYR A 1 85  ? -2.051  -8.674  7.646   1.00 31.89 ? 85  TYR A OH    1 
ATOM   674  N  N     . SER A 1 86  ? 1.586   -3.382  9.890   1.00 29.09 ? 86  SER A N     1 
ATOM   675  C  CA    . SER A 1 86  ? 2.725   -4.170  10.363  1.00 28.00 ? 86  SER A CA    1 
ATOM   676  C  C     . SER A 1 86  ? 2.312   -5.392  11.173  1.00 28.61 ? 86  SER A C     1 
ATOM   677  O  O     . SER A 1 86  ? 1.545   -5.287  12.131  1.00 29.79 ? 86  SER A O     1 
ATOM   678  C  CB    . SER A 1 86  ? 3.650   -3.301  11.206  1.00 28.09 ? 86  SER A CB    1 
ATOM   679  O  OG    . SER A 1 86  ? 4.742   -4.064  11.688  1.00 28.21 ? 86  SER A OG    1 
ATOM   680  N  N     . VAL A 1 87  ? 2.836   -6.555  10.794  1.00 28.65 ? 87  VAL A N     1 
ATOM   681  C  CA    . VAL A 1 87  ? 2.511   -7.804  11.480  1.00 28.34 ? 87  VAL A CA    1 
ATOM   682  C  C     . VAL A 1 87  ? 3.136   -7.891  12.870  1.00 29.75 ? 87  VAL A C     1 
ATOM   683  O  O     . VAL A 1 87  ? 3.057   -8.927  13.533  1.00 30.51 ? 87  VAL A O     1 
ATOM   684  C  CB    . VAL A 1 87  ? 2.966   -9.024  10.660  1.00 26.44 ? 87  VAL A CB    1 
ATOM   685  C  CG1   . VAL A 1 87  ? 2.318   -8.999  9.306   1.00 23.88 ? 87  VAL A CG1   1 
ATOM   686  C  CG2   . VAL A 1 87  ? 4.477   -9.030  10.524  1.00 24.96 ? 87  VAL A CG2   1 
ATOM   687  N  N     . THR A 1 88  ? 3.779   -6.809  13.299  1.00 30.38 ? 88  THR A N     1 
ATOM   688  C  CA    . THR A 1 88  ? 4.394   -6.766  14.619  1.00 30.75 ? 88  THR A CA    1 
ATOM   689  C  C     . THR A 1 88  ? 3.595   -5.800  15.476  1.00 31.83 ? 88  THR A C     1 
ATOM   690  O  O     . THR A 1 88  ? 3.953   -5.537  16.622  1.00 32.68 ? 88  THR A O     1 
ATOM   691  C  CB    . THR A 1 88  ? 5.874   -6.302  14.565  1.00 29.90 ? 88  THR A CB    1 
ATOM   692  O  OG1   . THR A 1 88  ? 5.983   -5.068  13.844  1.00 30.18 ? 88  THR A OG1   1 
ATOM   693  C  CG2   . THR A 1 88  ? 6.728   -7.350  13.895  1.00 30.10 ? 88  THR A CG2   1 
ATOM   694  N  N     . SER A 1 89  ? 2.500   -5.294  14.909  1.00 32.46 ? 89  SER A N     1 
ATOM   695  C  CA    . SER A 1 89  ? 1.628   -4.348  15.598  1.00 33.82 ? 89  SER A CA    1 
ATOM   696  C  C     . SER A 1 89  ? 0.126   -4.641  15.459  1.00 34.78 ? 89  SER A C     1 
ATOM   697  O  O     . SER A 1 89  ? -0.436  -4.544  14.368  1.00 34.80 ? 89  SER A O     1 
ATOM   698  C  CB    . SER A 1 89  ? 1.904   -2.931  15.090  1.00 32.37 ? 89  SER A CB    1 
ATOM   699  O  OG    . SER A 1 89  ? 1.004   -1.999  15.672  1.00 32.96 ? 89  SER A OG    1 
ATOM   700  N  N     . ILE A 1 90  ? -0.515  -4.998  16.570  1.00 34.69 ? 90  ILE A N     1 
ATOM   701  C  CA    . ILE A 1 90  ? -1.950  -5.271  16.579  1.00 34.64 ? 90  ILE A CA    1 
ATOM   702  C  C     . ILE A 1 90  ? -2.658  -3.938  16.330  1.00 35.14 ? 90  ILE A C     1 
ATOM   703  O  O     . ILE A 1 90  ? -3.803  -3.897  15.880  1.00 35.33 ? 90  ILE A O     1 
ATOM   704  C  CB    . ILE A 1 90  ? -2.422  -5.810  17.964  1.00 35.93 ? 90  ILE A CB    1 
ATOM   705  C  CG1   . ILE A 1 90  ? -1.844  -7.202  18.230  1.00 37.23 ? 90  ILE A CG1   1 
ATOM   706  C  CG2   . ILE A 1 90  ? -3.946  -5.852  18.024  1.00 36.31 ? 90  ILE A CG2   1 
ATOM   707  C  CD1   . ILE A 1 90  ? -2.452  -8.310  17.382  1.00 39.44 ? 90  ILE A CD1   1 
ATOM   708  N  N     . LYS A 1 91  ? -1.961  -2.845  16.627  1.00 34.45 ? 91  LYS A N     1 
ATOM   709  C  CA    . LYS A 1 91  ? -2.530  -1.519  16.461  1.00 34.11 ? 91  LYS A CA    1 
ATOM   710  C  C     . LYS A 1 91  ? -2.628  -1.079  15.003  1.00 33.94 ? 91  LYS A C     1 
ATOM   711  O  O     . LYS A 1 91  ? -3.646  -0.517  14.584  1.00 34.97 ? 91  LYS A O     1 
ATOM   712  C  CB    . LYS A 1 91  ? -1.719  -0.499  17.253  1.00 34.88 ? 91  LYS A CB    1 
ATOM   713  C  CG    . LYS A 1 91  ? -2.344  0.891   17.274  1.00 36.32 ? 91  LYS A CG    1 
ATOM   714  C  CD    . LYS A 1 91  ? -3.747  0.856   17.858  1.00 35.86 ? 91  LYS A CD    1 
ATOM   715  C  CE    . LYS A 1 91  ? -4.363  2.244   17.922  1.00 36.42 ? 91  LYS A CE    1 
ATOM   716  N  NZ    . LYS A 1 91  ? -5.730  2.206   18.522  1.00 35.62 ? 91  LYS A NZ    1 
ATOM   717  N  N     . SER A 1 92  ? -1.579  -1.325  14.225  1.00 31.44 ? 92  SER A N     1 
ATOM   718  C  CA    . SER A 1 92  ? -1.604  -0.944  12.818  1.00 29.72 ? 92  SER A CA    1 
ATOM   719  C  C     . SER A 1 92  ? -2.751  -1.657  12.105  1.00 30.19 ? 92  SER A C     1 
ATOM   720  O  O     . SER A 1 92  ? -3.408  -1.087  11.237  1.00 32.65 ? 92  SER A O     1 
ATOM   721  C  CB    . SER A 1 92  ? -0.282  -1.301  12.152  1.00 28.12 ? 92  SER A CB    1 
ATOM   722  O  OG    . SER A 1 92  ? -0.017  -2.681  12.273  1.00 28.30 ? 92  SER A OG    1 
ATOM   723  N  N     . PHE A 1 93  ? -2.987  -2.908  12.484  1.00 28.38 ? 93  PHE A N     1 
ATOM   724  C  CA    . PHE A 1 93  ? -4.045  -3.709  11.900  1.00 26.16 ? 93  PHE A CA    1 
ATOM   725  C  C     . PHE A 1 93  ? -5.407  -3.111  12.235  1.00 27.94 ? 93  PHE A C     1 
ATOM   726  O  O     . PHE A 1 93  ? -6.282  -3.037  11.379  1.00 29.37 ? 93  PHE A O     1 
ATOM   727  C  CB    . PHE A 1 93  ? -3.963  -5.127  12.442  1.00 24.36 ? 93  PHE A CB    1 
ATOM   728  C  CG    . PHE A 1 93  ? -4.778  -6.122  11.676  1.00 24.11 ? 93  PHE A CG    1 
ATOM   729  C  CD1   . PHE A 1 93  ? -4.471  -6.423  10.353  1.00 25.22 ? 93  PHE A CD1   1 
ATOM   730  C  CD2   . PHE A 1 93  ? -5.842  -6.781  12.283  1.00 24.07 ? 93  PHE A CD2   1 
ATOM   731  C  CE1   . PHE A 1 93  ? -5.213  -7.371  9.640   1.00 25.56 ? 93  PHE A CE1   1 
ATOM   732  C  CE2   . PHE A 1 93  ? -6.588  -7.726  11.585  1.00 25.10 ? 93  PHE A CE2   1 
ATOM   733  C  CZ    . PHE A 1 93  ? -6.269  -8.021  10.257  1.00 25.93 ? 93  PHE A CZ    1 
ATOM   734  N  N     . GLU A 1 94  ? -5.599  -2.693  13.482  1.00 28.74 ? 94  GLU A N     1 
ATOM   735  C  CA    . GLU A 1 94  ? -6.875  -2.103  13.878  1.00 29.18 ? 94  GLU A CA    1 
ATOM   736  C  C     . GLU A 1 94  ? -7.109  -0.797  13.122  1.00 29.93 ? 94  GLU A C     1 
ATOM   737  O  O     . GLU A 1 94  ? -8.204  -0.563  12.588  1.00 29.25 ? 94  GLU A O     1 
ATOM   738  C  CB    . GLU A 1 94  ? -6.890  -1.817  15.372  1.00 30.63 ? 94  GLU A CB    1 
ATOM   739  C  CG    . GLU A 1 94  ? -6.806  -3.038  16.238  1.00 36.48 ? 94  GLU A CG    1 
ATOM   740  C  CD    . GLU A 1 94  ? -6.596  -2.679  17.696  1.00 39.80 ? 94  GLU A CD    1 
ATOM   741  O  OE1   . GLU A 1 94  ? -6.626  -3.590  18.550  1.00 41.90 ? 94  GLU A OE1   1 
ATOM   742  O  OE2   . GLU A 1 94  ? -6.390  -1.483  17.984  1.00 41.63 ? 94  GLU A OE2   1 
ATOM   743  N  N     . VAL A 1 95  ? -6.074  0.049   13.082  1.00 29.41 ? 95  VAL A N     1 
ATOM   744  C  CA    . VAL A 1 95  ? -6.149  1.339   12.397  1.00 28.23 ? 95  VAL A CA    1 
ATOM   745  C  C     . VAL A 1 95  ? -6.406  1.196   10.899  1.00 27.97 ? 95  VAL A C     1 
ATOM   746  O  O     . VAL A 1 95  ? -7.147  1.982   10.321  1.00 27.83 ? 95  VAL A O     1 
ATOM   747  C  CB    . VAL A 1 95  ? -4.857  2.176   12.620  1.00 27.17 ? 95  VAL A CB    1 
ATOM   748  C  CG1   . VAL A 1 95  ? -4.740  3.263   11.574  1.00 27.32 ? 95  VAL A CG1   1 
ATOM   749  C  CG2   . VAL A 1 95  ? -4.897  2.825   13.982  1.00 26.90 ? 95  VAL A CG2   1 
ATOM   750  N  N     . ILE A 1 96  ? -5.813  0.191   10.268  1.00 27.39 ? 96  ILE A N     1 
ATOM   751  C  CA    . ILE A 1 96  ? -6.022  0.013   8.843   1.00 27.67 ? 96  ILE A CA    1 
ATOM   752  C  C     . ILE A 1 96  ? -7.503  -0.219  8.546   1.00 28.18 ? 96  ILE A C     1 
ATOM   753  O  O     . ILE A 1 96  ? -8.015  0.269   7.541   1.00 28.99 ? 96  ILE A O     1 
ATOM   754  C  CB    . ILE A 1 96  ? -5.175  -1.158  8.279   1.00 27.99 ? 96  ILE A CB    1 
ATOM   755  C  CG1   . ILE A 1 96  ? -5.017  -0.995  6.769   1.00 26.17 ? 96  ILE A CG1   1 
ATOM   756  C  CG2   . ILE A 1 96  ? -5.838  -2.484  8.562   1.00 29.07 ? 96  ILE A CG2   1 
ATOM   757  C  CD1   . ILE A 1 96  ? -4.342  0.303   6.386   1.00 26.37 ? 96  ILE A CD1   1 
ATOM   758  N  N     . LYS A 1 97  ? -8.197  -0.952  9.415   1.00 27.58 ? 97  LYS A N     1 
ATOM   759  C  CA    . LYS A 1 97  ? -9.624  -1.208  9.206   1.00 27.21 ? 97  LYS A CA    1 
ATOM   760  C  C     . LYS A 1 97  ? -10.386 0.114   9.174   1.00 27.56 ? 97  LYS A C     1 
ATOM   761  O  O     . LYS A 1 97  ? -11.327 0.278   8.396   1.00 28.40 ? 97  LYS A O     1 
ATOM   762  C  CB    . LYS A 1 97  ? -10.192 -2.090  10.319  1.00 26.56 ? 97  LYS A CB    1 
ATOM   763  C  CG    . LYS A 1 97  ? -9.567  -3.461  10.399  1.00 26.88 ? 97  LYS A CG    1 
ATOM   764  C  CD    . LYS A 1 97  ? -10.156 -4.284  11.520  1.00 24.38 ? 97  LYS A CD    1 
ATOM   765  C  CE    . LYS A 1 97  ? -9.494  -5.638  11.571  1.00 26.88 ? 97  LYS A CE    1 
ATOM   766  N  NZ    . LYS A 1 97  ? -10.075 -6.532  12.603  1.00 28.49 ? 97  LYS A NZ    1 
ATOM   767  N  N     . VAL A 1 98  ? -9.976  1.056   10.021  1.00 26.35 ? 98  VAL A N     1 
ATOM   768  C  CA    . VAL A 1 98  ? -10.622 2.362   10.078  1.00 25.57 ? 98  VAL A CA    1 
ATOM   769  C  C     . VAL A 1 98  ? -10.333 3.168   8.812   1.00 25.54 ? 98  VAL A C     1 
ATOM   770  O  O     . VAL A 1 98  ? -11.250 3.685   8.179   1.00 26.54 ? 98  VAL A O     1 
ATOM   771  C  CB    . VAL A 1 98  ? -10.138 3.179   11.295  1.00 25.84 ? 98  VAL A CB    1 
ATOM   772  C  CG1   . VAL A 1 98  ? -10.867 4.508   11.351  1.00 25.81 ? 98  VAL A CG1   1 
ATOM   773  C  CG2   . VAL A 1 98  ? -10.356 2.403   12.565  1.00 23.62 ? 98  VAL A CG2   1 
ATOM   774  N  N     . ILE A 1 99  ? -9.057  3.272   8.448   1.00 24.67 ? 99  ILE A N     1 
ATOM   775  C  CA    . ILE A 1 99  ? -8.650  4.011   7.260   1.00 23.40 ? 99  ILE A CA    1 
ATOM   776  C  C     . ILE A 1 99  ? -9.335  3.443   6.024   1.00 24.47 ? 99  ILE A C     1 
ATOM   777  O  O     . ILE A 1 99  ? -9.655  4.185   5.095   1.00 24.89 ? 99  ILE A O     1 
ATOM   778  C  CB    . ILE A 1 99  ? -7.118  3.952   7.050   1.00 21.71 ? 99  ILE A CB    1 
ATOM   779  C  CG1   . ILE A 1 99  ? -6.404  4.544   8.260   1.00 19.21 ? 99  ILE A CG1   1 
ATOM   780  C  CG2   . ILE A 1 99  ? -6.728  4.724   5.802   1.00 19.73 ? 99  ILE A CG2   1 
ATOM   781  C  CD1   . ILE A 1 99  ? -4.904  4.465   8.189   1.00 18.90 ? 99  ILE A CD1   1 
ATOM   782  N  N     . HIS A 1 100 ? -9.556  2.129   6.006   1.00 25.50 ? 100 HIS A N     1 
ATOM   783  C  CA    . HIS A 1 100 ? -10.215 1.498   4.862   1.00 26.33 ? 100 HIS A CA    1 
ATOM   784  C  C     . HIS A 1 100 ? -11.655 1.992   4.731   1.00 27.44 ? 100 HIS A C     1 
ATOM   785  O  O     . HIS A 1 100 ? -12.120 2.311   3.633   1.00 25.42 ? 100 HIS A O     1 
ATOM   786  C  CB    . HIS A 1 100 ? -10.220 -0.026  4.993   1.00 25.36 ? 100 HIS A CB    1 
ATOM   787  C  CG    . HIS A 1 100 ? -11.102 -0.701  3.989   1.00 27.97 ? 100 HIS A CG    1 
ATOM   788  N  ND1   . HIS A 1 100 ? -12.460 -0.845  4.170   1.00 28.69 ? 100 HIS A ND1   1 
ATOM   789  C  CD2   . HIS A 1 100 ? -10.831 -1.213  2.763   1.00 29.30 ? 100 HIS A CD2   1 
ATOM   790  C  CE1   . HIS A 1 100 ? -12.987 -1.418  3.101   1.00 29.02 ? 100 HIS A CE1   1 
ATOM   791  N  NE2   . HIS A 1 100 ? -12.020 -1.650  2.233   1.00 28.81 ? 100 HIS A NE2   1 
ATOM   792  N  N     . GLY A 1 101 ? -12.354 2.046   5.860   1.00 27.73 ? 101 GLY A N     1 
ATOM   793  C  CA    . GLY A 1 101 ? -13.722 2.510   5.855   1.00 28.65 ? 101 GLY A CA    1 
ATOM   794  C  C     . GLY A 1 101 ? -13.797 3.960   5.431   1.00 29.48 ? 101 GLY A C     1 
ATOM   795  O  O     . GLY A 1 101 ? -14.606 4.313   4.580   1.00 29.50 ? 101 GLY A O     1 
ATOM   796  N  N     . LYS A 1 102 ? -12.960 4.807   6.024   1.00 30.64 ? 102 LYS A N     1 
ATOM   797  C  CA    . LYS A 1 102 ? -12.961 6.219   5.671   1.00 31.59 ? 102 LYS A CA    1 
ATOM   798  C  C     . LYS A 1 102 ? -12.710 6.358   4.175   1.00 33.43 ? 102 LYS A C     1 
ATOM   799  O  O     . LYS A 1 102 ? -13.420 7.099   3.490   1.00 35.26 ? 102 LYS A O     1 
ATOM   800  C  CB    . LYS A 1 102 ? -11.897 6.975   6.467   1.00 29.96 ? 102 LYS A CB    1 
ATOM   801  C  CG    . LYS A 1 102 ? -12.200 7.025   7.952   1.00 29.98 ? 102 LYS A CG    1 
ATOM   802  C  CD    . LYS A 1 102 ? -11.101 7.714   8.744   1.00 31.64 ? 102 LYS A CD    1 
ATOM   803  C  CE    . LYS A 1 102 ? -11.395 7.655   10.242  1.00 30.95 ? 102 LYS A CE    1 
ATOM   804  N  NZ    . LYS A 1 102 ? -10.192 8.031   11.033  1.00 33.20 ? 102 LYS A NZ    1 
ATOM   805  N  N     . LEU A 1 103 ? -11.716 5.631   3.668   1.00 34.04 ? 103 LEU A N     1 
ATOM   806  C  CA    . LEU A 1 103 ? -11.395 5.672   2.246   1.00 33.10 ? 103 LEU A CA    1 
ATOM   807  C  C     . LEU A 1 103 ? -12.621 5.376   1.397   1.00 33.06 ? 103 LEU A C     1 
ATOM   808  O  O     . LEU A 1 103 ? -12.952 6.160   0.518   1.00 32.46 ? 103 LEU A O     1 
ATOM   809  C  CB    . LEU A 1 103 ? -10.296 4.669   1.916   1.00 34.42 ? 103 LEU A CB    1 
ATOM   810  C  CG    . LEU A 1 103 ? -9.996  4.434   0.431   1.00 34.50 ? 103 LEU A CG    1 
ATOM   811  C  CD1   . LEU A 1 103 ? -9.769  5.740   -0.298  1.00 33.78 ? 103 LEU A CD1   1 
ATOM   812  C  CD2   . LEU A 1 103 ? -8.766  3.562   0.323   1.00 34.94 ? 103 LEU A CD2   1 
ATOM   813  N  N     . LEU A 1 104 ? -13.294 4.259   1.665   1.00 33.82 ? 104 LEU A N     1 
ATOM   814  C  CA    . LEU A 1 104 ? -14.491 3.892   0.908   1.00 37.52 ? 104 LEU A CA    1 
ATOM   815  C  C     . LEU A 1 104 ? -15.584 4.952   0.946   1.00 41.18 ? 104 LEU A C     1 
ATOM   816  O  O     . LEU A 1 104 ? -16.267 5.183   -0.054  1.00 41.99 ? 104 LEU A O     1 
ATOM   817  C  CB    . LEU A 1 104 ? -15.090 2.576   1.410   1.00 36.14 ? 104 LEU A CB    1 
ATOM   818  C  CG    . LEU A 1 104 ? -14.429 1.263   1.001   1.00 35.72 ? 104 LEU A CG    1 
ATOM   819  C  CD1   . LEU A 1 104 ? -15.314 0.102   1.411   1.00 34.15 ? 104 LEU A CD1   1 
ATOM   820  C  CD2   . LEU A 1 104 ? -14.218 1.245   -0.501  1.00 37.52 ? 104 LEU A CD2   1 
ATOM   821  N  N     . ASP A 1 105 ? -15.766 5.584   2.100   1.00 44.59 ? 105 ASP A N     1 
ATOM   822  C  CA    . ASP A 1 105 ? -16.790 6.611   2.223   1.00 48.18 ? 105 ASP A CA    1 
ATOM   823  C  C     . ASP A 1 105 ? -16.549 7.724   1.224   1.00 49.85 ? 105 ASP A C     1 
ATOM   824  O  O     . ASP A 1 105 ? -17.356 7.948   0.325   1.00 50.88 ? 105 ASP A O     1 
ATOM   825  C  CB    . ASP A 1 105 ? -16.811 7.204   3.637   1.00 49.95 ? 105 ASP A CB    1 
ATOM   826  C  CG    . ASP A 1 105 ? -17.413 6.258   4.656   1.00 52.83 ? 105 ASP A CG    1 
ATOM   827  O  OD1   . ASP A 1 105 ? -18.377 5.545   4.297   1.00 54.58 ? 105 ASP A OD1   1 
ATOM   828  O  OD2   . ASP A 1 105 ? -16.936 6.232   5.812   1.00 53.81 ? 105 ASP A OD2   1 
ATOM   829  N  N     . MET A 1 106 ? -15.426 8.414   1.381   1.00 50.63 ? 106 MET A N     1 
ATOM   830  C  CA    . MET A 1 106 ? -15.076 9.524   0.507   1.00 51.20 ? 106 MET A CA    1 
ATOM   831  C  C     . MET A 1 106 ? -15.067 9.195   -0.980  1.00 53.03 ? 106 MET A C     1 
ATOM   832  O  O     . MET A 1 106 ? -15.554 9.977   -1.797  1.00 53.33 ? 106 MET A O     1 
ATOM   833  C  CB    . MET A 1 106 ? -13.718 10.076  0.908   1.00 49.34 ? 106 MET A CB    1 
ATOM   834  C  CG    . MET A 1 106 ? -13.675 10.581  2.320   1.00 46.92 ? 106 MET A CG    1 
ATOM   835  S  SD    . MET A 1 106 ? -12.475 11.879  2.381   1.00 48.18 ? 106 MET A SD    1 
ATOM   836  C  CE    . MET A 1 106 ? -13.374 13.138  1.609   1.00 48.01 ? 106 MET A CE    1 
ATOM   837  N  N     . VAL A 1 107 ? -14.512 8.040   -1.326  1.00 55.26 ? 107 VAL A N     1 
ATOM   838  C  CA    . VAL A 1 107 ? -14.424 7.618   -2.718  1.00 56.35 ? 107 VAL A CA    1 
ATOM   839  C  C     . VAL A 1 107 ? -15.799 7.351   -3.344  1.00 57.40 ? 107 VAL A C     1 
ATOM   840  O  O     . VAL A 1 107 ? -15.905 7.051   -4.532  1.00 57.49 ? 107 VAL A O     1 
ATOM   841  C  CB    . VAL A 1 107 ? -13.561 6.351   -2.841  1.00 55.69 ? 107 VAL A CB    1 
ATOM   842  C  CG1   . VAL A 1 107 ? -14.394 5.115   -2.511  1.00 55.66 ? 107 VAL A CG1   1 
ATOM   843  C  CG2   . VAL A 1 107 ? -12.965 6.266   -4.227  1.00 56.93 ? 107 VAL A CG2   1 
ATOM   844  N  N     . GLY A 1 108 ? -16.852 7.454   -2.543  1.00 58.49 ? 108 GLY A N     1 
ATOM   845  C  CA    . GLY A 1 108 ? -18.188 7.229   -3.057  1.00 60.78 ? 108 GLY A CA    1 
ATOM   846  C  C     . GLY A 1 108 ? -18.356 5.880   -3.722  1.00 62.91 ? 108 GLY A C     1 
ATOM   847  O  O     . GLY A 1 108 ? -17.520 4.989   -3.568  1.00 62.86 ? 108 GLY A O     1 
ATOM   848  N  N     . LYS A 1 109 ? -19.447 5.732   -4.469  1.00 65.07 ? 109 LYS A N     1 
ATOM   849  C  CA    . LYS A 1 109 ? -19.743 4.484   -5.165  1.00 67.22 ? 109 LYS A CA    1 
ATOM   850  C  C     . LYS A 1 109 ? -18.885 4.318   -6.414  1.00 67.45 ? 109 LYS A C     1 
ATOM   851  O  O     . LYS A 1 109 ? -19.395 4.283   -7.531  1.00 68.27 ? 109 LYS A O     1 
ATOM   852  C  CB    . LYS A 1 109 ? -21.231 4.428   -5.544  1.00 68.55 ? 109 LYS A CB    1 
ATOM   853  C  CG    . LYS A 1 109 ? -21.774 5.681   -6.240  1.00 69.73 ? 109 LYS A CG    1 
ATOM   854  C  CD    . LYS A 1 109 ? -23.241 5.499   -6.650  1.00 70.31 ? 109 LYS A CD    1 
ATOM   855  C  CE    . LYS A 1 109 ? -23.884 6.818   -7.070  1.00 69.62 ? 109 LYS A CE    1 
ATOM   856  N  NZ    . LYS A 1 109 ? -23.108 7.511   -8.132  1.00 69.41 ? 109 LYS A NZ    1 
ATOM   857  N  N     . VAL A 1 110 ? -17.578 4.203   -6.226  1.00 67.04 ? 110 VAL A N     1 
ATOM   858  C  CA    . VAL A 1 110 ? -16.687 4.058   -7.361  1.00 65.63 ? 110 VAL A CA    1 
ATOM   859  C  C     . VAL A 1 110 ? -15.806 2.824   -7.257  1.00 65.46 ? 110 VAL A C     1 
ATOM   860  O  O     . VAL A 1 110 ? -15.315 2.476   -6.181  1.00 66.09 ? 110 VAL A O     1 
ATOM   861  C  CB    . VAL A 1 110 ? -15.797 5.297   -7.514  1.00 64.78 ? 110 VAL A CB    1 
ATOM   862  C  CG1   . VAL A 1 110 ? -14.990 5.201   -8.785  1.00 64.55 ? 110 VAL A CG1   1 
ATOM   863  C  CG2   . VAL A 1 110 ? -16.654 6.543   -7.521  1.00 63.85 ? 110 VAL A CG2   1 
ATOM   864  N  N     . GLN A 1 111 ? -15.617 2.167   -8.394  1.00 64.45 ? 111 GLN A N     1 
ATOM   865  C  CA    . GLN A 1 111 ? -14.797 0.971   -8.467  1.00 63.62 ? 111 GLN A CA    1 
ATOM   866  C  C     . GLN A 1 111 ? -13.321 1.334   -8.398  1.00 61.96 ? 111 GLN A C     1 
ATOM   867  O  O     . GLN A 1 111 ? -12.645 1.464   -9.423  1.00 62.47 ? 111 GLN A O     1 
ATOM   868  C  CB    . GLN A 1 111 ? -15.088 0.205   -9.762  1.00 66.37 ? 111 GLN A CB    1 
ATOM   869  C  CG    . GLN A 1 111 ? -16.510 -0.351  -9.859  1.00 69.61 ? 111 GLN A CG    1 
ATOM   870  C  CD    . GLN A 1 111 ? -16.837 -1.326  -8.738  1.00 71.08 ? 111 GLN A CD    1 
ATOM   871  O  OE1   . GLN A 1 111 ? -16.203 -2.376  -8.602  1.00 72.28 ? 111 GLN A OE1   1 
ATOM   872  N  NE2   . GLN A 1 111 ? -17.831 -0.980  -7.924  1.00 71.72 ? 111 GLN A NE2   1 
ATOM   873  N  N     . ILE A 1 112 ? -12.832 1.501   -7.177  1.00 59.26 ? 112 ILE A N     1 
ATOM   874  C  CA    . ILE A 1 112 ? -11.438 1.838   -6.943  1.00 55.94 ? 112 ILE A CA    1 
ATOM   875  C  C     . ILE A 1 112 ? -10.761 0.601   -6.332  1.00 52.39 ? 112 ILE A C     1 
ATOM   876  O  O     . ILE A 1 112 ? -11.251 0.043   -5.348  1.00 52.38 ? 112 ILE A O     1 
ATOM   877  C  CB    . ILE A 1 112 ? -11.344 3.055   -5.995  1.00 58.29 ? 112 ILE A CB    1 
ATOM   878  C  CG1   . ILE A 1 112 ? -9.935  3.638   -6.061  1.00 60.56 ? 112 ILE A CG1   1 
ATOM   879  C  CG2   . ILE A 1 112 ? -11.758 2.670   -4.573  1.00 57.97 ? 112 ILE A CG2   1 
ATOM   880  C  CD1   . ILE A 1 112 ? -9.604  4.248   -7.412  1.00 60.80 ? 112 ILE A CD1   1 
ATOM   881  N  N     . PRO A 1 113 ? -9.643  0.139   -6.925  1.00 48.86 ? 113 PRO A N     1 
ATOM   882  C  CA    . PRO A 1 113 ? -8.928  -1.043  -6.422  1.00 46.56 ? 113 PRO A CA    1 
ATOM   883  C  C     . PRO A 1 113 ? -8.098  -0.876  -5.152  1.00 43.79 ? 113 PRO A C     1 
ATOM   884  O  O     . PRO A 1 113 ? -7.130  -0.124  -5.119  1.00 43.73 ? 113 PRO A O     1 
ATOM   885  C  CB    . PRO A 1 113 ? -8.080  -1.470  -7.617  1.00 45.91 ? 113 PRO A CB    1 
ATOM   886  C  CG    . PRO A 1 113 ? -7.772  -0.179  -8.271  1.00 47.55 ? 113 PRO A CG    1 
ATOM   887  C  CD    . PRO A 1 113 ? -9.095  0.559   -8.225  1.00 48.03 ? 113 PRO A CD    1 
ATOM   888  N  N     . ILE A 1 114 ? -8.490  -1.608  -4.115  1.00 41.84 ? 114 ILE A N     1 
ATOM   889  C  CA    . ILE A 1 114 ? -7.812  -1.586  -2.824  1.00 39.92 ? 114 ILE A CA    1 
ATOM   890  C  C     . ILE A 1 114 ? -6.993  -2.853  -2.662  1.00 39.23 ? 114 ILE A C     1 
ATOM   891  O  O     . ILE A 1 114 ? -7.405  -3.926  -3.094  1.00 41.33 ? 114 ILE A O     1 
ATOM   892  C  CB    . ILE A 1 114 ? -8.826  -1.517  -1.652  1.00 39.10 ? 114 ILE A CB    1 
ATOM   893  C  CG1   . ILE A 1 114 ? -9.577  -0.195  -1.704  1.00 39.71 ? 114 ILE A CG1   1 
ATOM   894  C  CG2   . ILE A 1 114 ? -8.118  -1.647  -0.316  1.00 38.15 ? 114 ILE A CG2   1 
ATOM   895  C  CD1   . ILE A 1 114 ? -8.663  0.989   -1.840  1.00 41.39 ? 114 ILE A CD1   1 
ATOM   896  N  N     . MET A 1 115 ? -5.829  -2.725  -2.044  1.00 36.18 ? 115 MET A N     1 
ATOM   897  C  CA    . MET A 1 115 ? -4.972  -3.868  -1.807  1.00 34.31 ? 115 MET A CA    1 
ATOM   898  C  C     . MET A 1 115 ? -4.405  -3.773  -0.404  1.00 33.93 ? 115 MET A C     1 
ATOM   899  O  O     . MET A 1 115 ? -3.856  -2.742  -0.032  1.00 35.42 ? 115 MET A O     1 
ATOM   900  C  CB    . MET A 1 115 ? -3.837  -3.896  -2.817  1.00 33.77 ? 115 MET A CB    1 
ATOM   901  C  CG    . MET A 1 115 ? -2.527  -4.329  -2.206  1.00 34.30 ? 115 MET A CG    1 
ATOM   902  S  SD    . MET A 1 115 ? -1.274  -4.597  -3.425  1.00 36.61 ? 115 MET A SD    1 
ATOM   903  C  CE    . MET A 1 115 ? -0.985  -6.347  -3.141  1.00 34.32 ? 115 MET A CE    1 
ATOM   904  N  N     . LEU A 1 116 ? -4.538  -4.849  0.365   1.00 32.81 ? 116 LEU A N     1 
ATOM   905  C  CA    . LEU A 1 116 ? -4.052  -4.891  1.742   1.00 31.22 ? 116 LEU A CA    1 
ATOM   906  C  C     . LEU A 1 116 ? -2.693  -5.577  1.807   1.00 30.74 ? 116 LEU A C     1 
ATOM   907  O  O     . LEU A 1 116 ? -2.510  -6.643  1.217   1.00 31.63 ? 116 LEU A O     1 
ATOM   908  C  CB    . LEU A 1 116 ? -5.055  -5.641  2.615   1.00 30.49 ? 116 LEU A CB    1 
ATOM   909  C  CG    . LEU A 1 116 ? -4.661  -5.910  4.065   1.00 29.81 ? 116 LEU A CG    1 
ATOM   910  C  CD1   . LEU A 1 116 ? -4.599  -4.602  4.823   1.00 31.35 ? 116 LEU A CD1   1 
ATOM   911  C  CD2   . LEU A 1 116 ? -5.675  -6.846  4.700   1.00 28.78 ? 116 LEU A CD2   1 
ATOM   912  N  N     . VAL A 1 117 ? -1.748  -4.965  2.525   1.00 28.85 ? 117 VAL A N     1 
ATOM   913  C  CA    . VAL A 1 117 ? -0.391  -5.500  2.657   1.00 26.73 ? 117 VAL A CA    1 
ATOM   914  C  C     . VAL A 1 117 ? 0.039   -5.604  4.108   1.00 27.39 ? 117 VAL A C     1 
ATOM   915  O  O     . VAL A 1 117 ? -0.180  -4.692  4.893   1.00 29.07 ? 117 VAL A O     1 
ATOM   916  C  CB    . VAL A 1 117 ? 0.652   -4.613  1.916   1.00 24.06 ? 117 VAL A CB    1 
ATOM   917  C  CG1   . VAL A 1 117 ? 2.060   -5.070  2.246   1.00 21.39 ? 117 VAL A CG1   1 
ATOM   918  C  CG2   . VAL A 1 117 ? 0.424   -4.673  0.421   1.00 22.35 ? 117 VAL A CG2   1 
ATOM   919  N  N     . GLY A 1 118 ? 0.654   -6.725  4.458   1.00 28.63 ? 118 GLY A N     1 
ATOM   920  C  CA    . GLY A 1 118 ? 1.132   -6.927  5.814   1.00 29.79 ? 118 GLY A CA    1 
ATOM   921  C  C     . GLY A 1 118 ? 2.636   -6.807  5.759   1.00 30.67 ? 118 GLY A C     1 
ATOM   922  O  O     . GLY A 1 118 ? 3.310   -7.644  5.158   1.00 31.47 ? 118 GLY A O     1 
ATOM   923  N  N     . ASN A 1 119 ? 3.178   -5.772  6.381   1.00 30.39 ? 119 ASN A N     1 
ATOM   924  C  CA    . ASN A 1 119 ? 4.609   -5.557  6.331   1.00 31.44 ? 119 ASN A CA    1 
ATOM   925  C  C     . ASN A 1 119 ? 5.381   -6.113  7.521   1.00 33.28 ? 119 ASN A C     1 
ATOM   926  O  O     . ASN A 1 119 ? 4.798   -6.547  8.516   1.00 35.03 ? 119 ASN A O     1 
ATOM   927  C  CB    . ASN A 1 119 ? 4.890   -4.065  6.200   1.00 30.82 ? 119 ASN A CB    1 
ATOM   928  C  CG    . ASN A 1 119 ? 6.179   -3.785  5.486   1.00 30.88 ? 119 ASN A CG    1 
ATOM   929  O  OD1   . ASN A 1 119 ? 6.887   -2.832  5.815   1.00 32.04 ? 119 ASN A OD1   1 
ATOM   930  N  ND2   . ASN A 1 119 ? 6.493   -4.606  4.488   1.00 27.61 ? 119 ASN A ND2   1 
ATOM   931  N  N     . LYS A 1 120 ? 6.706   -6.081  7.404   1.00 33.89 ? 120 LYS A N     1 
ATOM   932  C  CA    . LYS A 1 120 ? 7.598   -6.562  8.445   1.00 34.29 ? 120 LYS A CA    1 
ATOM   933  C  C     . LYS A 1 120 ? 7.475   -8.065  8.622   1.00 35.44 ? 120 LYS A C     1 
ATOM   934  O  O     . LYS A 1 120 ? 7.472   -8.591  9.735   1.00 36.46 ? 120 LYS A O     1 
ATOM   935  C  CB    . LYS A 1 120 ? 7.319   -5.816  9.743   1.00 33.35 ? 120 LYS A CB    1 
ATOM   936  C  CG    . LYS A 1 120 ? 7.578   -4.333  9.579   1.00 33.56 ? 120 LYS A CG    1 
ATOM   937  C  CD    . LYS A 1 120 ? 7.457   -3.585  10.879  1.00 34.01 ? 120 LYS A CD    1 
ATOM   938  C  CE    . LYS A 1 120 ? 7.620   -2.099  10.654  1.00 31.00 ? 120 LYS A CE    1 
ATOM   939  N  NZ    . LYS A 1 120 ? 7.281   -1.368  11.889  1.00 32.72 ? 120 LYS A NZ    1 
ATOM   940  N  N     . LYS A 1 121 ? 7.386   -8.742  7.487   1.00 36.27 ? 121 LYS A N     1 
ATOM   941  C  CA    . LYS A 1 121 ? 7.270   -10.187 7.418   1.00 37.86 ? 121 LYS A CA    1 
ATOM   942  C  C     . LYS A 1 121 ? 8.506   -10.832 8.030   1.00 38.35 ? 121 LYS A C     1 
ATOM   943  O  O     . LYS A 1 121 ? 8.433   -11.921 8.598   1.00 38.98 ? 121 LYS A O     1 
ATOM   944  C  CB    . LYS A 1 121 ? 7.150   -10.608 5.949   1.00 40.65 ? 121 LYS A CB    1 
ATOM   945  C  CG    . LYS A 1 121 ? 6.905   -12.089 5.721   1.00 43.92 ? 121 LYS A CG    1 
ATOM   946  C  CD    . LYS A 1 121 ? 7.020   -12.458 4.249   1.00 44.88 ? 121 LYS A CD    1 
ATOM   947  C  CE    . LYS A 1 121 ? 8.444   -12.251 3.748   1.00 46.84 ? 121 LYS A CE    1 
ATOM   948  N  NZ    . LYS A 1 121 ? 8.670   -12.843 2.390   1.00 48.27 ? 121 LYS A NZ    1 
ATOM   949  N  N     . ASP A 1 122 ? 9.638   -10.144 7.912   1.00 38.49 ? 122 ASP A N     1 
ATOM   950  C  CA    . ASP A 1 122 ? 10.917  -10.642 8.413   1.00 39.59 ? 122 ASP A CA    1 
ATOM   951  C  C     . ASP A 1 122 ? 11.051  -10.701 9.938   1.00 40.65 ? 122 ASP A C     1 
ATOM   952  O  O     . ASP A 1 122 ? 11.676  -11.624 10.467  1.00 40.03 ? 122 ASP A O     1 
ATOM   953  C  CB    . ASP A 1 122 ? 12.061  -9.809  7.820   1.00 38.35 ? 122 ASP A CB    1 
ATOM   954  C  CG    . ASP A 1 122 ? 11.886  -8.321  8.062   1.00 40.06 ? 122 ASP A CG    1 
ATOM   955  O  OD1   . ASP A 1 122 ? 12.563  -7.767  8.959   1.00 40.06 ? 122 ASP A OD1   1 
ATOM   956  O  OD2   . ASP A 1 122 ? 11.059  -7.704  7.356   1.00 39.81 ? 122 ASP A OD2   1 
ATOM   957  N  N     . LEU A 1 123 ? 10.475  -9.728  10.640  1.00 41.36 ? 123 LEU A N     1 
ATOM   958  C  CA    . LEU A 1 123 ? 10.559  -9.699  12.094  1.00 42.16 ? 123 LEU A CA    1 
ATOM   959  C  C     . LEU A 1 123 ? 9.768   -10.844 12.711  1.00 43.99 ? 123 LEU A C     1 
ATOM   960  O  O     . LEU A 1 123 ? 8.735   -10.636 13.345  1.00 43.61 ? 123 LEU A O     1 
ATOM   961  C  CB    . LEU A 1 123 ? 10.047  -8.364  12.622  1.00 40.54 ? 123 LEU A CB    1 
ATOM   962  C  CG    . LEU A 1 123 ? 10.803  -7.146  12.103  1.00 39.50 ? 123 LEU A CG    1 
ATOM   963  C  CD1   . LEU A 1 123 ? 10.323  -5.922  12.855  1.00 39.56 ? 123 LEU A CD1   1 
ATOM   964  C  CD2   . LEU A 1 123 ? 12.295  -7.339  12.287  1.00 37.80 ? 123 LEU A CD2   1 
ATOM   965  N  N     . HIS A 1 124 ? 10.276  -12.056 12.522  1.00 45.53 ? 124 HIS A N     1 
ATOM   966  C  CA    . HIS A 1 124 ? 9.640   -13.259 13.031  1.00 47.56 ? 124 HIS A CA    1 
ATOM   967  C  C     . HIS A 1 124 ? 9.372   -13.259 14.542  1.00 48.84 ? 124 HIS A C     1 
ATOM   968  O  O     . HIS A 1 124 ? 8.260   -13.549 14.975  1.00 49.16 ? 124 HIS A O     1 
ATOM   969  C  CB    . HIS A 1 124 ? 10.484  -14.488 12.665  1.00 47.14 ? 124 HIS A CB    1 
ATOM   970  C  CG    . HIS A 1 124 ? 10.425  -14.863 11.215  1.00 47.84 ? 124 HIS A CG    1 
ATOM   971  N  ND1   . HIS A 1 124 ? 9.240   -14.961 10.518  1.00 49.61 ? 124 HIS A ND1   1 
ATOM   972  C  CD2   . HIS A 1 124 ? 11.401  -15.213 10.345  1.00 48.36 ? 124 HIS A CD2   1 
ATOM   973  C  CE1   . HIS A 1 124 ? 9.488   -15.354 9.282   1.00 49.32 ? 124 HIS A CE1   1 
ATOM   974  N  NE2   . HIS A 1 124 ? 10.792  -15.515 9.150   1.00 48.31 ? 124 HIS A NE2   1 
ATOM   975  N  N     . MET A 1 125 ? 10.387  -12.939 15.336  1.00 50.97 ? 125 MET A N     1 
ATOM   976  C  CA    . MET A 1 125 ? 10.248  -12.942 16.790  1.00 52.20 ? 125 MET A CA    1 
ATOM   977  C  C     . MET A 1 125 ? 9.111   -12.091 17.324  1.00 51.09 ? 125 MET A C     1 
ATOM   978  O  O     . MET A 1 125 ? 8.516   -12.426 18.353  1.00 52.11 ? 125 MET A O     1 
ATOM   979  C  CB    . MET A 1 125 ? 11.544  -12.482 17.467  1.00 56.71 ? 125 MET A CB    1 
ATOM   980  C  CG    . MET A 1 125 ? 12.683  -13.490 17.468  1.00 61.83 ? 125 MET A CG    1 
ATOM   981  S  SD    . MET A 1 125 ? 14.006  -12.987 18.625  1.00 69.17 ? 125 MET A SD    1 
ATOM   982  C  CE    . MET A 1 125 ? 14.942  -11.780 17.625  1.00 66.66 ? 125 MET A CE    1 
ATOM   983  N  N     . GLU A 1 126 ? 8.808   -10.988 16.646  1.00 48.66 ? 126 GLU A N     1 
ATOM   984  C  CA    . GLU A 1 126 ? 7.749   -10.105 17.116  1.00 46.83 ? 126 GLU A CA    1 
ATOM   985  C  C     . GLU A 1 126 ? 6.476   -10.056 16.276  1.00 45.68 ? 126 GLU A C     1 
ATOM   986  O  O     . GLU A 1 126 ? 5.735   -9.073  16.321  1.00 45.85 ? 126 GLU A O     1 
ATOM   987  C  CB    . GLU A 1 126 ? 8.312   -8.698  17.305  1.00 45.52 ? 126 GLU A CB    1 
ATOM   988  C  CG    . GLU A 1 126 ? 9.176   -8.234  16.170  1.00 46.22 ? 126 GLU A CG    1 
ATOM   989  C  CD    . GLU A 1 126 ? 10.019  -7.034  16.537  1.00 47.51 ? 126 GLU A CD    1 
ATOM   990  O  OE1   . GLU A 1 126 ? 9.454   -6.042  17.055  1.00 48.08 ? 126 GLU A OE1   1 
ATOM   991  O  OE2   . GLU A 1 126 ? 11.247  -7.085  16.303  1.00 47.59 ? 126 GLU A OE2   1 
ATOM   992  N  N     . ARG A 1 127 ? 6.225   -11.122 15.518  1.00 44.17 ? 127 ARG A N     1 
ATOM   993  C  CA    . ARG A 1 127 ? 5.024   -11.208 14.695  1.00 41.92 ? 127 ARG A CA    1 
ATOM   994  C  C     . ARG A 1 127 ? 3.874   -11.384 15.668  1.00 41.33 ? 127 ARG A C     1 
ATOM   995  O  O     . ARG A 1 127 ? 3.924   -12.255 16.533  1.00 41.90 ? 127 ARG A O     1 
ATOM   996  C  CB    . ARG A 1 127 ? 5.070   -12.425 13.766  1.00 40.90 ? 127 ARG A CB    1 
ATOM   997  C  CG    . ARG A 1 127 ? 3.863   -12.505 12.846  1.00 38.21 ? 127 ARG A CG    1 
ATOM   998  C  CD    . ARG A 1 127 ? 3.782   -13.811 12.095  1.00 37.50 ? 127 ARG A CD    1 
ATOM   999  N  NE    . ARG A 1 127 ? 3.170   -13.599 10.788  1.00 37.25 ? 127 ARG A NE    1 
ATOM   1000 C  CZ    . ARG A 1 127 ? 3.827   -13.121 9.738   1.00 36.14 ? 127 ARG A CZ    1 
ATOM   1001 N  NH1   . ARG A 1 127 ? 5.113   -12.822 9.850   1.00 37.57 ? 127 ARG A NH1   1 
ATOM   1002 N  NH2   . ARG A 1 127 ? 3.200   -12.918 8.590   1.00 32.71 ? 127 ARG A NH2   1 
ATOM   1003 N  N     . VAL A 1 128 ? 2.838   -10.573 15.529  1.00 39.34 ? 128 VAL A N     1 
ATOM   1004 C  CA    . VAL A 1 128 ? 1.713   -10.675 16.436  1.00 38.51 ? 128 VAL A CA    1 
ATOM   1005 C  C     . VAL A 1 128 ? 0.403   -10.943 15.706  1.00 38.53 ? 128 VAL A C     1 
ATOM   1006 O  O     . VAL A 1 128 ? -0.630  -11.194 16.326  1.00 40.01 ? 128 VAL A O     1 
ATOM   1007 C  CB    . VAL A 1 128 ? 1.605   -9.404  17.278  1.00 38.16 ? 128 VAL A CB    1 
ATOM   1008 C  CG1   . VAL A 1 128 ? 0.434   -9.500  18.207  1.00 40.58 ? 128 VAL A CG1   1 
ATOM   1009 C  CG2   . VAL A 1 128 ? 2.874   -9.222  18.086  1.00 37.48 ? 128 VAL A CG2   1 
ATOM   1010 N  N     . ILE A 1 129 ? 0.455   -10.892 14.378  1.00 38.58 ? 129 ILE A N     1 
ATOM   1011 C  CA    . ILE A 1 129 ? -0.709  -11.158 13.533  1.00 36.21 ? 129 ILE A CA    1 
ATOM   1012 C  C     . ILE A 1 129 ? -0.324  -12.269 12.569  1.00 35.54 ? 129 ILE A C     1 
ATOM   1013 O  O     . ILE A 1 129 ? 0.785   -12.284 12.022  1.00 34.50 ? 129 ILE A O     1 
ATOM   1014 C  CB    . ILE A 1 129 ? -1.137  -9.925  12.710  1.00 35.54 ? 129 ILE A CB    1 
ATOM   1015 C  CG1   . ILE A 1 129 ? -1.590  -8.809  13.636  1.00 35.69 ? 129 ILE A CG1   1 
ATOM   1016 C  CG2   . ILE A 1 129 ? -2.287  -10.277 11.800  1.00 35.16 ? 129 ILE A CG2   1 
ATOM   1017 C  CD1   . ILE A 1 129 ? -1.900  -7.548  12.906  1.00 37.79 ? 129 ILE A CD1   1 
ATOM   1018 N  N     . SER A 1 130 ? -1.245  -13.198 12.368  1.00 34.97 ? 130 SER A N     1 
ATOM   1019 C  CA    . SER A 1 130 ? -1.009  -14.326 11.490  1.00 34.96 ? 130 SER A CA    1 
ATOM   1020 C  C     . SER A 1 130 ? -1.272  -13.960 10.042  1.00 34.39 ? 130 SER A C     1 
ATOM   1021 O  O     . SER A 1 130 ? -1.793  -12.893 9.741   1.00 34.90 ? 130 SER A O     1 
ATOM   1022 C  CB    . SER A 1 130 ? -1.914  -15.477 11.899  1.00 36.62 ? 130 SER A CB    1 
ATOM   1023 O  OG    . SER A 1 130 ? -3.272  -15.079 11.821  1.00 38.62 ? 130 SER A OG    1 
ATOM   1024 N  N     . TYR A 1 131 ? -0.901  -14.851 9.137   1.00 33.56 ? 131 TYR A N     1 
ATOM   1025 C  CA    . TYR A 1 131 ? -1.126  -14.597 7.729   1.00 34.64 ? 131 TYR A CA    1 
ATOM   1026 C  C     . TYR A 1 131 ? -2.620  -14.701 7.459   1.00 35.86 ? 131 TYR A C     1 
ATOM   1027 O  O     . TYR A 1 131 ? -3.210  -13.842 6.808   1.00 35.69 ? 131 TYR A O     1 
ATOM   1028 C  CB    . TYR A 1 131 ? -0.387  -15.634 6.882   1.00 34.50 ? 131 TYR A CB    1 
ATOM   1029 C  CG    . TYR A 1 131 ? -0.640  -15.492 5.409   1.00 32.67 ? 131 TYR A CG    1 
ATOM   1030 C  CD1   . TYR A 1 131 ? 0.160   -14.670 4.626   1.00 32.86 ? 131 TYR A CD1   1 
ATOM   1031 C  CD2   . TYR A 1 131 ? -1.719  -16.131 4.809   1.00 30.87 ? 131 TYR A CD2   1 
ATOM   1032 C  CE1   . TYR A 1 131 ? -0.114  -14.483 3.276   1.00 33.62 ? 131 TYR A CE1   1 
ATOM   1033 C  CE2   . TYR A 1 131 ? -2.002  -15.952 3.469   1.00 31.79 ? 131 TYR A CE2   1 
ATOM   1034 C  CZ    . TYR A 1 131 ? -1.198  -15.126 2.704   1.00 32.57 ? 131 TYR A CZ    1 
ATOM   1035 O  OH    . TYR A 1 131 ? -1.492  -14.925 1.376   1.00 32.81 ? 131 TYR A OH    1 
ATOM   1036 N  N     . GLU A 1 132 ? -3.219  -15.769 7.978   1.00 37.94 ? 132 GLU A N     1 
ATOM   1037 C  CA    . GLU A 1 132 ? -4.637  -16.053 7.798   1.00 38.98 ? 132 GLU A CA    1 
ATOM   1038 C  C     . GLU A 1 132 ? -5.588  -14.955 8.260   1.00 40.62 ? 132 GLU A C     1 
ATOM   1039 O  O     . GLU A 1 132 ? -6.703  -14.836 7.738   1.00 41.07 ? 132 GLU A O     1 
ATOM   1040 C  CB    . GLU A 1 132 ? -4.999  -17.356 8.507   1.00 38.27 ? 132 GLU A CB    1 
ATOM   1041 C  CG    . GLU A 1 132 ? -4.323  -18.603 7.966   1.00 37.53 ? 132 GLU A CG    1 
ATOM   1042 C  CD    . GLU A 1 132 ? -2.836  -18.644 8.246   1.00 37.45 ? 132 GLU A CD    1 
ATOM   1043 O  OE1   . GLU A 1 132 ? -2.431  -18.265 9.366   1.00 36.52 ? 132 GLU A OE1   1 
ATOM   1044 O  OE2   . GLU A 1 132 ? -2.079  -19.072 7.349   1.00 38.46 ? 132 GLU A OE2   1 
ATOM   1045 N  N     . GLU A 1 133 ? -5.166  -14.164 9.244   1.00 41.63 ? 133 GLU A N     1 
ATOM   1046 C  CA    . GLU A 1 133 ? -6.006  -13.077 9.743   1.00 42.71 ? 133 GLU A CA    1 
ATOM   1047 C  C     . GLU A 1 133 ? -5.976  -11.888 8.792   1.00 42.67 ? 133 GLU A C     1 
ATOM   1048 O  O     . GLU A 1 133 ? -6.992  -11.221 8.596   1.00 44.76 ? 133 GLU A O     1 
ATOM   1049 C  CB    . GLU A 1 133 ? -5.561  -12.630 11.134  1.00 42.54 ? 133 GLU A CB    1 
ATOM   1050 C  CG    . GLU A 1 133 ? -6.341  -11.451 11.659  1.00 44.86 ? 133 GLU A CG    1 
ATOM   1051 C  CD    . GLU A 1 133 ? -6.123  -11.240 13.142  1.00 49.17 ? 133 GLU A CD    1 
ATOM   1052 O  OE1   . GLU A 1 133 ? -4.981  -11.442 13.613  1.00 50.00 ? 133 GLU A OE1   1 
ATOM   1053 O  OE2   . GLU A 1 133 ? -7.090  -10.859 13.838  1.00 50.47 ? 133 GLU A OE2   1 
ATOM   1054 N  N     . GLY A 1 134 ? -4.812  -11.626 8.207   1.00 41.06 ? 134 GLY A N     1 
ATOM   1055 C  CA    . GLY A 1 134 ? -4.697  -10.526 7.277   1.00 38.88 ? 134 GLY A CA    1 
ATOM   1056 C  C     . GLY A 1 134 ? -5.438  -10.898 6.013   1.00 38.58 ? 134 GLY A C     1 
ATOM   1057 O  O     . GLY A 1 134 ? -6.067  -10.056 5.374   1.00 38.90 ? 134 GLY A O     1 
ATOM   1058 N  N     . LYS A 1 135 ? -5.372  -12.175 5.655   1.00 37.90 ? 135 LYS A N     1 
ATOM   1059 C  CA    . LYS A 1 135 ? -6.033  -12.653 4.454   1.00 37.93 ? 135 LYS A CA    1 
ATOM   1060 C  C     . LYS A 1 135 ? -7.530  -12.467 4.601   1.00 37.86 ? 135 LYS A C     1 
ATOM   1061 O  O     . LYS A 1 135 ? -8.171  -11.852 3.758   1.00 38.49 ? 135 LYS A O     1 
ATOM   1062 C  CB    . LYS A 1 135 ? -5.717  -14.124 4.219   1.00 38.40 ? 135 LYS A CB    1 
ATOM   1063 C  CG    . LYS A 1 135 ? -6.358  -14.707 2.971   1.00 38.41 ? 135 LYS A CG    1 
ATOM   1064 C  CD    . LYS A 1 135 ? -5.720  -14.181 1.706   1.00 39.67 ? 135 LYS A CD    1 
ATOM   1065 C  CE    . LYS A 1 135 ? -6.373  -14.818 0.475   1.00 43.62 ? 135 LYS A CE    1 
ATOM   1066 N  NZ    . LYS A 1 135 ? -5.680  -14.520 -0.827  1.00 44.60 ? 135 LYS A NZ    1 
ATOM   1067 N  N     . ALA A 1 136 ? -8.082  -12.998 5.682   1.00 38.47 ? 136 ALA A N     1 
ATOM   1068 C  CA    . ALA A 1 136 ? -9.513  -12.887 5.941   1.00 38.15 ? 136 ALA A CA    1 
ATOM   1069 C  C     . ALA A 1 136 ? -9.999  -11.454 5.722   1.00 37.55 ? 136 ALA A C     1 
ATOM   1070 O  O     . ALA A 1 136 ? -10.972 -11.216 5.004   1.00 36.71 ? 136 ALA A O     1 
ATOM   1071 C  CB    . ALA A 1 136 ? -9.809  -13.327 7.363   1.00 37.65 ? 136 ALA A CB    1 
ATOM   1072 N  N     . LEU A 1 137 ? -9.309  -10.503 6.340   1.00 36.50 ? 137 LEU A N     1 
ATOM   1073 C  CA    . LEU A 1 137 ? -9.673  -9.104  6.213   1.00 36.29 ? 137 LEU A CA    1 
ATOM   1074 C  C     . LEU A 1 137 ? -9.702  -8.724  4.739   1.00 37.46 ? 137 LEU A C     1 
ATOM   1075 O  O     . LEU A 1 137 ? -10.714 -8.242  4.222   1.00 36.36 ? 137 LEU A O     1 
ATOM   1076 C  CB    . LEU A 1 137 ? -8.660  -8.235  6.961   1.00 34.31 ? 137 LEU A CB    1 
ATOM   1077 C  CG    . LEU A 1 137 ? -9.060  -6.780  7.205   1.00 33.70 ? 137 LEU A CG    1 
ATOM   1078 C  CD1   . LEU A 1 137 ? -10.381 -6.735  7.974   1.00 31.03 ? 137 LEU A CD1   1 
ATOM   1079 C  CD2   . LEU A 1 137 ? -7.957  -6.073  7.976   1.00 32.55 ? 137 LEU A CD2   1 
ATOM   1080 N  N     . ALA A 1 138 ? -8.580  -8.958  4.062   1.00 39.26 ? 138 ALA A N     1 
ATOM   1081 C  CA    . ALA A 1 138 ? -8.453  -8.643  2.644   1.00 38.88 ? 138 ALA A CA    1 
ATOM   1082 C  C     . ALA A 1 138 ? -9.583  -9.285  1.852   1.00 38.97 ? 138 ALA A C     1 
ATOM   1083 O  O     . ALA A 1 138 ? -10.014 -8.757  0.831   1.00 39.71 ? 138 ALA A O     1 
ATOM   1084 C  CB    . ALA A 1 138 ? -7.106  -9.121  2.122   1.00 37.84 ? 138 ALA A CB    1 
ATOM   1085 N  N     . GLU A 1 139 ? -10.066 -10.426 2.320   1.00 39.27 ? 139 GLU A N     1 
ATOM   1086 C  CA    . GLU A 1 139 ? -11.151 -11.090 1.627   1.00 40.90 ? 139 GLU A CA    1 
ATOM   1087 C  C     . GLU A 1 139 ? -12.475 -10.422 1.937   1.00 39.26 ? 139 GLU A C     1 
ATOM   1088 O  O     . GLU A 1 139 ? -13.382 -10.420 1.110   1.00 38.17 ? 139 GLU A O     1 
ATOM   1089 C  CB    . GLU A 1 139 ? -11.207 -12.571 1.997   1.00 45.35 ? 139 GLU A CB    1 
ATOM   1090 C  CG    . GLU A 1 139 ? -10.236 -13.410 1.183   1.00 53.10 ? 139 GLU A CG    1 
ATOM   1091 C  CD    . GLU A 1 139 ? -10.365 -14.892 1.459   1.00 57.85 ? 139 GLU A CD    1 
ATOM   1092 O  OE1   . GLU A 1 139 ? -10.116 -15.303 2.619   1.00 59.47 ? 139 GLU A OE1   1 
ATOM   1093 O  OE2   . GLU A 1 139 ? -10.715 -15.640 0.513   1.00 61.12 ? 139 GLU A OE2   1 
ATOM   1094 N  N     . SER A 1 140 ? -12.585 -9.845  3.127   1.00 37.52 ? 140 SER A N     1 
ATOM   1095 C  CA    . SER A 1 140 ? -13.816 -9.176  3.496   1.00 35.36 ? 140 SER A CA    1 
ATOM   1096 C  C     . SER A 1 140 ? -13.932 -7.933  2.638   1.00 34.34 ? 140 SER A C     1 
ATOM   1097 O  O     . SER A 1 140 ? -15.019 -7.413  2.437   1.00 33.48 ? 140 SER A O     1 
ATOM   1098 C  CB    . SER A 1 140 ? -13.803 -8.778  4.972   1.00 35.07 ? 140 SER A CB    1 
ATOM   1099 O  OG    . SER A 1 140 ? -13.084 -7.578  5.173   1.00 36.37 ? 140 SER A OG    1 
ATOM   1100 N  N     . TRP A 1 141 ? -12.801 -7.460  2.131   1.00 35.03 ? 141 TRP A N     1 
ATOM   1101 C  CA    . TRP A 1 141 ? -12.790 -6.264  1.299   1.00 36.82 ? 141 TRP A CA    1 
ATOM   1102 C  C     . TRP A 1 141 ? -12.730 -6.599  -0.177  1.00 38.30 ? 141 TRP A C     1 
ATOM   1103 O  O     . TRP A 1 141 ? -12.866 -5.716  -1.022  1.00 39.55 ? 141 TRP A O     1 
ATOM   1104 C  CB    . TRP A 1 141 ? -11.579 -5.378  1.615   1.00 36.52 ? 141 TRP A CB    1 
ATOM   1105 C  CG    . TRP A 1 141 ? -11.472 -4.884  3.016   1.00 34.98 ? 141 TRP A CG    1 
ATOM   1106 C  CD1   . TRP A 1 141 ? -12.437 -4.918  3.984   1.00 34.62 ? 141 TRP A CD1   1 
ATOM   1107 C  CD2   . TRP A 1 141 ? -10.334 -4.253  3.604   1.00 34.15 ? 141 TRP A CD2   1 
ATOM   1108 N  NE1   . TRP A 1 141 ? -11.967 -4.349  5.140   1.00 34.60 ? 141 TRP A NE1   1 
ATOM   1109 C  CE2   . TRP A 1 141 ? -10.677 -3.931  4.936   1.00 34.17 ? 141 TRP A CE2   1 
ATOM   1110 C  CE3   . TRP A 1 141 ? -9.056  -3.927  3.135   1.00 34.07 ? 141 TRP A CE3   1 
ATOM   1111 C  CZ2   . TRP A 1 141 ? -9.785  -3.298  5.809   1.00 33.47 ? 141 TRP A CZ2   1 
ATOM   1112 C  CZ3   . TRP A 1 141 ? -8.168  -3.298  4.000   1.00 35.00 ? 141 TRP A CZ3   1 
ATOM   1113 C  CH2   . TRP A 1 141 ? -8.541  -2.990  5.328   1.00 34.42 ? 141 TRP A CH2   1 
ATOM   1114 N  N     . ASN A 1 142 ? -12.518 -7.869  -0.492  1.00 40.26 ? 142 ASN A N     1 
ATOM   1115 C  CA    . ASN A 1 142 ? -12.394 -8.282  -1.885  1.00 42.11 ? 142 ASN A CA    1 
ATOM   1116 C  C     . ASN A 1 142 ? -11.160 -7.593  -2.446  1.00 41.12 ? 142 ASN A C     1 
ATOM   1117 O  O     . ASN A 1 142 ? -11.160 -7.101  -3.575  1.00 41.97 ? 142 ASN A O     1 
ATOM   1118 C  CB    . ASN A 1 142 ? -13.631 -7.882  -2.690  1.00 44.08 ? 142 ASN A CB    1 
ATOM   1119 C  CG    . ASN A 1 142 ? -14.502 -9.065  -3.025  1.00 47.24 ? 142 ASN A CG    1 
ATOM   1120 O  OD1   . ASN A 1 142 ? -15.101 -9.682  -2.140  1.00 48.76 ? 142 ASN A OD1   1 
ATOM   1121 N  ND2   . ASN A 1 142 ? -14.568 -9.404  -4.308  1.00 49.20 ? 142 ASN A ND2   1 
ATOM   1122 N  N     . ALA A 1 143 ? -10.109 -7.565  -1.634  1.00 39.17 ? 143 ALA A N     1 
ATOM   1123 C  CA    . ALA A 1 143 ? -8.855  -6.931  -2.009  1.00 37.89 ? 143 ALA A CA    1 
ATOM   1124 C  C     . ALA A 1 143 ? -7.706  -7.935  -2.034  1.00 35.69 ? 143 ALA A C     1 
ATOM   1125 O  O     . ALA A 1 143 ? -7.657  -8.848  -1.220  1.00 34.25 ? 143 ALA A O     1 
ATOM   1126 C  CB    . ALA A 1 143 ? -8.544  -5.791  -1.028  1.00 36.23 ? 143 ALA A CB    1 
ATOM   1127 N  N     . ALA A 1 144 ? -6.790  -7.765  -2.980  1.00 36.14 ? 144 ALA A N     1 
ATOM   1128 C  CA    . ALA A 1 144 ? -5.632  -8.649  -3.079  1.00 36.66 ? 144 ALA A CA    1 
ATOM   1129 C  C     . ALA A 1 144 ? -4.790  -8.448  -1.832  1.00 36.12 ? 144 ALA A C     1 
ATOM   1130 O  O     . ALA A 1 144 ? -4.482  -7.324  -1.455  1.00 37.99 ? 144 ALA A O     1 
ATOM   1131 C  CB    . ALA A 1 144 ? -4.808  -8.320  -4.322  1.00 36.89 ? 144 ALA A CB    1 
ATOM   1132 N  N     . PHE A 1 145 ? -4.424  -9.545  -1.190  1.00 35.16 ? 145 PHE A N     1 
ATOM   1133 C  CA    . PHE A 1 145 ? -3.632  -9.475  0.026   1.00 31.77 ? 145 PHE A CA    1 
ATOM   1134 C  C     . PHE A 1 145 ? -2.246  -10.015 -0.259  1.00 31.37 ? 145 PHE A C     1 
ATOM   1135 O  O     . PHE A 1 145 ? -2.068  -10.865 -1.135  1.00 32.14 ? 145 PHE A O     1 
ATOM   1136 C  CB    . PHE A 1 145 ? -4.290  -10.310 1.117   1.00 29.27 ? 145 PHE A CB    1 
ATOM   1137 C  CG    . PHE A 1 145 ? -3.491  -10.404 2.372   1.00 28.64 ? 145 PHE A CG    1 
ATOM   1138 C  CD1   . PHE A 1 145 ? -3.408  -9.329  3.239   1.00 28.85 ? 145 PHE A CD1   1 
ATOM   1139 C  CD2   . PHE A 1 145 ? -2.830  -11.579 2.699   1.00 29.37 ? 145 PHE A CD2   1 
ATOM   1140 C  CE1   . PHE A 1 145 ? -2.683  -9.423  4.417   1.00 28.85 ? 145 PHE A CE1   1 
ATOM   1141 C  CE2   . PHE A 1 145 ? -2.100  -11.685 3.875   1.00 28.08 ? 145 PHE A CE2   1 
ATOM   1142 C  CZ    . PHE A 1 145 ? -2.027  -10.605 4.736   1.00 28.73 ? 145 PHE A CZ    1 
ATOM   1143 N  N     . LEU A 1 146 ? -1.270  -9.503  0.480   1.00 29.59 ? 146 LEU A N     1 
ATOM   1144 C  CA    . LEU A 1 146 ? 0.112   -9.939  0.353   1.00 28.06 ? 146 LEU A CA    1 
ATOM   1145 C  C     . LEU A 1 146 ? 0.835   -9.508  1.603   1.00 28.21 ? 146 LEU A C     1 
ATOM   1146 O  O     . LEU A 1 146 ? 0.404   -8.576  2.278   1.00 27.84 ? 146 LEU A O     1 
ATOM   1147 C  CB    . LEU A 1 146 ? 0.810   -9.283  -0.842  1.00 26.00 ? 146 LEU A CB    1 
ATOM   1148 C  CG    . LEU A 1 146 ? 0.494   -9.657  -2.290  1.00 26.72 ? 146 LEU A CG    1 
ATOM   1149 C  CD1   . LEU A 1 146 ? 1.538   -9.003  -3.200  1.00 24.82 ? 146 LEU A CD1   1 
ATOM   1150 C  CD2   . LEU A 1 146 ? 0.516   -11.169 -2.469  1.00 26.90 ? 146 LEU A CD2   1 
ATOM   1151 N  N     . GLU A 1 147 ? 1.910   -10.205 1.936   1.00 28.56 ? 147 GLU A N     1 
ATOM   1152 C  CA    . GLU A 1 147 ? 2.717   -9.811  3.073   1.00 30.19 ? 147 GLU A CA    1 
ATOM   1153 C  C     . GLU A 1 147 ? 4.028   -9.439  2.422   1.00 30.21 ? 147 GLU A C     1 
ATOM   1154 O  O     . GLU A 1 147 ? 4.302   -9.864  1.304   1.00 29.42 ? 147 GLU A O     1 
ATOM   1155 C  CB    . GLU A 1 147 ? 2.903   -10.948 4.070   1.00 31.90 ? 147 GLU A CB    1 
ATOM   1156 C  CG    . GLU A 1 147 ? 1.677   -11.200 4.920   1.00 33.52 ? 147 GLU A CG    1 
ATOM   1157 C  CD    . GLU A 1 147 ? 1.994   -11.983 6.170   1.00 34.87 ? 147 GLU A CD    1 
ATOM   1158 O  OE1   . GLU A 1 147 ? 2.813   -12.922 6.097   1.00 36.64 ? 147 GLU A OE1   1 
ATOM   1159 O  OE2   . GLU A 1 147 ? 1.416   -11.666 7.226   1.00 38.11 ? 147 GLU A OE2   1 
ATOM   1160 N  N     . SER A 1 148 ? 4.839   -8.643  3.099   1.00 31.16 ? 148 SER A N     1 
ATOM   1161 C  CA    . SER A 1 148 ? 6.093   -8.216  2.507   1.00 30.02 ? 148 SER A CA    1 
ATOM   1162 C  C     . SER A 1 148 ? 7.113   -7.763  3.536   1.00 31.33 ? 148 SER A C     1 
ATOM   1163 O  O     . SER A 1 148 ? 6.800   -7.612  4.714   1.00 31.77 ? 148 SER A O     1 
ATOM   1164 C  CB    . SER A 1 148 ? 5.809   -7.069  1.544   1.00 27.81 ? 148 SER A CB    1 
ATOM   1165 O  OG    . SER A 1 148 ? 5.134   -6.016  2.219   1.00 24.01 ? 148 SER A OG    1 
ATOM   1166 N  N     . SER A 1 149 ? 8.336   -7.552  3.068   1.00 32.23 ? 149 SER A N     1 
ATOM   1167 C  CA    . SER A 1 149 ? 9.420   -7.065  3.903   1.00 33.85 ? 149 SER A CA    1 
ATOM   1168 C  C     . SER A 1 149 ? 10.185  -5.998  3.118   1.00 35.37 ? 149 SER A C     1 
ATOM   1169 O  O     . SER A 1 149 ? 10.675  -6.262  2.020   1.00 33.62 ? 149 SER A O     1 
ATOM   1170 C  CB    . SER A 1 149 ? 10.370  -8.194  4.280   1.00 33.37 ? 149 SER A CB    1 
ATOM   1171 O  OG    . SER A 1 149 ? 11.505  -7.655  4.941   1.00 33.39 ? 149 SER A OG    1 
ATOM   1172 N  N     . ALA A 1 150 ? 10.283  -4.795  3.681   1.00 36.35 ? 150 ALA A N     1 
ATOM   1173 C  CA    . ALA A 1 150 ? 10.979  -3.697  3.020   1.00 36.72 ? 150 ALA A CA    1 
ATOM   1174 C  C     . ALA A 1 150 ? 12.437  -4.049  2.764   1.00 38.51 ? 150 ALA A C     1 
ATOM   1175 O  O     . ALA A 1 150 ? 13.122  -3.353  2.015   1.00 39.70 ? 150 ALA A O     1 
ATOM   1176 C  CB    . ALA A 1 150 ? 10.890  -2.442  3.868   1.00 35.63 ? 150 ALA A CB    1 
ATOM   1177 N  N     . LYS A 1 151 ? 12.907  -5.131  3.386   1.00 39.37 ? 151 LYS A N     1 
ATOM   1178 C  CA    . LYS A 1 151 ? 14.291  -5.577  3.234   1.00 38.70 ? 151 LYS A CA    1 
ATOM   1179 C  C     . LYS A 1 151 ? 14.379  -6.614  2.125   1.00 38.91 ? 151 LYS A C     1 
ATOM   1180 O  O     . LYS A 1 151 ? 15.443  -6.846  1.555   1.00 39.28 ? 151 LYS A O     1 
ATOM   1181 C  CB    . LYS A 1 151 ? 14.803  -6.174  4.552   1.00 38.37 ? 151 LYS A CB    1 
ATOM   1182 C  CG    . LYS A 1 151 ? 14.565  -5.271  5.755   1.00 38.46 ? 151 LYS A CG    1 
ATOM   1183 C  CD    . LYS A 1 151 ? 15.083  -5.857  7.053   1.00 36.80 ? 151 LYS A CD    1 
ATOM   1184 C  CE    . LYS A 1 151 ? 16.590  -5.854  7.082   1.00 37.18 ? 151 LYS A CE    1 
ATOM   1185 N  NZ    . LYS A 1 151 ? 17.097  -6.033  8.465   1.00 36.62 ? 151 LYS A NZ    1 
ATOM   1186 N  N     . GLU A 1 152 ? 13.248  -7.243  1.820   1.00 39.07 ? 152 GLU A N     1 
ATOM   1187 C  CA    . GLU A 1 152 ? 13.203  -8.247  0.768   1.00 39.53 ? 152 GLU A CA    1 
ATOM   1188 C  C     . GLU A 1 152 ? 12.675  -7.588  -0.497  1.00 38.41 ? 152 GLU A C     1 
ATOM   1189 O  O     . GLU A 1 152 ? 11.510  -7.709  -0.850  1.00 37.65 ? 152 GLU A O     1 
ATOM   1190 C  CB    . GLU A 1 152 ? 12.298  -9.404  1.186   1.00 42.10 ? 152 GLU A CB    1 
ATOM   1191 C  CG    . GLU A 1 152 ? 12.797  -10.184 2.397   1.00 45.08 ? 152 GLU A CG    1 
ATOM   1192 C  CD    . GLU A 1 152 ? 11.822  -11.259 2.834   1.00 47.10 ? 152 GLU A CD    1 
ATOM   1193 O  OE1   . GLU A 1 152 ? 11.448  -12.105 1.985   1.00 47.17 ? 152 GLU A OE1   1 
ATOM   1194 O  OE2   . GLU A 1 152 ? 11.429  -11.257 4.022   1.00 47.94 ? 152 GLU A OE2   1 
ATOM   1195 N  N     . ASN A 1 153 ? 13.557  -6.882  -1.178  1.00 38.31 ? 153 ASN A N     1 
ATOM   1196 C  CA    . ASN A 1 153 ? 13.184  -6.184  -2.388  1.00 38.79 ? 153 ASN A CA    1 
ATOM   1197 C  C     . ASN A 1 153 ? 12.173  -6.853  -3.286  1.00 40.12 ? 153 ASN A C     1 
ATOM   1198 O  O     . ASN A 1 153 ? 11.279  -6.192  -3.804  1.00 41.07 ? 153 ASN A O     1 
ATOM   1199 C  CB    . ASN A 1 153 ? 14.401  -5.890  -3.235  1.00 36.28 ? 153 ASN A CB    1 
ATOM   1200 C  CG    . ASN A 1 153 ? 14.016  -5.445  -4.605  1.00 33.55 ? 153 ASN A CG    1 
ATOM   1201 O  OD1   . ASN A 1 153 ? 13.634  -6.260  -5.445  1.00 32.19 ? 153 ASN A OD1   1 
ATOM   1202 N  ND2   . ASN A 1 153 ? 14.071  -4.141  -4.838  1.00 32.72 ? 153 ASN A ND2   1 
ATOM   1203 N  N     . GLN A 1 154 ? 12.327  -8.153  -3.513  1.00 41.48 ? 154 GLN A N     1 
ATOM   1204 C  CA    . GLN A 1 154 ? 11.392  -8.851  -4.387  1.00 41.02 ? 154 GLN A CA    1 
ATOM   1205 C  C     . GLN A 1 154 ? 9.956   -8.699  -3.906  1.00 38.59 ? 154 GLN A C     1 
ATOM   1206 O  O     . GLN A 1 154 ? 9.064   -8.412  -4.697  1.00 38.06 ? 154 GLN A O     1 
ATOM   1207 C  CB    . GLN A 1 154 ? 11.757  -10.333 -4.504  1.00 44.05 ? 154 GLN A CB    1 
ATOM   1208 C  CG    . GLN A 1 154 ? 10.910  -11.087 -5.525  1.00 48.37 ? 154 GLN A CG    1 
ATOM   1209 C  CD    . GLN A 1 154 ? 10.832  -10.377 -6.872  1.00 51.63 ? 154 GLN A CD    1 
ATOM   1210 O  OE1   . GLN A 1 154 ? 10.391  -9.230  -6.960  1.00 54.93 ? 154 GLN A OE1   1 
ATOM   1211 N  NE2   . GLN A 1 154 ? 11.254  -11.060 -7.929  1.00 52.20 ? 154 GLN A NE2   1 
ATOM   1212 N  N     . THR A 1 155 ? 9.735   -8.867  -2.608  1.00 36.79 ? 155 THR A N     1 
ATOM   1213 C  CA    . THR A 1 155 ? 8.391   -8.730  -2.051  1.00 35.35 ? 155 THR A CA    1 
ATOM   1214 C  C     . THR A 1 155 ? 7.875   -7.294  -2.177  1.00 34.15 ? 155 THR A C     1 
ATOM   1215 O  O     . THR A 1 155 ? 6.668   -7.062  -2.209  1.00 34.57 ? 155 THR A O     1 
ATOM   1216 C  CB    . THR A 1 155 ? 8.349   -9.126  -0.564  1.00 34.92 ? 155 THR A CB    1 
ATOM   1217 O  OG1   . THR A 1 155 ? 8.896   -8.064  0.229   1.00 34.84 ? 155 THR A OG1   1 
ATOM   1218 C  CG2   . THR A 1 155 ? 9.145   -10.410 -0.333  1.00 33.60 ? 155 THR A CG2   1 
ATOM   1219 N  N     . ALA A 1 156 ? 8.786   -6.328  -2.235  1.00 32.22 ? 156 ALA A N     1 
ATOM   1220 C  CA    . ALA A 1 156 ? 8.379   -4.940  -2.372  1.00 31.19 ? 156 ALA A CA    1 
ATOM   1221 C  C     . ALA A 1 156 ? 7.932   -4.683  -3.812  1.00 30.55 ? 156 ALA A C     1 
ATOM   1222 O  O     . ALA A 1 156 ? 6.946   -3.987  -4.043  1.00 29.70 ? 156 ALA A O     1 
ATOM   1223 C  CB    . ALA A 1 156 ? 9.521   -4.020  -2.001  1.00 30.45 ? 156 ALA A CB    1 
ATOM   1224 N  N     . VAL A 1 157 ? 8.644   -5.252  -4.780  1.00 29.63 ? 157 VAL A N     1 
ATOM   1225 C  CA    . VAL A 1 157 ? 8.279   -5.062  -6.177  1.00 30.17 ? 157 VAL A CA    1 
ATOM   1226 C  C     . VAL A 1 157 ? 6.925   -5.697  -6.486  1.00 30.98 ? 157 VAL A C     1 
ATOM   1227 O  O     . VAL A 1 157 ? 6.132   -5.152  -7.252  1.00 30.36 ? 157 VAL A O     1 
ATOM   1228 C  CB    . VAL A 1 157 ? 9.312   -5.683  -7.131  1.00 29.19 ? 157 VAL A CB    1 
ATOM   1229 C  CG1   . VAL A 1 157 ? 8.914   -5.399  -8.567  1.00 27.47 ? 157 VAL A CG1   1 
ATOM   1230 C  CG2   . VAL A 1 157 ? 10.681  -5.128  -6.845  1.00 28.39 ? 157 VAL A CG2   1 
ATOM   1231 N  N     . ASP A 1 158 ? 6.667   -6.853  -5.886  1.00 32.34 ? 158 ASP A N     1 
ATOM   1232 C  CA    . ASP A 1 158 ? 5.409   -7.551  -6.108  1.00 34.48 ? 158 ASP A CA    1 
ATOM   1233 C  C     . ASP A 1 158 ? 4.214   -6.775  -5.580  1.00 35.40 ? 158 ASP A C     1 
ATOM   1234 O  O     . ASP A 1 158 ? 3.125   -6.882  -6.130  1.00 37.06 ? 158 ASP A O     1 
ATOM   1235 C  CB    . ASP A 1 158 ? 5.437   -8.931  -5.457  1.00 37.18 ? 158 ASP A CB    1 
ATOM   1236 C  CG    . ASP A 1 158 ? 6.416   -9.883  -6.131  1.00 41.66 ? 158 ASP A CG    1 
ATOM   1237 O  OD1   . ASP A 1 158 ? 7.004   -9.518  -7.179  1.00 44.35 ? 158 ASP A OD1   1 
ATOM   1238 O  OD2   . ASP A 1 158 ? 6.591   -11.008 -5.604  1.00 42.57 ? 158 ASP A OD2   1 
ATOM   1239 N  N     . VAL A 1 159 ? 4.401   -5.999  -4.516  1.00 34.81 ? 159 VAL A N     1 
ATOM   1240 C  CA    . VAL A 1 159 ? 3.294   -5.228  -3.969  1.00 33.60 ? 159 VAL A CA    1 
ATOM   1241 C  C     . VAL A 1 159 ? 2.794   -4.231  -5.005  1.00 34.83 ? 159 VAL A C     1 
ATOM   1242 O  O     . VAL A 1 159 ? 1.593   -4.141  -5.251  1.00 35.98 ? 159 VAL A O     1 
ATOM   1243 C  CB    . VAL A 1 159 ? 3.693   -4.461  -2.682  1.00 32.61 ? 159 VAL A CB    1 
ATOM   1244 C  CG1   . VAL A 1 159 ? 2.598   -3.485  -2.297  1.00 29.12 ? 159 VAL A CG1   1 
ATOM   1245 C  CG2   . VAL A 1 159 ? 3.926   -5.438  -1.545  1.00 30.45 ? 159 VAL A CG2   1 
ATOM   1246 N  N     . PHE A 1 160 ? 3.710   -3.493  -5.624  1.00 35.19 ? 160 PHE A N     1 
ATOM   1247 C  CA    . PHE A 1 160 ? 3.323   -2.510  -6.632  1.00 35.16 ? 160 PHE A CA    1 
ATOM   1248 C  C     . PHE A 1 160 ? 2.937   -3.172  -7.935  1.00 35.87 ? 160 PHE A C     1 
ATOM   1249 O  O     . PHE A 1 160 ? 2.154   -2.631  -8.703  1.00 36.10 ? 160 PHE A O     1 
ATOM   1250 C  CB    . PHE A 1 160 ? 4.450   -1.504  -6.863  1.00 34.54 ? 160 PHE A CB    1 
ATOM   1251 C  CG    . PHE A 1 160 ? 4.799   -0.716  -5.640  1.00 34.09 ? 160 PHE A CG    1 
ATOM   1252 C  CD1   . PHE A 1 160 ? 5.904   -1.056  -4.867  1.00 32.76 ? 160 PHE A CD1   1 
ATOM   1253 C  CD2   . PHE A 1 160 ? 3.987   0.334   -5.225  1.00 33.63 ? 160 PHE A CD2   1 
ATOM   1254 C  CE1   . PHE A 1 160 ? 6.197   -0.367  -3.705  1.00 32.06 ? 160 PHE A CE1   1 
ATOM   1255 C  CE2   . PHE A 1 160 ? 4.271   1.030   -4.059  1.00 32.69 ? 160 PHE A CE2   1 
ATOM   1256 C  CZ    . PHE A 1 160 ? 5.380   0.677   -3.297  1.00 33.37 ? 160 PHE A CZ    1 
ATOM   1257 N  N     . ARG A 1 161 ? 3.482   -4.349  -8.195  1.00 36.46 ? 161 ARG A N     1 
ATOM   1258 C  CA    . ARG A 1 161 ? 3.124   -5.036  -9.419  1.00 37.71 ? 161 ARG A CA    1 
ATOM   1259 C  C     . ARG A 1 161 ? 1.689   -5.504  -9.318  1.00 37.63 ? 161 ARG A C     1 
ATOM   1260 O  O     . ARG A 1 161 ? 0.944   -5.443  -10.291 1.00 38.99 ? 161 ARG A O     1 
ATOM   1261 C  CB    . ARG A 1 161 ? 4.031   -6.236  -9.653  1.00 39.51 ? 161 ARG A CB    1 
ATOM   1262 C  CG    . ARG A 1 161 ? 5.199   -5.929  -10.548 1.00 42.21 ? 161 ARG A CG    1 
ATOM   1263 C  CD    . ARG A 1 161 ? 6.121   -7.117  -10.648 1.00 45.04 ? 161 ARG A CD    1 
ATOM   1264 N  NE    . ARG A 1 161 ? 7.192   -6.871  -11.604 1.00 48.04 ? 161 ARG A NE    1 
ATOM   1265 C  CZ    . ARG A 1 161 ? 8.322   -7.564  -11.638 1.00 49.69 ? 161 ARG A CZ    1 
ATOM   1266 N  NH1   . ARG A 1 161 ? 8.525   -8.548  -10.765 1.00 51.19 ? 161 ARG A NH1   1 
ATOM   1267 N  NH2   . ARG A 1 161 ? 9.254   -7.261  -12.531 1.00 50.67 ? 161 ARG A NH2   1 
ATOM   1268 N  N     . ARG A 1 162 ? 1.306   -5.961  -8.129  1.00 36.71 ? 162 ARG A N     1 
ATOM   1269 C  CA    . ARG A 1 162 ? -0.042  -6.467  -7.882  1.00 35.19 ? 162 ARG A CA    1 
ATOM   1270 C  C     . ARG A 1 162 ? -1.102  -5.379  -7.966  1.00 35.44 ? 162 ARG A C     1 
ATOM   1271 O  O     . ARG A 1 162 ? -2.197  -5.609  -8.484  1.00 36.28 ? 162 ARG A O     1 
ATOM   1272 C  CB    . ARG A 1 162 ? -0.102  -7.128  -6.507  1.00 34.03 ? 162 ARG A CB    1 
ATOM   1273 C  CG    . ARG A 1 162 ? -1.427  -7.771  -6.178  1.00 33.57 ? 162 ARG A CG    1 
ATOM   1274 C  CD    . ARG A 1 162 ? -1.719  -8.975  -7.058  1.00 33.88 ? 162 ARG A CD    1 
ATOM   1275 N  NE    . ARG A 1 162 ? -2.922  -9.669  -6.603  1.00 35.41 ? 162 ARG A NE    1 
ATOM   1276 C  CZ    . ARG A 1 162 ? -2.943  -10.639 -5.689  1.00 36.21 ? 162 ARG A CZ    1 
ATOM   1277 N  NH1   . ARG A 1 162 ? -1.820  -11.066 -5.112  1.00 34.85 ? 162 ARG A NH1   1 
ATOM   1278 N  NH2   . ARG A 1 162 ? -4.102  -11.179 -5.341  1.00 37.12 ? 162 ARG A NH2   1 
ATOM   1279 N  N     . ILE A 1 163 ? -0.789  -4.193  -7.455  1.00 34.51 ? 163 ILE A N     1 
ATOM   1280 C  CA    . ILE A 1 163 ? -1.753  -3.106  -7.509  1.00 30.91 ? 163 ILE A CA    1 
ATOM   1281 C  C     . ILE A 1 163 ? -2.061  -2.748  -8.962  1.00 30.68 ? 163 ILE A C     1 
ATOM   1282 O  O     . ILE A 1 163 ? -3.201  -2.441  -9.287  1.00 30.54 ? 163 ILE A O     1 
ATOM   1283 C  CB    . ILE A 1 163 ? -1.261  -1.860  -6.756  1.00 28.05 ? 163 ILE A CB    1 
ATOM   1284 C  CG1   . ILE A 1 163 ? -2.407  -0.862  -6.644  1.00 25.97 ? 163 ILE A CG1   1 
ATOM   1285 C  CG2   . ILE A 1 163 ? -0.079  -1.247  -7.460  1.00 24.79 ? 163 ILE A CG2   1 
ATOM   1286 C  CD1   . ILE A 1 163 ? -3.695  -1.477  -6.126  1.00 22.74 ? 163 ILE A CD1   1 
ATOM   1287 N  N     . ILE A 1 164 ? -1.048  -2.787  -9.832  1.00 29.70 ? 164 ILE A N     1 
ATOM   1288 C  CA    . ILE A 1 164 ? -1.257  -2.504  -11.254 1.00 28.20 ? 164 ILE A CA    1 
ATOM   1289 C  C     . ILE A 1 164 ? -2.182  -3.590  -11.800 1.00 28.87 ? 164 ILE A C     1 
ATOM   1290 O  O     . ILE A 1 164 ? -3.171  -3.291  -12.470 1.00 30.29 ? 164 ILE A O     1 
ATOM   1291 C  CB    . ILE A 1 164 ? 0.074   -2.541  -12.079 1.00 26.47 ? 164 ILE A CB    1 
ATOM   1292 C  CG1   . ILE A 1 164 ? 0.808   -1.201  -11.998 1.00 26.10 ? 164 ILE A CG1   1 
ATOM   1293 C  CG2   . ILE A 1 164 ? -0.220  -2.834  -13.539 1.00 21.68 ? 164 ILE A CG2   1 
ATOM   1294 C  CD1   . ILE A 1 164 ? 1.272   -0.806  -10.640 1.00 24.05 ? 164 ILE A CD1   1 
ATOM   1295 N  N     . LEU A 1 165 ? -1.852  -4.848  -11.503 1.00 28.01 ? 165 LEU A N     1 
ATOM   1296 C  CA    . LEU A 1 165 ? -2.640  -5.985  -11.957 1.00 27.86 ? 165 LEU A CA    1 
ATOM   1297 C  C     . LEU A 1 165 ? -4.099  -5.800  -11.580 1.00 28.79 ? 165 LEU A C     1 
ATOM   1298 O  O     . LEU A 1 165 ? -4.985  -6.006  -12.408 1.00 28.63 ? 165 LEU A O     1 
ATOM   1299 C  CB    . LEU A 1 165 ? -2.107  -7.288  -11.353 1.00 28.28 ? 165 LEU A CB    1 
ATOM   1300 C  CG    . LEU A 1 165 ? -0.927  -7.971  -12.054 1.00 28.92 ? 165 LEU A CG    1 
ATOM   1301 C  CD1   . LEU A 1 165 ? -0.280  -8.977  -11.137 1.00 28.89 ? 165 LEU A CD1   1 
ATOM   1302 C  CD2   . LEU A 1 165 ? -1.413  -8.657  -13.310 1.00 29.47 ? 165 LEU A CD2   1 
ATOM   1303 N  N     . GLU A 1 166 ? -4.349  -5.405  -10.334 1.00 30.37 ? 166 GLU A N     1 
ATOM   1304 C  CA    . GLU A 1 166 ? -5.716  -5.190  -9.864  1.00 31.01 ? 166 GLU A CA    1 
ATOM   1305 C  C     . GLU A 1 166 ? -6.328  -3.949  -10.522 1.00 32.19 ? 166 GLU A C     1 
ATOM   1306 O  O     . GLU A 1 166 ? -7.546  -3.833  -10.648 1.00 32.07 ? 166 GLU A O     1 
ATOM   1307 C  CB    . GLU A 1 166 ? -5.735  -5.046  -8.340  1.00 28.88 ? 166 GLU A CB    1 
ATOM   1308 C  CG    . GLU A 1 166 ? -6.485  -6.155  -7.631  1.00 29.06 ? 166 GLU A CG    1 
ATOM   1309 C  CD    . GLU A 1 166 ? -5.940  -7.528  -7.971  1.00 31.00 ? 166 GLU A CD    1 
ATOM   1310 O  OE1   . GLU A 1 166 ? -4.735  -7.759  -7.756  1.00 33.27 ? 166 GLU A OE1   1 
ATOM   1311 O  OE2   . GLU A 1 166 ? -6.707  -8.387  -8.454  1.00 31.56 ? 166 GLU A OE2   1 
ATOM   1312 N  N     . ALA A 1 167 ? -5.479  -3.024  -10.948 1.00 34.21 ? 167 ALA A N     1 
ATOM   1313 C  CA    . ALA A 1 167 ? -5.954  -1.815  -11.599 1.00 37.10 ? 167 ALA A CA    1 
ATOM   1314 C  C     . ALA A 1 167 ? -6.534  -2.198  -12.958 1.00 39.41 ? 167 ALA A C     1 
ATOM   1315 O  O     . ALA A 1 167 ? -7.730  -2.024  -13.212 1.00 39.47 ? 167 ALA A O     1 
ATOM   1316 C  CB    . ALA A 1 167 ? -4.802  -0.819  -11.770 1.00 38.32 ? 167 ALA A CB    1 
ATOM   1317 N  N     . GLU A 1 168 ? -5.679  -2.726  -13.824 1.00 40.26 ? 168 GLU A N     1 
ATOM   1318 C  CA    . GLU A 1 168 ? -6.108  -3.142  -15.145 1.00 42.89 ? 168 GLU A CA    1 
ATOM   1319 C  C     . GLU A 1 168 ? -7.357  -4.023  -15.113 1.00 43.83 ? 168 GLU A C     1 
ATOM   1320 O  O     . GLU A 1 168 ? -8.139  -4.028  -16.060 1.00 45.45 ? 168 GLU A O     1 
ATOM   1321 C  CB    . GLU A 1 168 ? -4.975  -3.886  -15.846 1.00 45.24 ? 168 GLU A CB    1 
ATOM   1322 C  CG    . GLU A 1 168 ? -3.883  -2.983  -16.374 1.00 50.01 ? 168 GLU A CG    1 
ATOM   1323 C  CD    . GLU A 1 168 ? -4.429  -1.880  -17.266 1.00 53.58 ? 168 GLU A CD    1 
ATOM   1324 O  OE1   . GLU A 1 168 ? -5.408  -2.139  -18.006 1.00 55.27 ? 168 GLU A OE1   1 
ATOM   1325 O  OE2   . GLU A 1 168 ? -3.877  -0.756  -17.232 1.00 55.11 ? 168 GLU A OE2   1 
ATOM   1326 N  N     . LYS A 1 169 ? -7.556  -4.772  -14.035 1.00 43.42 ? 169 LYS A N     1 
ATOM   1327 C  CA    . LYS A 1 169 ? -8.722  -5.629  -13.964 1.00 43.84 ? 169 LYS A CA    1 
ATOM   1328 C  C     . LYS A 1 169 ? -10.010 -4.836  -13.999 1.00 47.27 ? 169 LYS A C     1 
ATOM   1329 O  O     . LYS A 1 169 ? -10.890 -5.148  -14.791 1.00 49.34 ? 169 LYS A O     1 
ATOM   1330 C  CB    . LYS A 1 169 ? -8.674  -6.514  -12.727 1.00 41.07 ? 169 LYS A CB    1 
ATOM   1331 C  CG    . LYS A 1 169 ? -7.616  -7.599  -12.822 1.00 36.90 ? 169 LYS A CG    1 
ATOM   1332 C  CD    . LYS A 1 169 ? -7.666  -8.510  -11.620 1.00 34.83 ? 169 LYS A CD    1 
ATOM   1333 C  CE    . LYS A 1 169 ? -6.534  -9.502  -11.621 1.00 31.88 ? 169 LYS A CE    1 
ATOM   1334 N  NZ    . LYS A 1 169 ? -6.607  -10.351 -10.410 1.00 31.50 ? 169 LYS A NZ    1 
ATOM   1335 N  N     . LEU A 1 170 ? -10.134 -3.810  -13.160 1.00 50.28 ? 170 LEU A N     1 
ATOM   1336 C  CA    . LEU A 1 170 ? -11.355 -2.999  -13.166 1.00 53.49 ? 170 LEU A CA    1 
ATOM   1337 C  C     . LEU A 1 170 ? -11.514 -2.234  -14.485 1.00 56.45 ? 170 LEU A C     1 
ATOM   1338 O  O     . LEU A 1 170 ? -12.615 -2.149  -15.028 1.00 57.28 ? 170 LEU A O     1 
ATOM   1339 C  CB    . LEU A 1 170 ? -11.370 -2.010  -11.998 1.00 52.64 ? 170 LEU A CB    1 
ATOM   1340 C  CG    . LEU A 1 170 ? -11.466 -2.564  -10.576 1.00 51.86 ? 170 LEU A CG    1 
ATOM   1341 C  CD1   . LEU A 1 170 ? -11.806 -1.418  -9.654  1.00 51.04 ? 170 LEU A CD1   1 
ATOM   1342 C  CD2   . LEU A 1 170 ? -12.533 -3.632  -10.472 1.00 51.87 ? 170 LEU A CD2   1 
ATOM   1343 N  N     . GLU A 1 171 ? -10.420 -1.677  -14.996 1.00 59.45 ? 171 GLU A N     1 
ATOM   1344 C  CA    . GLU A 1 171 ? -10.450 -0.948  -16.265 1.00 62.70 ? 171 GLU A CA    1 
ATOM   1345 C  C     . GLU A 1 171 ? -11.117 -1.814  -17.329 1.00 64.40 ? 171 GLU A C     1 
ATOM   1346 O  O     . GLU A 1 171 ? -11.882 -1.322  -18.159 1.00 65.25 ? 171 GLU A O     1 
ATOM   1347 C  CB    . GLU A 1 171 ? -9.033  -0.625  -16.744 1.00 64.03 ? 171 GLU A CB    1 
ATOM   1348 C  CG    . GLU A 1 171 ? -8.254  0.370   -15.912 1.00 66.09 ? 171 GLU A CG    1 
ATOM   1349 C  CD    . GLU A 1 171 ? -6.814  0.469   -16.379 1.00 68.00 ? 171 GLU A CD    1 
ATOM   1350 O  OE1   . GLU A 1 171 ? -6.600  0.428   -17.614 1.00 67.69 ? 171 GLU A OE1   1 
ATOM   1351 O  OE2   . GLU A 1 171 ? -5.899  0.588   -15.530 1.00 69.28 ? 171 GLU A OE2   1 
ATOM   1352 N  N     . HIS A 1 172 ? -10.799 -3.106  -17.304 1.00 66.20 ? 172 HIS A N     1 
ATOM   1353 C  CA    . HIS A 1 172 ? -11.348 -4.065  -18.253 1.00 67.70 ? 172 HIS A CA    1 
ATOM   1354 C  C     . HIS A 1 172 ? -12.533 -4.803  -17.636 1.00 67.96 ? 172 HIS A C     1 
ATOM   1355 O  O     . HIS A 1 172 ? -12.672 -6.006  -17.947 1.00 68.47 ? 172 HIS A O     1 
ATOM   1356 C  CB    . HIS A 1 172 ? -10.271 -5.081  -18.649 1.00 69.15 ? 172 HIS A CB    1 
ATOM   1357 C  CG    . HIS A 1 172 ? -9.110  -4.479  -19.386 1.00 70.71 ? 172 HIS A CG    1 
ATOM   1358 N  ND1   . HIS A 1 172 ? -9.184  -4.094  -20.712 1.00 70.97 ? 172 HIS A ND1   1 
ATOM   1359 C  CD2   . HIS A 1 172 ? -7.846  -4.184  -18.980 1.00 71.41 ? 172 HIS A CD2   1 
ATOM   1360 C  CE1   . HIS A 1 172 ? -8.019  -3.583  -21.086 1.00 71.35 ? 172 HIS A CE1   1 
ATOM   1361 N  NE2   . HIS A 1 172 ? -7.189  -3.628  -20.056 1.00 71.17 ? 172 HIS A NE2   1 
HETATM 1362 MG MG    . MG  B 2 .   ? 7.848   7.463   6.733   1.00 35.30 ? 178 MG  A MG    1 
HETATM 1363 P  PG    . GTP C 3 .   ? 5.313   6.958   8.733   1.00 36.66 ? 179 GTP A PG    1 
HETATM 1364 O  O1G   . GTP C 3 .   ? 5.389   7.752   9.980   1.00 37.04 ? 179 GTP A O1G   1 
HETATM 1365 O  O2G   . GTP C 3 .   ? 3.841   6.365   8.463   1.00 36.32 ? 179 GTP A O2G   1 
HETATM 1366 O  O3G   . GTP C 3 .   ? 5.683   7.821   7.427   1.00 36.93 ? 179 GTP A O3G   1 
HETATM 1367 O  O3B   . GTP C 3 .   ? 6.306   5.692   8.740   1.00 37.03 ? 179 GTP A O3B   1 
HETATM 1368 P  PB    . GTP C 3 .   ? 6.220   4.582   7.577   1.00 37.29 ? 179 GTP A PB    1 
HETATM 1369 O  O1B   . GTP C 3 .   ? 6.714   5.183   6.318   1.00 37.87 ? 179 GTP A O1B   1 
HETATM 1370 O  O2B   . GTP C 3 .   ? 4.849   4.026   7.600   1.00 38.21 ? 179 GTP A O2B   1 
HETATM 1371 O  O3A   . GTP C 3 .   ? 7.247   3.442   8.069   1.00 36.12 ? 179 GTP A O3A   1 
HETATM 1372 P  PA    . GTP C 3 .   ? 8.820   3.536   7.732   1.00 33.86 ? 179 GTP A PA    1 
HETATM 1373 O  O1A   . GTP C 3 .   ? 9.310   4.873   8.137   1.00 31.91 ? 179 GTP A O1A   1 
HETATM 1374 O  O2A   . GTP C 3 .   ? 8.998   3.114   6.324   1.00 30.81 ? 179 GTP A O2A   1 
HETATM 1375 O  "O5'" . GTP C 3 .   ? 9.467   2.420   8.693   1.00 32.99 ? 179 GTP A "O5'" 1 
HETATM 1376 C  "C5'" . GTP C 3 .   ? 9.498   2.614   10.112  1.00 31.32 ? 179 GTP A "C5'" 1 
HETATM 1377 C  "C4'" . GTP C 3 .   ? 10.478  1.645   10.778  1.00 31.70 ? 179 GTP A "C4'" 1 
HETATM 1378 O  "O4'" . GTP C 3 .   ? 10.122  0.302   10.400  1.00 29.49 ? 179 GTP A "O4'" 1 
HETATM 1379 C  "C3'" . GTP C 3 .   ? 11.889  1.889   10.237  1.00 32.46 ? 179 GTP A "C3'" 1 
HETATM 1380 O  "O3'" . GTP C 3 .   ? 12.865  1.545   11.225  1.00 35.30 ? 179 GTP A "O3'" 1 
HETATM 1381 C  "C2'" . GTP C 3 .   ? 11.942  0.904   9.070   1.00 32.46 ? 179 GTP A "C2'" 1 
HETATM 1382 O  "O2'" . GTP C 3 .   ? 13.304  0.579   8.781   1.00 31.92 ? 179 GTP A "O2'" 1 
HETATM 1383 C  "C1'" . GTP C 3 .   ? 11.256  -0.288  9.741   1.00 31.27 ? 179 GTP A "C1'" 1 
HETATM 1384 N  N9    . GTP C 3 .   ? 10.816  -1.300  8.751   1.00 32.41 ? 179 GTP A N9    1 
HETATM 1385 C  C8    . GTP C 3 .   ? 10.014  -1.070  7.713   1.00 34.09 ? 179 GTP A C8    1 
HETATM 1386 N  N7    . GTP C 3 .   ? 9.800   -2.201  7.045   1.00 33.63 ? 179 GTP A N7    1 
HETATM 1387 C  C5    . GTP C 3 .   ? 10.477  -3.164  7.662   1.00 34.85 ? 179 GTP A C5    1 
HETATM 1388 C  C6    . GTP C 3 .   ? 10.637  -4.520  7.407   1.00 36.58 ? 179 GTP A C6    1 
HETATM 1389 O  O6    . GTP C 3 .   ? 10.085  -5.039  6.436   1.00 38.57 ? 179 GTP A O6    1 
HETATM 1390 N  N1    . GTP C 3 .   ? 11.455  -5.277  8.256   1.00 35.45 ? 179 GTP A N1    1 
HETATM 1391 C  C2    . GTP C 3 .   ? 12.089  -4.649  9.335   1.00 36.27 ? 179 GTP A C2    1 
HETATM 1392 N  N2    . GTP C 3 .   ? 12.883  -5.355  10.134  1.00 39.08 ? 179 GTP A N2    1 
HETATM 1393 N  N3    . GTP C 3 .   ? 11.906  -3.337  9.552   1.00 34.87 ? 179 GTP A N3    1 
HETATM 1394 C  C4    . GTP C 3 .   ? 11.127  -2.593  8.751   1.00 33.63 ? 179 GTP A C4    1 
HETATM 1395 O  O     . HOH D 4 .   ? 5.852   7.318   5.109   1.00 4.45  ? 180 HOH A O     1 
HETATM 1396 O  O     . HOH D 4 .   ? 3.770   10.036  10.213  1.00 33.23 ? 181 HOH A O     1 
HETATM 1397 O  O     . HOH D 4 .   ? -10.971 -3.342  -4.741  1.00 23.16 ? 182 HOH A O     1 
HETATM 1398 O  O     . HOH D 4 .   ? 10.377  14.983  7.681   1.00 35.11 ? 183 HOH A O     1 
HETATM 1399 O  O     . HOH D 4 .   ? -3.686  -13.835 14.023  1.00 16.33 ? 184 HOH A O     1 
HETATM 1400 O  O     . HOH D 4 .   ? 0.538   12.833  3.882   1.00 28.83 ? 185 HOH A O     1 
HETATM 1401 O  O     . HOH D 4 .   ? -0.030  -3.042  18.876  1.00 18.23 ? 186 HOH A O     1 
HETATM 1402 O  O     . HOH D 4 .   ? -3.318  6.590   18.112  1.00 27.78 ? 187 HOH A O     1 
HETATM 1403 O  O     . HOH D 4 .   ? -5.633  -9.240  16.086  1.00 33.99 ? 188 HOH A O     1 
HETATM 1404 O  O     . HOH D 4 .   ? -12.532 11.764  6.967   1.00 42.25 ? 189 HOH A O     1 
HETATM 1405 O  O     . HOH D 4 .   ? -1.775  12.549  9.355   1.00 20.07 ? 190 HOH A O     1 
HETATM 1406 O  O     . HOH D 4 .   ? -4.078  12.829  7.859   1.00 20.58 ? 191 HOH A O     1 
HETATM 1407 O  O     . HOH D 4 .   ? -0.590  14.844  -4.451  1.00 24.85 ? 192 HOH A O     1 
HETATM 1408 O  O     . HOH D 4 .   ? 0.010   9.816   -12.918 1.00 33.18 ? 193 HOH A O     1 
HETATM 1409 O  O     . HOH D 4 .   ? -6.006  -2.206  21.419  1.00 45.08 ? 194 HOH A O     1 
HETATM 1410 O  O     . HOH D 4 .   ? 17.232  -5.493  -1.563  1.00 18.92 ? 195 HOH A O     1 
HETATM 1411 O  O     . HOH D 4 .   ? -1.055  -4.483  -17.036 1.00 17.12 ? 196 HOH A O     1 
HETATM 1412 O  O     . HOH D 4 .   ? 10.131  9.754   4.690   1.00 22.25 ? 197 HOH A O     1 
HETATM 1413 O  O     . HOH D 4 .   ? 14.384  -0.725  13.688  1.00 39.03 ? 198 HOH A O     1 
HETATM 1414 O  O     . HOH D 4 .   ? -9.526  -4.943  -5.982  1.00 30.74 ? 199 HOH A O     1 
HETATM 1415 O  O     . HOH D 4 .   ? -6.752  6.134   -16.593 1.00 36.58 ? 200 HOH A O     1 
HETATM 1416 O  O     . HOH D 4 .   ? 17.031  1.240   -9.140  1.00 37.01 ? 201 HOH A O     1 
HETATM 1417 O  O     . HOH D 4 .   ? 5.684   -3.057  16.823  1.00 32.59 ? 202 HOH A O     1 
HETATM 1418 O  O     . HOH D 4 .   ? -8.068  0.899   17.564  1.00 26.88 ? 203 HOH A O     1 
HETATM 1419 O  O     . HOH D 4 .   ? 8.789   0.124   13.964  1.00 19.67 ? 204 HOH A O     1 
HETATM 1420 O  O     . HOH D 4 .   ? 19.577  1.777   5.717   1.00 46.87 ? 205 HOH A O     1 
HETATM 1421 O  O     . HOH D 4 .   ? 9.059   -18.312 7.626   1.00 37.63 ? 206 HOH A O     1 
HETATM 1422 O  O     . HOH D 4 .   ? 6.637   -16.110 8.540   1.00 40.84 ? 207 HOH A O     1 
HETATM 1423 O  O     . HOH D 4 .   ? 6.653   -18.731 5.155   1.00 39.80 ? 208 HOH A O     1 
HETATM 1424 O  O     . HOH D 4 .   ? -3.026  -13.196 -3.180  1.00 45.55 ? 209 HOH A O     1 
# 
loop_
_pdbx_poly_seq_scheme.asym_id 
_pdbx_poly_seq_scheme.entity_id 
_pdbx_poly_seq_scheme.seq_id 
_pdbx_poly_seq_scheme.mon_id 
_pdbx_poly_seq_scheme.ndb_seq_num 
_pdbx_poly_seq_scheme.pdb_seq_num 
_pdbx_poly_seq_scheme.auth_seq_num 
_pdbx_poly_seq_scheme.pdb_mon_id 
_pdbx_poly_seq_scheme.auth_mon_id 
_pdbx_poly_seq_scheme.pdb_strand_id 
_pdbx_poly_seq_scheme.pdb_ins_code 
_pdbx_poly_seq_scheme.hetero 
A 1 1   MET 1   1   ?   ?   ?   A . n 
A 1 2   PRO 2   2   2   PRO PRO A . n 
A 1 3   GLN 3   3   3   GLN GLN A . n 
A 1 4   SER 4   4   4   SER SER A . n 
A 1 5   LYS 5   5   5   LYS LYS A . n 
A 1 6   SER 6   6   6   SER SER A . n 
A 1 7   ARG 7   7   7   ARG ARG A . n 
A 1 8   LYS 8   8   8   LYS LYS A . n 
A 1 9   ILE 9   9   9   ILE ILE A . n 
A 1 10  ALA 10  10  10  ALA ALA A . n 
A 1 11  ILE 11  11  11  ILE ILE A . n 
A 1 12  LEU 12  12  12  LEU LEU A . n 
A 1 13  GLY 13  13  13  GLY GLY A . n 
A 1 14  TYR 14  14  14  TYR TYR A . n 
A 1 15  ARG 15  15  15  ARG ARG A . n 
A 1 16  SER 16  16  16  SER SER A . n 
A 1 17  VAL 17  17  17  VAL VAL A . n 
A 1 18  GLY 18  18  18  GLY GLY A . n 
A 1 19  LYS 19  19  19  LYS LYS A . n 
A 1 20  SER 20  20  20  SER SER A . n 
A 1 21  SER 21  21  21  SER SER A . n 
A 1 22  LEU 22  22  22  LEU LEU A . n 
A 1 23  THR 23  23  23  THR THR A . n 
A 1 24  ILE 24  24  24  ILE ILE A . n 
A 1 25  GLN 25  25  25  GLN GLN A . n 
A 1 26  PHE 26  26  26  PHE PHE A . n 
A 1 27  VAL 27  27  27  VAL VAL A . n 
A 1 28  GLU 28  28  28  GLU GLU A . n 
A 1 29  GLY 29  29  29  GLY GLY A . n 
A 1 30  GLN 30  30  30  GLN GLN A . n 
A 1 31  PHE 31  31  31  PHE PHE A . n 
A 1 32  VAL 32  32  32  VAL VAL A . n 
A 1 33  ASP 33  33  33  ASP ASP A . n 
A 1 34  SER 34  34  34  SER SER A . n 
A 1 35  TYR 35  35  35  TYR TYR A . n 
A 1 36  ASP 36  36  36  ASP ASP A . n 
A 1 37  PRO 37  37  37  PRO PRO A . n 
A 1 38  THR 38  38  38  THR THR A . n 
A 1 39  ILE 39  39  39  ILE ILE A . n 
A 1 40  GLU 40  40  40  GLU GLU A . n 
A 1 41  ASN 41  41  41  ASN ASN A . n 
A 1 42  THR 42  42  42  THR THR A . n 
A 1 43  PHE 43  43  43  PHE PHE A . n 
A 1 44  THR 44  44  44  THR THR A . n 
A 1 45  LYS 45  45  45  LYS LYS A . n 
A 1 46  LEU 46  46  46  LEU LEU A . n 
A 1 47  ILE 47  47  47  ILE ILE A . n 
A 1 48  THR 48  48  48  THR THR A . n 
A 1 49  VAL 49  49  49  VAL VAL A . n 
A 1 50  ASN 50  50  50  ASN ASN A . n 
A 1 51  GLY 51  51  51  GLY GLY A . n 
A 1 52  GLN 52  52  52  GLN GLN A . n 
A 1 53  GLU 53  53  53  GLU GLU A . n 
A 1 54  TYR 54  54  54  TYR TYR A . n 
A 1 55  HIS 55  55  55  HIS HIS A . n 
A 1 56  LEU 56  56  56  LEU LEU A . n 
A 1 57  GLN 57  57  57  GLN GLN A . n 
A 1 58  LEU 58  58  58  LEU LEU A . n 
A 1 59  VAL 59  59  59  VAL VAL A . n 
A 1 60  ASP 60  60  60  ASP ASP A . n 
A 1 61  THR 61  61  61  THR THR A . n 
A 1 62  ALA 62  62  62  ALA ALA A . n 
A 1 63  GLY 63  63  63  GLY GLY A . n 
A 1 64  GLN 64  64  64  GLN GLN A . n 
A 1 65  ASP 65  65  65  ASP ASP A . n 
A 1 66  GLU 66  66  66  GLU GLU A . n 
A 1 67  TYR 67  67  67  TYR TYR A . n 
A 1 68  SER 68  68  68  SER SER A . n 
A 1 69  ILE 69  69  69  ILE ILE A . n 
A 1 70  PHE 70  70  70  PHE PHE A . n 
A 1 71  PRO 71  71  71  PRO PRO A . n 
A 1 72  GLN 72  72  72  GLN GLN A . n 
A 1 73  THR 73  73  73  THR THR A . n 
A 1 74  TYR 74  74  74  TYR TYR A . n 
A 1 75  SER 75  75  75  SER SER A . n 
A 1 76  ILE 76  76  76  ILE ILE A . n 
A 1 77  ASP 77  77  77  ASP ASP A . n 
A 1 78  ILE 78  78  78  ILE ILE A . n 
A 1 79  ASN 79  79  79  ASN ASN A . n 
A 1 80  GLY 80  80  80  GLY GLY A . n 
A 1 81  TYR 81  81  81  TYR TYR A . n 
A 1 82  ILE 82  82  82  ILE ILE A . n 
A 1 83  LEU 83  83  83  LEU LEU A . n 
A 1 84  VAL 84  84  84  VAL VAL A . n 
A 1 85  TYR 85  85  85  TYR TYR A . n 
A 1 86  SER 86  86  86  SER SER A . n 
A 1 87  VAL 87  87  87  VAL VAL A . n 
A 1 88  THR 88  88  88  THR THR A . n 
A 1 89  SER 89  89  89  SER SER A . n 
A 1 90  ILE 90  90  90  ILE ILE A . n 
A 1 91  LYS 91  91  91  LYS LYS A . n 
A 1 92  SER 92  92  92  SER SER A . n 
A 1 93  PHE 93  93  93  PHE PHE A . n 
A 1 94  GLU 94  94  94  GLU GLU A . n 
A 1 95  VAL 95  95  95  VAL VAL A . n 
A 1 96  ILE 96  96  96  ILE ILE A . n 
A 1 97  LYS 97  97  97  LYS LYS A . n 
A 1 98  VAL 98  98  98  VAL VAL A . n 
A 1 99  ILE 99  99  99  ILE ILE A . n 
A 1 100 HIS 100 100 100 HIS HIS A . n 
A 1 101 GLY 101 101 101 GLY GLY A . n 
A 1 102 LYS 102 102 102 LYS LYS A . n 
A 1 103 LEU 103 103 103 LEU LEU A . n 
A 1 104 LEU 104 104 104 LEU LEU A . n 
A 1 105 ASP 105 105 105 ASP ASP A . n 
A 1 106 MET 106 106 106 MET MET A . n 
A 1 107 VAL 107 107 107 VAL VAL A . n 
A 1 108 GLY 108 108 108 GLY GLY A . n 
A 1 109 LYS 109 109 109 LYS LYS A . n 
A 1 110 VAL 110 110 110 VAL VAL A . n 
A 1 111 GLN 111 111 111 GLN GLN A . n 
A 1 112 ILE 112 112 112 ILE ILE A . n 
A 1 113 PRO 113 113 113 PRO PRO A . n 
A 1 114 ILE 114 114 114 ILE ILE A . n 
A 1 115 MET 115 115 115 MET MET A . n 
A 1 116 LEU 116 116 116 LEU LEU A . n 
A 1 117 VAL 117 117 117 VAL VAL A . n 
A 1 118 GLY 118 118 118 GLY GLY A . n 
A 1 119 ASN 119 119 119 ASN ASN A . n 
A 1 120 LYS 120 120 120 LYS LYS A . n 
A 1 121 LYS 121 121 121 LYS LYS A . n 
A 1 122 ASP 122 122 122 ASP ASP A . n 
A 1 123 LEU 123 123 123 LEU LEU A . n 
A 1 124 HIS 124 124 124 HIS HIS A . n 
A 1 125 MET 125 125 125 MET MET A . n 
A 1 126 GLU 126 126 126 GLU GLU A . n 
A 1 127 ARG 127 127 127 ARG ARG A . n 
A 1 128 VAL 128 128 128 VAL VAL A . n 
A 1 129 ILE 129 129 129 ILE ILE A . n 
A 1 130 SER 130 130 130 SER SER A . n 
A 1 131 TYR 131 131 131 TYR TYR A . n 
A 1 132 GLU 132 132 132 GLU GLU A . n 
A 1 133 GLU 133 133 133 GLU GLU A . n 
A 1 134 GLY 134 134 134 GLY GLY A . n 
A 1 135 LYS 135 135 135 LYS LYS A . n 
A 1 136 ALA 136 136 136 ALA ALA A . n 
A 1 137 LEU 137 137 137 LEU LEU A . n 
A 1 138 ALA 138 138 138 ALA ALA A . n 
A 1 139 GLU 139 139 139 GLU GLU A . n 
A 1 140 SER 140 140 140 SER SER A . n 
A 1 141 TRP 141 141 141 TRP TRP A . n 
A 1 142 ASN 142 142 142 ASN ASN A . n 
A 1 143 ALA 143 143 143 ALA ALA A . n 
A 1 144 ALA 144 144 144 ALA ALA A . n 
A 1 145 PHE 145 145 145 PHE PHE A . n 
A 1 146 LEU 146 146 146 LEU LEU A . n 
A 1 147 GLU 147 147 147 GLU GLU A . n 
A 1 148 SER 148 148 148 SER SER A . n 
A 1 149 SER 149 149 149 SER SER A . n 
A 1 150 ALA 150 150 150 ALA ALA A . n 
A 1 151 LYS 151 151 151 LYS LYS A . n 
A 1 152 GLU 152 152 152 GLU GLU A . n 
A 1 153 ASN 153 153 153 ASN ASN A . n 
A 1 154 GLN 154 154 154 GLN GLN A . n 
A 1 155 THR 155 155 155 THR THR A . n 
A 1 156 ALA 156 156 156 ALA ALA A . n 
A 1 157 VAL 157 157 157 VAL VAL A . n 
A 1 158 ASP 158 158 158 ASP ASP A . n 
A 1 159 VAL 159 159 159 VAL VAL A . n 
A 1 160 PHE 160 160 160 PHE PHE A . n 
A 1 161 ARG 161 161 161 ARG ARG A . n 
A 1 162 ARG 162 162 162 ARG ARG A . n 
A 1 163 ILE 163 163 163 ILE ILE A . n 
A 1 164 ILE 164 164 164 ILE ILE A . n 
A 1 165 LEU 165 165 165 LEU LEU A . n 
A 1 166 GLU 166 166 166 GLU GLU A . n 
A 1 167 ALA 167 167 167 ALA ALA A . n 
A 1 168 GLU 168 168 168 GLU GLU A . n 
A 1 169 LYS 169 169 169 LYS LYS A . n 
A 1 170 LEU 170 170 170 LEU LEU A . n 
A 1 171 GLU 171 171 171 GLU GLU A . n 
A 1 172 HIS 172 172 172 HIS HIS A . n 
A 1 173 HIS 173 173 ?   ?   ?   A . n 
A 1 174 HIS 174 174 ?   ?   ?   A . n 
A 1 175 HIS 175 175 ?   ?   ?   A . n 
A 1 176 HIS 176 176 ?   ?   ?   A . n 
A 1 177 HIS 177 177 ?   ?   ?   A . n 
# 
loop_
_pdbx_nonpoly_scheme.asym_id 
_pdbx_nonpoly_scheme.entity_id 
_pdbx_nonpoly_scheme.mon_id 
_pdbx_nonpoly_scheme.ndb_seq_num 
_pdbx_nonpoly_scheme.pdb_seq_num 
_pdbx_nonpoly_scheme.auth_seq_num 
_pdbx_nonpoly_scheme.pdb_mon_id 
_pdbx_nonpoly_scheme.auth_mon_id 
_pdbx_nonpoly_scheme.pdb_strand_id 
_pdbx_nonpoly_scheme.pdb_ins_code 
B 2 MG  1  178 2  MG  MG  A . 
C 3 GTP 1  179 1  GTP GTP A . 
D 4 HOH 1  180 1  HOH TIP A . 
D 4 HOH 2  181 2  HOH TIP A . 
D 4 HOH 3  182 3  HOH TIP A . 
D 4 HOH 4  183 4  HOH TIP A . 
D 4 HOH 5  184 5  HOH TIP A . 
D 4 HOH 6  185 6  HOH TIP A . 
D 4 HOH 7  186 7  HOH TIP A . 
D 4 HOH 8  187 8  HOH TIP A . 
D 4 HOH 9  188 9  HOH TIP A . 
D 4 HOH 10 189 10 HOH TIP A . 
D 4 HOH 11 190 11 HOH TIP A . 
D 4 HOH 12 191 12 HOH TIP A . 
D 4 HOH 13 192 13 HOH TIP A . 
D 4 HOH 14 193 14 HOH TIP A . 
D 4 HOH 15 194 15 HOH TIP A . 
D 4 HOH 16 195 16 HOH TIP A . 
D 4 HOH 17 196 17 HOH TIP A . 
D 4 HOH 18 197 18 HOH TIP A . 
D 4 HOH 19 198 19 HOH TIP A . 
D 4 HOH 20 199 20 HOH TIP A . 
D 4 HOH 21 200 21 HOH TIP A . 
D 4 HOH 22 201 22 HOH TIP A . 
D 4 HOH 23 202 23 HOH TIP A . 
D 4 HOH 24 203 24 HOH TIP A . 
D 4 HOH 25 204 25 HOH TIP A . 
D 4 HOH 26 205 26 HOH TIP A . 
D 4 HOH 27 206 27 HOH TIP A . 
D 4 HOH 28 207 28 HOH TIP A . 
D 4 HOH 29 208 29 HOH TIP A . 
D 4 HOH 30 209 30 HOH TIP A . 
# 
_pdbx_struct_assembly.id                   1 
_pdbx_struct_assembly.details              author_defined_assembly 
_pdbx_struct_assembly.method_details       ? 
_pdbx_struct_assembly.oligomeric_details   monomeric 
_pdbx_struct_assembly.oligomeric_count     1 
# 
_pdbx_struct_assembly_gen.assembly_id       1 
_pdbx_struct_assembly_gen.oper_expression   1 
_pdbx_struct_assembly_gen.asym_id_list      A,B,C,D 
# 
_pdbx_struct_oper_list.id                   1 
_pdbx_struct_oper_list.type                 'identity operation' 
_pdbx_struct_oper_list.name                 1_555 
_pdbx_struct_oper_list.symmetry_operation   x,y,z 
_pdbx_struct_oper_list.matrix[1][1]         1.0000000000 
_pdbx_struct_oper_list.matrix[1][2]         0.0000000000 
_pdbx_struct_oper_list.matrix[1][3]         0.0000000000 
_pdbx_struct_oper_list.vector[1]            0.0000000000 
_pdbx_struct_oper_list.matrix[2][1]         0.0000000000 
_pdbx_struct_oper_list.matrix[2][2]         1.0000000000 
_pdbx_struct_oper_list.matrix[2][3]         0.0000000000 
_pdbx_struct_oper_list.vector[2]            0.0000000000 
_pdbx_struct_oper_list.matrix[3][1]         0.0000000000 
_pdbx_struct_oper_list.matrix[3][2]         0.0000000000 
_pdbx_struct_oper_list.matrix[3][3]         1.0000000000 
_pdbx_struct_oper_list.vector[3]            0.0000000000 
# 
loop_
_pdbx_struct_conn_angle.id 
_pdbx_struct_conn_angle.ptnr1_label_atom_id 
_pdbx_struct_conn_angle.ptnr1_label_alt_id 
_pdbx_struct_conn_angle.ptnr1_label_asym_id 
_pdbx_struct_conn_angle.ptnr1_label_comp_id 
_pdbx_struct_conn_angle.ptnr1_label_seq_id 
_pdbx_struct_conn_angle.ptnr1_auth_atom_id 
_pdbx_struct_conn_angle.ptnr1_auth_asym_id 
_pdbx_struct_conn_angle.ptnr1_auth_comp_id 
_pdbx_struct_conn_angle.ptnr1_auth_seq_id 
_pdbx_struct_conn_angle.ptnr1_PDB_ins_code 
_pdbx_struct_conn_angle.ptnr1_symmetry 
_pdbx_struct_conn_angle.ptnr2_label_atom_id 
_pdbx_struct_conn_angle.ptnr2_label_alt_id 
_pdbx_struct_conn_angle.ptnr2_label_asym_id 
_pdbx_struct_conn_angle.ptnr2_label_comp_id 
_pdbx_struct_conn_angle.ptnr2_label_seq_id 
_pdbx_struct_conn_angle.ptnr2_auth_atom_id 
_pdbx_struct_conn_angle.ptnr2_auth_asym_id 
_pdbx_struct_conn_angle.ptnr2_auth_comp_id 
_pdbx_struct_conn_angle.ptnr2_auth_seq_id 
_pdbx_struct_conn_angle.ptnr2_PDB_ins_code 
_pdbx_struct_conn_angle.ptnr2_symmetry 
_pdbx_struct_conn_angle.ptnr3_label_atom_id 
_pdbx_struct_conn_angle.ptnr3_label_alt_id 
_pdbx_struct_conn_angle.ptnr3_label_asym_id 
_pdbx_struct_conn_angle.ptnr3_label_comp_id 
_pdbx_struct_conn_angle.ptnr3_label_seq_id 
_pdbx_struct_conn_angle.ptnr3_auth_atom_id 
_pdbx_struct_conn_angle.ptnr3_auth_asym_id 
_pdbx_struct_conn_angle.ptnr3_auth_comp_id 
_pdbx_struct_conn_angle.ptnr3_auth_seq_id 
_pdbx_struct_conn_angle.ptnr3_PDB_ins_code 
_pdbx_struct_conn_angle.ptnr3_symmetry 
_pdbx_struct_conn_angle.value 
_pdbx_struct_conn_angle.value_esd 
1  OG  ? A SER 20 ? A SER 20  ? 1_555 MG ? B MG . ? A MG 178 ? 1_555 OG1 ? A THR 38 ? A THR 38  ? 1_555 69.0  ? 
2  OG  ? A SER 20 ? A SER 20  ? 1_555 MG ? B MG . ? A MG 178 ? 1_555 O3G ? C GTP .  ? A GTP 179 ? 1_555 110.7 ? 
3  OG1 ? A THR 38 ? A THR 38  ? 1_555 MG ? B MG . ? A MG 178 ? 1_555 O3G ? C GTP .  ? A GTP 179 ? 1_555 92.0  ? 
4  OG  ? A SER 20 ? A SER 20  ? 1_555 MG ? B MG . ? A MG 178 ? 1_555 O1B ? C GTP .  ? A GTP 179 ? 1_555 64.4  ? 
5  OG1 ? A THR 38 ? A THR 38  ? 1_555 MG ? B MG . ? A MG 178 ? 1_555 O1B ? C GTP .  ? A GTP 179 ? 1_555 123.5 ? 
6  O3G ? C GTP .  ? A GTP 179 ? 1_555 MG ? B MG . ? A MG 178 ? 1_555 O1B ? C GTP .  ? A GTP 179 ? 1_555 76.9  ? 
7  OG  ? A SER 20 ? A SER 20  ? 1_555 MG ? B MG . ? A MG 178 ? 1_555 O3B ? C GTP .  ? A GTP 179 ? 1_555 115.9 ? 
8  OG1 ? A THR 38 ? A THR 38  ? 1_555 MG ? B MG . ? A MG 178 ? 1_555 O3B ? C GTP .  ? A GTP 179 ? 1_555 146.6 ? 
9  O3G ? C GTP .  ? A GTP 179 ? 1_555 MG ? B MG . ? A MG 178 ? 1_555 O3B ? C GTP .  ? A GTP 179 ? 1_555 54.8  ? 
10 O1B ? C GTP .  ? A GTP 179 ? 1_555 MG ? B MG . ? A MG 178 ? 1_555 O3B ? C GTP .  ? A GTP 179 ? 1_555 51.6  ? 
11 OG  ? A SER 20 ? A SER 20  ? 1_555 MG ? B MG . ? A MG 178 ? 1_555 O   ? D HOH .  ? A HOH 180 ? 1_555 53.2  ? 
12 OG1 ? A THR 38 ? A THR 38  ? 1_555 MG ? B MG . ? A MG 178 ? 1_555 O   ? D HOH .  ? A HOH 180 ? 1_555 66.6  ? 
13 O3G ? C GTP .  ? A GTP 179 ? 1_555 MG ? B MG . ? A MG 178 ? 1_555 O   ? D HOH .  ? A HOH 180 ? 1_555 58.0  ? 
14 O1B ? C GTP .  ? A GTP 179 ? 1_555 MG ? B MG . ? A MG 178 ? 1_555 O   ? D HOH .  ? A HOH 180 ? 1_555 60.6  ? 
15 O3B ? C GTP .  ? A GTP 179 ? 1_555 MG ? B MG . ? A MG 178 ? 1_555 O   ? D HOH .  ? A HOH 180 ? 1_555 89.5  ? 
# 
loop_
_pdbx_audit_revision_history.ordinal 
_pdbx_audit_revision_history.data_content_type 
_pdbx_audit_revision_history.major_revision 
_pdbx_audit_revision_history.minor_revision 
_pdbx_audit_revision_history.revision_date 
1 'Structure model' 1 0 2005-03-08 
2 'Structure model' 1 1 2008-04-30 
3 'Structure model' 1 2 2011-07-13 
4 'Structure model' 1 3 2017-10-11 
5 'Structure model' 1 4 2023-10-25 
# 
_pdbx_audit_revision_details.ordinal             1 
_pdbx_audit_revision_details.revision_ordinal    1 
_pdbx_audit_revision_details.data_content_type   'Structure model' 
_pdbx_audit_revision_details.provider            repository 
_pdbx_audit_revision_details.type                'Initial release' 
_pdbx_audit_revision_details.description         ? 
_pdbx_audit_revision_details.details             ? 
# 
loop_
_pdbx_audit_revision_group.ordinal 
_pdbx_audit_revision_group.revision_ordinal 
_pdbx_audit_revision_group.data_content_type 
_pdbx_audit_revision_group.group 
1 2 'Structure model' 'Version format compliance' 
2 3 'Structure model' 'Version format compliance' 
3 4 'Structure model' 'Refinement description'    
4 5 'Structure model' 'Data collection'           
5 5 'Structure model' 'Database references'       
6 5 'Structure model' 'Derived calculations'      
7 5 'Structure model' 'Refinement description'    
# 
loop_
_pdbx_audit_revision_category.ordinal 
_pdbx_audit_revision_category.revision_ordinal 
_pdbx_audit_revision_category.data_content_type 
_pdbx_audit_revision_category.category 
1 4 'Structure model' software                      
2 5 'Structure model' chem_comp_atom                
3 5 'Structure model' chem_comp_bond                
4 5 'Structure model' database_2                    
5 5 'Structure model' pdbx_initial_refinement_model 
6 5 'Structure model' pdbx_struct_conn_angle        
7 5 'Structure model' struct_conn                   
8 5 'Structure model' struct_ref_seq_dif            
9 5 'Structure model' struct_site                   
# 
loop_
_pdbx_audit_revision_item.ordinal 
_pdbx_audit_revision_item.revision_ordinal 
_pdbx_audit_revision_item.data_content_type 
_pdbx_audit_revision_item.item 
1  5 'Structure model' '_database_2.pdbx_DOI'                        
2  5 'Structure model' '_database_2.pdbx_database_accession'         
3  5 'Structure model' '_pdbx_struct_conn_angle.ptnr1_auth_comp_id'  
4  5 'Structure model' '_pdbx_struct_conn_angle.ptnr1_auth_seq_id'   
5  5 'Structure model' '_pdbx_struct_conn_angle.ptnr1_label_asym_id' 
6  5 'Structure model' '_pdbx_struct_conn_angle.ptnr1_label_atom_id' 
7  5 'Structure model' '_pdbx_struct_conn_angle.ptnr1_label_comp_id' 
8  5 'Structure model' '_pdbx_struct_conn_angle.ptnr1_label_seq_id'  
9  5 'Structure model' '_pdbx_struct_conn_angle.ptnr3_auth_comp_id'  
10 5 'Structure model' '_pdbx_struct_conn_angle.ptnr3_auth_seq_id'   
11 5 'Structure model' '_pdbx_struct_conn_angle.ptnr3_label_asym_id' 
12 5 'Structure model' '_pdbx_struct_conn_angle.ptnr3_label_atom_id' 
13 5 'Structure model' '_pdbx_struct_conn_angle.ptnr3_label_comp_id' 
14 5 'Structure model' '_pdbx_struct_conn_angle.ptnr3_label_seq_id'  
15 5 'Structure model' '_pdbx_struct_conn_angle.value'               
16 5 'Structure model' '_struct_conn.pdbx_dist_value'                
17 5 'Structure model' '_struct_conn.ptnr1_auth_comp_id'             
18 5 'Structure model' '_struct_conn.ptnr1_auth_seq_id'              
19 5 'Structure model' '_struct_conn.ptnr1_label_asym_id'            
20 5 'Structure model' '_struct_conn.ptnr1_label_atom_id'            
21 5 'Structure model' '_struct_conn.ptnr1_label_comp_id'            
22 5 'Structure model' '_struct_conn.ptnr1_label_seq_id'             
23 5 'Structure model' '_struct_conn.ptnr2_auth_comp_id'             
24 5 'Structure model' '_struct_conn.ptnr2_auth_seq_id'              
25 5 'Structure model' '_struct_conn.ptnr2_label_asym_id'            
26 5 'Structure model' '_struct_conn.ptnr2_label_atom_id'            
27 5 'Structure model' '_struct_conn.ptnr2_label_comp_id'            
28 5 'Structure model' '_struct_conn.ptnr2_label_seq_id'             
29 5 'Structure model' '_struct_ref_seq_dif.details'                 
30 5 'Structure model' '_struct_site.pdbx_auth_asym_id'              
31 5 'Structure model' '_struct_site.pdbx_auth_comp_id'              
32 5 'Structure model' '_struct_site.pdbx_auth_seq_id'               
# 
loop_
_software.name 
_software.classification 
_software.version 
_software.citation_id 
_software.pdbx_ordinal 
CNS  refinement     1.1          ? 1 
CCP4 'data scaling' '(TRUNCATE)' ? 2 
CNS  phasing        .            ? 3 
# 
_pdbx_validate_symm_contact.id                1 
_pdbx_validate_symm_contact.PDB_model_num     1 
_pdbx_validate_symm_contact.auth_atom_id_1    OE1 
_pdbx_validate_symm_contact.auth_asym_id_1    A 
_pdbx_validate_symm_contact.auth_comp_id_1    GLN 
_pdbx_validate_symm_contact.auth_seq_id_1     30 
_pdbx_validate_symm_contact.PDB_ins_code_1    ? 
_pdbx_validate_symm_contact.label_alt_id_1    ? 
_pdbx_validate_symm_contact.site_symmetry_1   1_555 
_pdbx_validate_symm_contact.auth_atom_id_2    OE1 
_pdbx_validate_symm_contact.auth_asym_id_2    A 
_pdbx_validate_symm_contact.auth_comp_id_2    GLN 
_pdbx_validate_symm_contact.auth_seq_id_2     30 
_pdbx_validate_symm_contact.PDB_ins_code_2    ? 
_pdbx_validate_symm_contact.label_alt_id_2    ? 
_pdbx_validate_symm_contact.site_symmetry_2   4_572 
_pdbx_validate_symm_contact.dist              1.71 
# 
loop_
_pdbx_validate_torsion.id 
_pdbx_validate_torsion.PDB_model_num 
_pdbx_validate_torsion.auth_comp_id 
_pdbx_validate_torsion.auth_asym_id 
_pdbx_validate_torsion.auth_seq_id 
_pdbx_validate_torsion.PDB_ins_code 
_pdbx_validate_torsion.label_alt_id 
_pdbx_validate_torsion.phi 
_pdbx_validate_torsion.psi 
1 1 GLU A 40  ? ? 167.25 113.21 
2 1 LEU A 123 ? ? -68.22 69.65  
# 
loop_
_pdbx_unobs_or_zero_occ_residues.id 
_pdbx_unobs_or_zero_occ_residues.PDB_model_num 
_pdbx_unobs_or_zero_occ_residues.polymer_flag 
_pdbx_unobs_or_zero_occ_residues.occupancy_flag 
_pdbx_unobs_or_zero_occ_residues.auth_asym_id 
_pdbx_unobs_or_zero_occ_residues.auth_comp_id 
_pdbx_unobs_or_zero_occ_residues.auth_seq_id 
_pdbx_unobs_or_zero_occ_residues.PDB_ins_code 
_pdbx_unobs_or_zero_occ_residues.label_asym_id 
_pdbx_unobs_or_zero_occ_residues.label_comp_id 
_pdbx_unobs_or_zero_occ_residues.label_seq_id 
1 1 Y 1 A MET 1   ? A MET 1   
2 1 Y 1 A HIS 173 ? A HIS 173 
3 1 Y 1 A HIS 174 ? A HIS 174 
4 1 Y 1 A HIS 175 ? A HIS 175 
5 1 Y 1 A HIS 176 ? A HIS 176 
6 1 Y 1 A HIS 177 ? A HIS 177 
# 
loop_
_chem_comp_atom.comp_id 
_chem_comp_atom.atom_id 
_chem_comp_atom.type_symbol 
_chem_comp_atom.pdbx_aromatic_flag 
_chem_comp_atom.pdbx_stereo_config 
_chem_comp_atom.pdbx_ordinal 
ALA N      N  N N 1   
ALA CA     C  N S 2   
ALA C      C  N N 3   
ALA O      O  N N 4   
ALA CB     C  N N 5   
ALA OXT    O  N N 6   
ALA H      H  N N 7   
ALA H2     H  N N 8   
ALA HA     H  N N 9   
ALA HB1    H  N N 10  
ALA HB2    H  N N 11  
ALA HB3    H  N N 12  
ALA HXT    H  N N 13  
ARG N      N  N N 14  
ARG CA     C  N S 15  
ARG C      C  N N 16  
ARG O      O  N N 17  
ARG CB     C  N N 18  
ARG CG     C  N N 19  
ARG CD     C  N N 20  
ARG NE     N  N N 21  
ARG CZ     C  N N 22  
ARG NH1    N  N N 23  
ARG NH2    N  N N 24  
ARG OXT    O  N N 25  
ARG H      H  N N 26  
ARG H2     H  N N 27  
ARG HA     H  N N 28  
ARG HB2    H  N N 29  
ARG HB3    H  N N 30  
ARG HG2    H  N N 31  
ARG HG3    H  N N 32  
ARG HD2    H  N N 33  
ARG HD3    H  N N 34  
ARG HE     H  N N 35  
ARG HH11   H  N N 36  
ARG HH12   H  N N 37  
ARG HH21   H  N N 38  
ARG HH22   H  N N 39  
ARG HXT    H  N N 40  
ASN N      N  N N 41  
ASN CA     C  N S 42  
ASN C      C  N N 43  
ASN O      O  N N 44  
ASN CB     C  N N 45  
ASN CG     C  N N 46  
ASN OD1    O  N N 47  
ASN ND2    N  N N 48  
ASN OXT    O  N N 49  
ASN H      H  N N 50  
ASN H2     H  N N 51  
ASN HA     H  N N 52  
ASN HB2    H  N N 53  
ASN HB3    H  N N 54  
ASN HD21   H  N N 55  
ASN HD22   H  N N 56  
ASN HXT    H  N N 57  
ASP N      N  N N 58  
ASP CA     C  N S 59  
ASP C      C  N N 60  
ASP O      O  N N 61  
ASP CB     C  N N 62  
ASP CG     C  N N 63  
ASP OD1    O  N N 64  
ASP OD2    O  N N 65  
ASP OXT    O  N N 66  
ASP H      H  N N 67  
ASP H2     H  N N 68  
ASP HA     H  N N 69  
ASP HB2    H  N N 70  
ASP HB3    H  N N 71  
ASP HD2    H  N N 72  
ASP HXT    H  N N 73  
GLN N      N  N N 74  
GLN CA     C  N S 75  
GLN C      C  N N 76  
GLN O      O  N N 77  
GLN CB     C  N N 78  
GLN CG     C  N N 79  
GLN CD     C  N N 80  
GLN OE1    O  N N 81  
GLN NE2    N  N N 82  
GLN OXT    O  N N 83  
GLN H      H  N N 84  
GLN H2     H  N N 85  
GLN HA     H  N N 86  
GLN HB2    H  N N 87  
GLN HB3    H  N N 88  
GLN HG2    H  N N 89  
GLN HG3    H  N N 90  
GLN HE21   H  N N 91  
GLN HE22   H  N N 92  
GLN HXT    H  N N 93  
GLU N      N  N N 94  
GLU CA     C  N S 95  
GLU C      C  N N 96  
GLU O      O  N N 97  
GLU CB     C  N N 98  
GLU CG     C  N N 99  
GLU CD     C  N N 100 
GLU OE1    O  N N 101 
GLU OE2    O  N N 102 
GLU OXT    O  N N 103 
GLU H      H  N N 104 
GLU H2     H  N N 105 
GLU HA     H  N N 106 
GLU HB2    H  N N 107 
GLU HB3    H  N N 108 
GLU HG2    H  N N 109 
GLU HG3    H  N N 110 
GLU HE2    H  N N 111 
GLU HXT    H  N N 112 
GLY N      N  N N 113 
GLY CA     C  N N 114 
GLY C      C  N N 115 
GLY O      O  N N 116 
GLY OXT    O  N N 117 
GLY H      H  N N 118 
GLY H2     H  N N 119 
GLY HA2    H  N N 120 
GLY HA3    H  N N 121 
GLY HXT    H  N N 122 
GTP PG     P  N N 123 
GTP O1G    O  N N 124 
GTP O2G    O  N N 125 
GTP O3G    O  N N 126 
GTP O3B    O  N N 127 
GTP PB     P  N N 128 
GTP O1B    O  N N 129 
GTP O2B    O  N N 130 
GTP O3A    O  N N 131 
GTP PA     P  N N 132 
GTP O1A    O  N N 133 
GTP O2A    O  N N 134 
GTP "O5'"  O  N N 135 
GTP "C5'"  C  N N 136 
GTP "C4'"  C  N R 137 
GTP "O4'"  O  N N 138 
GTP "C3'"  C  N S 139 
GTP "O3'"  O  N N 140 
GTP "C2'"  C  N R 141 
GTP "O2'"  O  N N 142 
GTP "C1'"  C  N R 143 
GTP N9     N  Y N 144 
GTP C8     C  Y N 145 
GTP N7     N  Y N 146 
GTP C5     C  Y N 147 
GTP C6     C  N N 148 
GTP O6     O  N N 149 
GTP N1     N  N N 150 
GTP C2     C  N N 151 
GTP N2     N  N N 152 
GTP N3     N  N N 153 
GTP C4     C  Y N 154 
GTP HOG2   H  N N 155 
GTP HOG3   H  N N 156 
GTP HOB2   H  N N 157 
GTP HOA2   H  N N 158 
GTP "H5'"  H  N N 159 
GTP "H5''" H  N N 160 
GTP "H4'"  H  N N 161 
GTP "H3'"  H  N N 162 
GTP "HO3'" H  N N 163 
GTP "H2'"  H  N N 164 
GTP "HO2'" H  N N 165 
GTP "H1'"  H  N N 166 
GTP H8     H  N N 167 
GTP HN1    H  N N 168 
GTP HN21   H  N N 169 
GTP HN22   H  N N 170 
HIS N      N  N N 171 
HIS CA     C  N S 172 
HIS C      C  N N 173 
HIS O      O  N N 174 
HIS CB     C  N N 175 
HIS CG     C  Y N 176 
HIS ND1    N  Y N 177 
HIS CD2    C  Y N 178 
HIS CE1    C  Y N 179 
HIS NE2    N  Y N 180 
HIS OXT    O  N N 181 
HIS H      H  N N 182 
HIS H2     H  N N 183 
HIS HA     H  N N 184 
HIS HB2    H  N N 185 
HIS HB3    H  N N 186 
HIS HD1    H  N N 187 
HIS HD2    H  N N 188 
HIS HE1    H  N N 189 
HIS HE2    H  N N 190 
HIS HXT    H  N N 191 
HOH O      O  N N 192 
HOH H1     H  N N 193 
HOH H2     H  N N 194 
ILE N      N  N N 195 
ILE CA     C  N S 196 
ILE C      C  N N 197 
ILE O      O  N N 198 
ILE CB     C  N S 199 
ILE CG1    C  N N 200 
ILE CG2    C  N N 201 
ILE CD1    C  N N 202 
ILE OXT    O  N N 203 
ILE H      H  N N 204 
ILE H2     H  N N 205 
ILE HA     H  N N 206 
ILE HB     H  N N 207 
ILE HG12   H  N N 208 
ILE HG13   H  N N 209 
ILE HG21   H  N N 210 
ILE HG22   H  N N 211 
ILE HG23   H  N N 212 
ILE HD11   H  N N 213 
ILE HD12   H  N N 214 
ILE HD13   H  N N 215 
ILE HXT    H  N N 216 
LEU N      N  N N 217 
LEU CA     C  N S 218 
LEU C      C  N N 219 
LEU O      O  N N 220 
LEU CB     C  N N 221 
LEU CG     C  N N 222 
LEU CD1    C  N N 223 
LEU CD2    C  N N 224 
LEU OXT    O  N N 225 
LEU H      H  N N 226 
LEU H2     H  N N 227 
LEU HA     H  N N 228 
LEU HB2    H  N N 229 
LEU HB3    H  N N 230 
LEU HG     H  N N 231 
LEU HD11   H  N N 232 
LEU HD12   H  N N 233 
LEU HD13   H  N N 234 
LEU HD21   H  N N 235 
LEU HD22   H  N N 236 
LEU HD23   H  N N 237 
LEU HXT    H  N N 238 
LYS N      N  N N 239 
LYS CA     C  N S 240 
LYS C      C  N N 241 
LYS O      O  N N 242 
LYS CB     C  N N 243 
LYS CG     C  N N 244 
LYS CD     C  N N 245 
LYS CE     C  N N 246 
LYS NZ     N  N N 247 
LYS OXT    O  N N 248 
LYS H      H  N N 249 
LYS H2     H  N N 250 
LYS HA     H  N N 251 
LYS HB2    H  N N 252 
LYS HB3    H  N N 253 
LYS HG2    H  N N 254 
LYS HG3    H  N N 255 
LYS HD2    H  N N 256 
LYS HD3    H  N N 257 
LYS HE2    H  N N 258 
LYS HE3    H  N N 259 
LYS HZ1    H  N N 260 
LYS HZ2    H  N N 261 
LYS HZ3    H  N N 262 
LYS HXT    H  N N 263 
MET N      N  N N 264 
MET CA     C  N S 265 
MET C      C  N N 266 
MET O      O  N N 267 
MET CB     C  N N 268 
MET CG     C  N N 269 
MET SD     S  N N 270 
MET CE     C  N N 271 
MET OXT    O  N N 272 
MET H      H  N N 273 
MET H2     H  N N 274 
MET HA     H  N N 275 
MET HB2    H  N N 276 
MET HB3    H  N N 277 
MET HG2    H  N N 278 
MET HG3    H  N N 279 
MET HE1    H  N N 280 
MET HE2    H  N N 281 
MET HE3    H  N N 282 
MET HXT    H  N N 283 
MG  MG     MG N N 284 
PHE N      N  N N 285 
PHE CA     C  N S 286 
PHE C      C  N N 287 
PHE O      O  N N 288 
PHE CB     C  N N 289 
PHE CG     C  Y N 290 
PHE CD1    C  Y N 291 
PHE CD2    C  Y N 292 
PHE CE1    C  Y N 293 
PHE CE2    C  Y N 294 
PHE CZ     C  Y N 295 
PHE OXT    O  N N 296 
PHE H      H  N N 297 
PHE H2     H  N N 298 
PHE HA     H  N N 299 
PHE HB2    H  N N 300 
PHE HB3    H  N N 301 
PHE HD1    H  N N 302 
PHE HD2    H  N N 303 
PHE HE1    H  N N 304 
PHE HE2    H  N N 305 
PHE HZ     H  N N 306 
PHE HXT    H  N N 307 
PRO N      N  N N 308 
PRO CA     C  N S 309 
PRO C      C  N N 310 
PRO O      O  N N 311 
PRO CB     C  N N 312 
PRO CG     C  N N 313 
PRO CD     C  N N 314 
PRO OXT    O  N N 315 
PRO H      H  N N 316 
PRO HA     H  N N 317 
PRO HB2    H  N N 318 
PRO HB3    H  N N 319 
PRO HG2    H  N N 320 
PRO HG3    H  N N 321 
PRO HD2    H  N N 322 
PRO HD3    H  N N 323 
PRO HXT    H  N N 324 
SER N      N  N N 325 
SER CA     C  N S 326 
SER C      C  N N 327 
SER O      O  N N 328 
SER CB     C  N N 329 
SER OG     O  N N 330 
SER OXT    O  N N 331 
SER H      H  N N 332 
SER H2     H  N N 333 
SER HA     H  N N 334 
SER HB2    H  N N 335 
SER HB3    H  N N 336 
SER HG     H  N N 337 
SER HXT    H  N N 338 
THR N      N  N N 339 
THR CA     C  N S 340 
THR C      C  N N 341 
THR O      O  N N 342 
THR CB     C  N R 343 
THR OG1    O  N N 344 
THR CG2    C  N N 345 
THR OXT    O  N N 346 
THR H      H  N N 347 
THR H2     H  N N 348 
THR HA     H  N N 349 
THR HB     H  N N 350 
THR HG1    H  N N 351 
THR HG21   H  N N 352 
THR HG22   H  N N 353 
THR HG23   H  N N 354 
THR HXT    H  N N 355 
TRP N      N  N N 356 
TRP CA     C  N S 357 
TRP C      C  N N 358 
TRP O      O  N N 359 
TRP CB     C  N N 360 
TRP CG     C  Y N 361 
TRP CD1    C  Y N 362 
TRP CD2    C  Y N 363 
TRP NE1    N  Y N 364 
TRP CE2    C  Y N 365 
TRP CE3    C  Y N 366 
TRP CZ2    C  Y N 367 
TRP CZ3    C  Y N 368 
TRP CH2    C  Y N 369 
TRP OXT    O  N N 370 
TRP H      H  N N 371 
TRP H2     H  N N 372 
TRP HA     H  N N 373 
TRP HB2    H  N N 374 
TRP HB3    H  N N 375 
TRP HD1    H  N N 376 
TRP HE1    H  N N 377 
TRP HE3    H  N N 378 
TRP HZ2    H  N N 379 
TRP HZ3    H  N N 380 
TRP HH2    H  N N 381 
TRP HXT    H  N N 382 
TYR N      N  N N 383 
TYR CA     C  N S 384 
TYR C      C  N N 385 
TYR O      O  N N 386 
TYR CB     C  N N 387 
TYR CG     C  Y N 388 
TYR CD1    C  Y N 389 
TYR CD2    C  Y N 390 
TYR CE1    C  Y N 391 
TYR CE2    C  Y N 392 
TYR CZ     C  Y N 393 
TYR OH     O  N N 394 
TYR OXT    O  N N 395 
TYR H      H  N N 396 
TYR H2     H  N N 397 
TYR HA     H  N N 398 
TYR HB2    H  N N 399 
TYR HB3    H  N N 400 
TYR HD1    H  N N 401 
TYR HD2    H  N N 402 
TYR HE1    H  N N 403 
TYR HE2    H  N N 404 
TYR HH     H  N N 405 
TYR HXT    H  N N 406 
VAL N      N  N N 407 
VAL CA     C  N S 408 
VAL C      C  N N 409 
VAL O      O  N N 410 
VAL CB     C  N N 411 
VAL CG1    C  N N 412 
VAL CG2    C  N N 413 
VAL OXT    O  N N 414 
VAL H      H  N N 415 
VAL H2     H  N N 416 
VAL HA     H  N N 417 
VAL HB     H  N N 418 
VAL HG11   H  N N 419 
VAL HG12   H  N N 420 
VAL HG13   H  N N 421 
VAL HG21   H  N N 422 
VAL HG22   H  N N 423 
VAL HG23   H  N N 424 
VAL HXT    H  N N 425 
# 
loop_
_chem_comp_bond.comp_id 
_chem_comp_bond.atom_id_1 
_chem_comp_bond.atom_id_2 
_chem_comp_bond.value_order 
_chem_comp_bond.pdbx_aromatic_flag 
_chem_comp_bond.pdbx_stereo_config 
_chem_comp_bond.pdbx_ordinal 
ALA N     CA     sing N N 1   
ALA N     H      sing N N 2   
ALA N     H2     sing N N 3   
ALA CA    C      sing N N 4   
ALA CA    CB     sing N N 5   
ALA CA    HA     sing N N 6   
ALA C     O      doub N N 7   
ALA C     OXT    sing N N 8   
ALA CB    HB1    sing N N 9   
ALA CB    HB2    sing N N 10  
ALA CB    HB3    sing N N 11  
ALA OXT   HXT    sing N N 12  
ARG N     CA     sing N N 13  
ARG N     H      sing N N 14  
ARG N     H2     sing N N 15  
ARG CA    C      sing N N 16  
ARG CA    CB     sing N N 17  
ARG CA    HA     sing N N 18  
ARG C     O      doub N N 19  
ARG C     OXT    sing N N 20  
ARG CB    CG     sing N N 21  
ARG CB    HB2    sing N N 22  
ARG CB    HB3    sing N N 23  
ARG CG    CD     sing N N 24  
ARG CG    HG2    sing N N 25  
ARG CG    HG3    sing N N 26  
ARG CD    NE     sing N N 27  
ARG CD    HD2    sing N N 28  
ARG CD    HD3    sing N N 29  
ARG NE    CZ     sing N N 30  
ARG NE    HE     sing N N 31  
ARG CZ    NH1    sing N N 32  
ARG CZ    NH2    doub N N 33  
ARG NH1   HH11   sing N N 34  
ARG NH1   HH12   sing N N 35  
ARG NH2   HH21   sing N N 36  
ARG NH2   HH22   sing N N 37  
ARG OXT   HXT    sing N N 38  
ASN N     CA     sing N N 39  
ASN N     H      sing N N 40  
ASN N     H2     sing N N 41  
ASN CA    C      sing N N 42  
ASN CA    CB     sing N N 43  
ASN CA    HA     sing N N 44  
ASN C     O      doub N N 45  
ASN C     OXT    sing N N 46  
ASN CB    CG     sing N N 47  
ASN CB    HB2    sing N N 48  
ASN CB    HB3    sing N N 49  
ASN CG    OD1    doub N N 50  
ASN CG    ND2    sing N N 51  
ASN ND2   HD21   sing N N 52  
ASN ND2   HD22   sing N N 53  
ASN OXT   HXT    sing N N 54  
ASP N     CA     sing N N 55  
ASP N     H      sing N N 56  
ASP N     H2     sing N N 57  
ASP CA    C      sing N N 58  
ASP CA    CB     sing N N 59  
ASP CA    HA     sing N N 60  
ASP C     O      doub N N 61  
ASP C     OXT    sing N N 62  
ASP CB    CG     sing N N 63  
ASP CB    HB2    sing N N 64  
ASP CB    HB3    sing N N 65  
ASP CG    OD1    doub N N 66  
ASP CG    OD2    sing N N 67  
ASP OD2   HD2    sing N N 68  
ASP OXT   HXT    sing N N 69  
GLN N     CA     sing N N 70  
GLN N     H      sing N N 71  
GLN N     H2     sing N N 72  
GLN CA    C      sing N N 73  
GLN CA    CB     sing N N 74  
GLN CA    HA     sing N N 75  
GLN C     O      doub N N 76  
GLN C     OXT    sing N N 77  
GLN CB    CG     sing N N 78  
GLN CB    HB2    sing N N 79  
GLN CB    HB3    sing N N 80  
GLN CG    CD     sing N N 81  
GLN CG    HG2    sing N N 82  
GLN CG    HG3    sing N N 83  
GLN CD    OE1    doub N N 84  
GLN CD    NE2    sing N N 85  
GLN NE2   HE21   sing N N 86  
GLN NE2   HE22   sing N N 87  
GLN OXT   HXT    sing N N 88  
GLU N     CA     sing N N 89  
GLU N     H      sing N N 90  
GLU N     H2     sing N N 91  
GLU CA    C      sing N N 92  
GLU CA    CB     sing N N 93  
GLU CA    HA     sing N N 94  
GLU C     O      doub N N 95  
GLU C     OXT    sing N N 96  
GLU CB    CG     sing N N 97  
GLU CB    HB2    sing N N 98  
GLU CB    HB3    sing N N 99  
GLU CG    CD     sing N N 100 
GLU CG    HG2    sing N N 101 
GLU CG    HG3    sing N N 102 
GLU CD    OE1    doub N N 103 
GLU CD    OE2    sing N N 104 
GLU OE2   HE2    sing N N 105 
GLU OXT   HXT    sing N N 106 
GLY N     CA     sing N N 107 
GLY N     H      sing N N 108 
GLY N     H2     sing N N 109 
GLY CA    C      sing N N 110 
GLY CA    HA2    sing N N 111 
GLY CA    HA3    sing N N 112 
GLY C     O      doub N N 113 
GLY C     OXT    sing N N 114 
GLY OXT   HXT    sing N N 115 
GTP PG    O1G    doub N N 116 
GTP PG    O2G    sing N N 117 
GTP PG    O3G    sing N N 118 
GTP PG    O3B    sing N N 119 
GTP O2G   HOG2   sing N N 120 
GTP O3G   HOG3   sing N N 121 
GTP O3B   PB     sing N N 122 
GTP PB    O1B    doub N N 123 
GTP PB    O2B    sing N N 124 
GTP PB    O3A    sing N N 125 
GTP O2B   HOB2   sing N N 126 
GTP O3A   PA     sing N N 127 
GTP PA    O1A    doub N N 128 
GTP PA    O2A    sing N N 129 
GTP PA    "O5'"  sing N N 130 
GTP O2A   HOA2   sing N N 131 
GTP "O5'" "C5'"  sing N N 132 
GTP "C5'" "C4'"  sing N N 133 
GTP "C5'" "H5'"  sing N N 134 
GTP "C5'" "H5''" sing N N 135 
GTP "C4'" "O4'"  sing N N 136 
GTP "C4'" "C3'"  sing N N 137 
GTP "C4'" "H4'"  sing N N 138 
GTP "O4'" "C1'"  sing N N 139 
GTP "C3'" "O3'"  sing N N 140 
GTP "C3'" "C2'"  sing N N 141 
GTP "C3'" "H3'"  sing N N 142 
GTP "O3'" "HO3'" sing N N 143 
GTP "C2'" "O2'"  sing N N 144 
GTP "C2'" "C1'"  sing N N 145 
GTP "C2'" "H2'"  sing N N 146 
GTP "O2'" "HO2'" sing N N 147 
GTP "C1'" N9     sing N N 148 
GTP "C1'" "H1'"  sing N N 149 
GTP N9    C8     sing Y N 150 
GTP N9    C4     sing Y N 151 
GTP C8    N7     doub Y N 152 
GTP C8    H8     sing N N 153 
GTP N7    C5     sing Y N 154 
GTP C5    C6     sing N N 155 
GTP C5    C4     doub Y N 156 
GTP C6    O6     doub N N 157 
GTP C6    N1     sing N N 158 
GTP N1    C2     sing N N 159 
GTP N1    HN1    sing N N 160 
GTP C2    N2     sing N N 161 
GTP C2    N3     doub N N 162 
GTP N2    HN21   sing N N 163 
GTP N2    HN22   sing N N 164 
GTP N3    C4     sing N N 165 
HIS N     CA     sing N N 166 
HIS N     H      sing N N 167 
HIS N     H2     sing N N 168 
HIS CA    C      sing N N 169 
HIS CA    CB     sing N N 170 
HIS CA    HA     sing N N 171 
HIS C     O      doub N N 172 
HIS C     OXT    sing N N 173 
HIS CB    CG     sing N N 174 
HIS CB    HB2    sing N N 175 
HIS CB    HB3    sing N N 176 
HIS CG    ND1    sing Y N 177 
HIS CG    CD2    doub Y N 178 
HIS ND1   CE1    doub Y N 179 
HIS ND1   HD1    sing N N 180 
HIS CD2   NE2    sing Y N 181 
HIS CD2   HD2    sing N N 182 
HIS CE1   NE2    sing Y N 183 
HIS CE1   HE1    sing N N 184 
HIS NE2   HE2    sing N N 185 
HIS OXT   HXT    sing N N 186 
HOH O     H1     sing N N 187 
HOH O     H2     sing N N 188 
ILE N     CA     sing N N 189 
ILE N     H      sing N N 190 
ILE N     H2     sing N N 191 
ILE CA    C      sing N N 192 
ILE CA    CB     sing N N 193 
ILE CA    HA     sing N N 194 
ILE C     O      doub N N 195 
ILE C     OXT    sing N N 196 
ILE CB    CG1    sing N N 197 
ILE CB    CG2    sing N N 198 
ILE CB    HB     sing N N 199 
ILE CG1   CD1    sing N N 200 
ILE CG1   HG12   sing N N 201 
ILE CG1   HG13   sing N N 202 
ILE CG2   HG21   sing N N 203 
ILE CG2   HG22   sing N N 204 
ILE CG2   HG23   sing N N 205 
ILE CD1   HD11   sing N N 206 
ILE CD1   HD12   sing N N 207 
ILE CD1   HD13   sing N N 208 
ILE OXT   HXT    sing N N 209 
LEU N     CA     sing N N 210 
LEU N     H      sing N N 211 
LEU N     H2     sing N N 212 
LEU CA    C      sing N N 213 
LEU CA    CB     sing N N 214 
LEU CA    HA     sing N N 215 
LEU C     O      doub N N 216 
LEU C     OXT    sing N N 217 
LEU CB    CG     sing N N 218 
LEU CB    HB2    sing N N 219 
LEU CB    HB3    sing N N 220 
LEU CG    CD1    sing N N 221 
LEU CG    CD2    sing N N 222 
LEU CG    HG     sing N N 223 
LEU CD1   HD11   sing N N 224 
LEU CD1   HD12   sing N N 225 
LEU CD1   HD13   sing N N 226 
LEU CD2   HD21   sing N N 227 
LEU CD2   HD22   sing N N 228 
LEU CD2   HD23   sing N N 229 
LEU OXT   HXT    sing N N 230 
LYS N     CA     sing N N 231 
LYS N     H      sing N N 232 
LYS N     H2     sing N N 233 
LYS CA    C      sing N N 234 
LYS CA    CB     sing N N 235 
LYS CA    HA     sing N N 236 
LYS C     O      doub N N 237 
LYS C     OXT    sing N N 238 
LYS CB    CG     sing N N 239 
LYS CB    HB2    sing N N 240 
LYS CB    HB3    sing N N 241 
LYS CG    CD     sing N N 242 
LYS CG    HG2    sing N N 243 
LYS CG    HG3    sing N N 244 
LYS CD    CE     sing N N 245 
LYS CD    HD2    sing N N 246 
LYS CD    HD3    sing N N 247 
LYS CE    NZ     sing N N 248 
LYS CE    HE2    sing N N 249 
LYS CE    HE3    sing N N 250 
LYS NZ    HZ1    sing N N 251 
LYS NZ    HZ2    sing N N 252 
LYS NZ    HZ3    sing N N 253 
LYS OXT   HXT    sing N N 254 
MET N     CA     sing N N 255 
MET N     H      sing N N 256 
MET N     H2     sing N N 257 
MET CA    C      sing N N 258 
MET CA    CB     sing N N 259 
MET CA    HA     sing N N 260 
MET C     O      doub N N 261 
MET C     OXT    sing N N 262 
MET CB    CG     sing N N 263 
MET CB    HB2    sing N N 264 
MET CB    HB3    sing N N 265 
MET CG    SD     sing N N 266 
MET CG    HG2    sing N N 267 
MET CG    HG3    sing N N 268 
MET SD    CE     sing N N 269 
MET CE    HE1    sing N N 270 
MET CE    HE2    sing N N 271 
MET CE    HE3    sing N N 272 
MET OXT   HXT    sing N N 273 
PHE N     CA     sing N N 274 
PHE N     H      sing N N 275 
PHE N     H2     sing N N 276 
PHE CA    C      sing N N 277 
PHE CA    CB     sing N N 278 
PHE CA    HA     sing N N 279 
PHE C     O      doub N N 280 
PHE C     OXT    sing N N 281 
PHE CB    CG     sing N N 282 
PHE CB    HB2    sing N N 283 
PHE CB    HB3    sing N N 284 
PHE CG    CD1    doub Y N 285 
PHE CG    CD2    sing Y N 286 
PHE CD1   CE1    sing Y N 287 
PHE CD1   HD1    sing N N 288 
PHE CD2   CE2    doub Y N 289 
PHE CD2   HD2    sing N N 290 
PHE CE1   CZ     doub Y N 291 
PHE CE1   HE1    sing N N 292 
PHE CE2   CZ     sing Y N 293 
PHE CE2   HE2    sing N N 294 
PHE CZ    HZ     sing N N 295 
PHE OXT   HXT    sing N N 296 
PRO N     CA     sing N N 297 
PRO N     CD     sing N N 298 
PRO N     H      sing N N 299 
PRO CA    C      sing N N 300 
PRO CA    CB     sing N N 301 
PRO CA    HA     sing N N 302 
PRO C     O      doub N N 303 
PRO C     OXT    sing N N 304 
PRO CB    CG     sing N N 305 
PRO CB    HB2    sing N N 306 
PRO CB    HB3    sing N N 307 
PRO CG    CD     sing N N 308 
PRO CG    HG2    sing N N 309 
PRO CG    HG3    sing N N 310 
PRO CD    HD2    sing N N 311 
PRO CD    HD3    sing N N 312 
PRO OXT   HXT    sing N N 313 
SER N     CA     sing N N 314 
SER N     H      sing N N 315 
SER N     H2     sing N N 316 
SER CA    C      sing N N 317 
SER CA    CB     sing N N 318 
SER CA    HA     sing N N 319 
SER C     O      doub N N 320 
SER C     OXT    sing N N 321 
SER CB    OG     sing N N 322 
SER CB    HB2    sing N N 323 
SER CB    HB3    sing N N 324 
SER OG    HG     sing N N 325 
SER OXT   HXT    sing N N 326 
THR N     CA     sing N N 327 
THR N     H      sing N N 328 
THR N     H2     sing N N 329 
THR CA    C      sing N N 330 
THR CA    CB     sing N N 331 
THR CA    HA     sing N N 332 
THR C     O      doub N N 333 
THR C     OXT    sing N N 334 
THR CB    OG1    sing N N 335 
THR CB    CG2    sing N N 336 
THR CB    HB     sing N N 337 
THR OG1   HG1    sing N N 338 
THR CG2   HG21   sing N N 339 
THR CG2   HG22   sing N N 340 
THR CG2   HG23   sing N N 341 
THR OXT   HXT    sing N N 342 
TRP N     CA     sing N N 343 
TRP N     H      sing N N 344 
TRP N     H2     sing N N 345 
TRP CA    C      sing N N 346 
TRP CA    CB     sing N N 347 
TRP CA    HA     sing N N 348 
TRP C     O      doub N N 349 
TRP C     OXT    sing N N 350 
TRP CB    CG     sing N N 351 
TRP CB    HB2    sing N N 352 
TRP CB    HB3    sing N N 353 
TRP CG    CD1    doub Y N 354 
TRP CG    CD2    sing Y N 355 
TRP CD1   NE1    sing Y N 356 
TRP CD1   HD1    sing N N 357 
TRP CD2   CE2    doub Y N 358 
TRP CD2   CE3    sing Y N 359 
TRP NE1   CE2    sing Y N 360 
TRP NE1   HE1    sing N N 361 
TRP CE2   CZ2    sing Y N 362 
TRP CE3   CZ3    doub Y N 363 
TRP CE3   HE3    sing N N 364 
TRP CZ2   CH2    doub Y N 365 
TRP CZ2   HZ2    sing N N 366 
TRP CZ3   CH2    sing Y N 367 
TRP CZ3   HZ3    sing N N 368 
TRP CH2   HH2    sing N N 369 
TRP OXT   HXT    sing N N 370 
TYR N     CA     sing N N 371 
TYR N     H      sing N N 372 
TYR N     H2     sing N N 373 
TYR CA    C      sing N N 374 
TYR CA    CB     sing N N 375 
TYR CA    HA     sing N N 376 
TYR C     O      doub N N 377 
TYR C     OXT    sing N N 378 
TYR CB    CG     sing N N 379 
TYR CB    HB2    sing N N 380 
TYR CB    HB3    sing N N 381 
TYR CG    CD1    doub Y N 382 
TYR CG    CD2    sing Y N 383 
TYR CD1   CE1    sing Y N 384 
TYR CD1   HD1    sing N N 385 
TYR CD2   CE2    doub Y N 386 
TYR CD2   HD2    sing N N 387 
TYR CE1   CZ     doub Y N 388 
TYR CE1   HE1    sing N N 389 
TYR CE2   CZ     sing Y N 390 
TYR CE2   HE2    sing N N 391 
TYR CZ    OH     sing N N 392 
TYR OH    HH     sing N N 393 
TYR OXT   HXT    sing N N 394 
VAL N     CA     sing N N 395 
VAL N     H      sing N N 396 
VAL N     H2     sing N N 397 
VAL CA    C      sing N N 398 
VAL CA    CB     sing N N 399 
VAL CA    HA     sing N N 400 
VAL C     O      doub N N 401 
VAL C     OXT    sing N N 402 
VAL CB    CG1    sing N N 403 
VAL CB    CG2    sing N N 404 
VAL CB    HB     sing N N 405 
VAL CG1   HG11   sing N N 406 
VAL CG1   HG12   sing N N 407 
VAL CG1   HG13   sing N N 408 
VAL CG2   HG21   sing N N 409 
VAL CG2   HG22   sing N N 410 
VAL CG2   HG23   sing N N 411 
VAL OXT   HXT    sing N N 412 
# 
loop_
_pdbx_entity_nonpoly.entity_id 
_pdbx_entity_nonpoly.name 
_pdbx_entity_nonpoly.comp_id 
2 'MAGNESIUM ION'             MG  
3 "GUANOSINE-5'-TRIPHOSPHATE" GTP 
4 water                       HOH 
# 
loop_
_pdbx_initial_refinement_model.id 
_pdbx_initial_refinement_model.entity_id_list 
_pdbx_initial_refinement_model.type 
_pdbx_initial_refinement_model.source_name 
_pdbx_initial_refinement_model.accession_code 
_pdbx_initial_refinement_model.details 
1 ? 'experimental model' PDB 1KAO 'PDB entries 1KAO, 1GUA' 
2 ? 'experimental model' PDB 1GUA 'PDB entries 1KAO, 1GUA' 
# 
